data_7VF0
#
_entry.id   7VF0
#
_cell.length_a   74.664
_cell.length_b   82.893
_cell.length_c   143.161
_cell.angle_alpha   90.000
_cell.angle_beta   103.340
_cell.angle_gamma   90.000
#
_symmetry.space_group_name_H-M   'P 1 21 1'
#
loop_
_entity.id
_entity.type
_entity.pdbx_description
1 polymer 'chalcone synthase'
2 non-polymer NARINGENIN
3 non-polymer 'COENZYME A'
4 water water
#
_entity_poly.entity_id   1
_entity_poly.type   'polypeptide(L)'
_entity_poly.pdbx_seq_one_letter_code
;MPVPNGATFPPCARKMERADGPATVLAIGTANPPNVFDQSTYPDFYFNITNSNHMTDLKTKFQRMCDKSGITKRYMYLNE
EILKANPNMCAYWEKSLDVRQDMVVVEVPKLGKEAATKAIKEWGQPKSKITHVVFCTTSGVDMPGADWALTKLLGLRPSV
KRLMMYQQGCFAGGTVMRVAKDLAENNKGARVLVVCSELTAVTFRGPSETHLDSLVGQALFGDGASAIIVGADPIPEVER
PWFEIHYVASNILPDSDGAIDGHLREVGLTFHLMKDVPGIISKNIGTVLKDAFEKVFGNEEGEVPSYNDVFWIAHPGGPA
ILDQVEQKLQLKTEKMAASRQVLSDYGNMSSACVLFIMDHLRKKSVEQKLATSGEGYEWGLLLGFGPGLTCETVVLRSVP
LATE
;
_entity_poly.pdbx_strand_id   A,B,C,D
#
# COMPACT_ATOMS: atom_id res chain seq x y z
N ALA A 7 45.28 -17.22 -13.61
CA ALA A 7 44.00 -17.36 -12.92
C ALA A 7 43.06 -18.30 -13.69
N THR A 8 43.49 -18.76 -14.86
CA THR A 8 42.65 -19.64 -15.69
C THR A 8 43.53 -20.64 -16.44
N PHE A 9 43.05 -21.88 -16.57
CA PHE A 9 43.69 -22.84 -17.44
C PHE A 9 43.68 -22.29 -18.87
N PRO A 10 44.51 -22.83 -19.76
CA PRO A 10 44.52 -22.31 -21.13
C PRO A 10 43.18 -22.55 -21.80
N PRO A 11 42.66 -21.57 -22.53
CA PRO A 11 41.29 -21.69 -23.05
C PRO A 11 41.21 -22.81 -24.08
N CYS A 12 40.01 -23.33 -24.22
CA CYS A 12 39.74 -24.31 -25.25
C CYS A 12 38.57 -23.81 -26.09
N ALA A 13 38.42 -24.39 -27.27
CA ALA A 13 37.29 -24.03 -28.10
C ALA A 13 35.99 -24.36 -27.35
N ARG A 14 34.97 -23.56 -27.64
CA ARG A 14 33.64 -23.74 -27.10
C ARG A 14 33.23 -25.21 -27.24
N LYS A 15 33.09 -25.91 -26.10
CA LYS A 15 32.83 -27.35 -26.16
C LYS A 15 31.45 -27.64 -26.69
N MET A 16 30.49 -26.75 -26.49
CA MET A 16 29.14 -26.86 -27.06
C MET A 16 29.02 -25.78 -28.13
N GLU A 17 29.24 -26.15 -29.40
CA GLU A 17 29.27 -25.15 -30.48
C GLU A 17 28.05 -24.24 -30.43
N ARG A 18 28.22 -23.02 -30.93
CA ARG A 18 27.18 -22.01 -31.02
C ARG A 18 26.82 -21.77 -32.48
N ALA A 19 25.71 -21.06 -32.68
CA ALA A 19 25.24 -20.73 -34.03
C ALA A 19 25.65 -19.31 -34.39
N ASP A 20 25.49 -18.95 -35.67
CA ASP A 20 25.99 -17.68 -36.19
C ASP A 20 24.90 -16.69 -36.58
N GLY A 21 23.80 -17.14 -37.16
CA GLY A 21 22.74 -16.24 -37.53
C GLY A 21 21.84 -15.93 -36.35
N PRO A 22 20.79 -15.16 -36.65
CA PRO A 22 19.82 -14.80 -35.62
C PRO A 22 18.82 -15.91 -35.35
N ALA A 23 18.30 -15.94 -34.12
CA ALA A 23 17.23 -16.87 -33.80
C ALA A 23 16.02 -16.56 -34.65
N THR A 24 15.38 -17.60 -35.18
CA THR A 24 14.36 -17.40 -36.20
C THR A 24 13.15 -18.26 -35.90
N VAL A 25 11.97 -17.65 -36.04
CA VAL A 25 10.71 -18.37 -35.89
C VAL A 25 10.48 -19.18 -37.16
N LEU A 26 10.37 -20.50 -37.01
CA LEU A 26 10.25 -21.39 -38.15
C LEU A 26 8.85 -21.97 -38.33
N ALA A 27 7.99 -21.86 -37.32
CA ALA A 27 6.63 -22.39 -37.35
C ALA A 27 5.86 -21.81 -36.17
N ILE A 28 4.54 -21.68 -36.34
CA ILE A 28 3.64 -21.23 -35.28
C ILE A 28 2.34 -22.02 -35.36
N GLY A 29 1.89 -22.53 -34.21
CA GLY A 29 0.59 -23.17 -34.13
C GLY A 29 -0.16 -22.71 -32.91
N THR A 30 -1.49 -22.70 -33.01
CA THR A 30 -2.33 -22.18 -31.92
C THR A 30 -3.52 -23.09 -31.71
N ALA A 31 -4.04 -23.07 -30.48
CA ALA A 31 -5.20 -23.90 -30.15
C ALA A 31 -6.04 -23.18 -29.13
N ASN A 32 -7.33 -23.53 -29.10
CA ASN A 32 -8.22 -22.99 -28.10
C ASN A 32 -9.19 -24.07 -27.63
N PRO A 33 -9.68 -23.96 -26.41
CA PRO A 33 -10.65 -24.94 -25.90
C PRO A 33 -11.97 -24.84 -26.63
N PRO A 34 -12.78 -25.90 -26.60
CA PRO A 34 -13.90 -25.99 -27.56
C PRO A 34 -15.09 -25.09 -27.25
N ASN A 35 -15.20 -24.48 -26.08
CA ASN A 35 -16.40 -23.74 -25.72
C ASN A 35 -16.25 -22.25 -26.04
N VAL A 36 -17.19 -21.70 -26.80
CA VAL A 36 -17.14 -20.32 -27.28
C VAL A 36 -18.17 -19.50 -26.52
N PHE A 37 -17.78 -18.27 -26.19
CA PHE A 37 -18.60 -17.38 -25.36
C PHE A 37 -18.76 -16.04 -26.06
N ASP A 38 -19.94 -15.77 -26.61
CA ASP A 38 -20.21 -14.45 -27.14
C ASP A 38 -20.04 -13.45 -26.03
N GLN A 39 -19.28 -12.39 -26.30
CA GLN A 39 -19.02 -11.43 -25.25
C GLN A 39 -20.23 -10.56 -24.98
N SER A 40 -21.06 -10.30 -25.99
CA SER A 40 -22.15 -9.36 -25.77
C SER A 40 -23.24 -9.95 -24.90
N THR A 41 -23.37 -11.27 -24.85
CA THR A 41 -24.30 -11.92 -23.94
C THR A 41 -23.62 -12.56 -22.74
N TYR A 42 -22.29 -12.53 -22.66
CA TYR A 42 -21.59 -13.12 -21.52
C TYR A 42 -22.07 -12.63 -20.15
N PRO A 43 -22.37 -11.35 -19.94
CA PRO A 43 -22.85 -10.95 -18.60
C PRO A 43 -24.07 -11.74 -18.14
N ASP A 44 -25.03 -11.99 -19.03
CA ASP A 44 -26.17 -12.85 -18.70
C ASP A 44 -25.70 -14.21 -18.21
N PHE A 45 -24.84 -14.87 -18.99
CA PHE A 45 -24.34 -16.17 -18.59
C PHE A 45 -23.60 -16.11 -17.27
N TYR A 46 -22.74 -15.11 -17.11
CA TYR A 46 -21.88 -15.04 -15.95
C TYR A 46 -22.68 -14.87 -14.67
N PHE A 47 -23.67 -13.98 -14.68
CA PHE A 47 -24.48 -13.81 -13.49
C PHE A 47 -25.47 -14.96 -13.31
N ASN A 48 -25.80 -15.68 -14.38
CA ASN A 48 -26.59 -16.90 -14.24
C ASN A 48 -25.80 -17.99 -13.53
N ILE A 49 -24.63 -18.33 -14.08
CA ILE A 49 -23.84 -19.42 -13.56
C ILE A 49 -23.28 -19.11 -12.17
N THR A 50 -23.08 -17.84 -11.82
CA THR A 50 -22.66 -17.49 -10.47
C THR A 50 -23.84 -17.21 -9.54
N ASN A 51 -25.08 -17.44 -9.99
CA ASN A 51 -26.28 -17.25 -9.18
C ASN A 51 -26.27 -15.91 -8.46
N SER A 52 -25.95 -14.85 -9.19
CA SER A 52 -25.82 -13.54 -8.61
C SER A 52 -26.75 -12.52 -9.26
N ASN A 53 -27.84 -12.97 -9.87
CA ASN A 53 -28.76 -12.07 -10.53
C ASN A 53 -29.41 -11.07 -9.59
N HIS A 54 -29.25 -11.20 -8.27
CA HIS A 54 -29.80 -10.19 -7.38
C HIS A 54 -28.90 -8.96 -7.28
N MET A 55 -27.68 -9.02 -7.78
CA MET A 55 -26.76 -7.88 -7.75
C MET A 55 -26.92 -7.07 -9.03
N THR A 56 -28.06 -6.36 -9.08
CA THR A 56 -28.49 -5.67 -10.29
C THR A 56 -27.47 -4.64 -10.74
N ASP A 57 -27.13 -3.70 -9.86
CA ASP A 57 -26.20 -2.65 -10.24
C ASP A 57 -24.84 -3.21 -10.64
N LEU A 58 -24.42 -4.33 -10.03
CA LEU A 58 -23.14 -4.88 -10.43
C LEU A 58 -23.19 -5.44 -11.85
N LYS A 59 -24.31 -6.05 -12.22
CA LYS A 59 -24.38 -6.65 -13.55
C LYS A 59 -24.44 -5.58 -14.63
N THR A 60 -25.11 -4.46 -14.35
CA THR A 60 -25.04 -3.32 -15.25
C THR A 60 -23.60 -2.87 -15.42
N LYS A 61 -22.86 -2.78 -14.32
CA LYS A 61 -21.46 -2.40 -14.41
C LYS A 61 -20.68 -3.38 -15.26
N PHE A 62 -20.97 -4.67 -15.12
CA PHE A 62 -20.24 -5.68 -15.88
C PHE A 62 -20.61 -5.65 -17.35
N GLN A 63 -21.88 -5.38 -17.66
CA GLN A 63 -22.25 -5.31 -19.07
C GLN A 63 -21.52 -4.17 -19.75
N ARG A 64 -21.32 -3.05 -19.06
CA ARG A 64 -20.52 -1.96 -19.60
C ARG A 64 -19.09 -2.40 -19.82
N MET A 65 -18.50 -3.06 -18.82
CA MET A 65 -17.15 -3.58 -18.95
C MET A 65 -17.02 -4.42 -20.21
N CYS A 66 -17.95 -5.35 -20.40
CA CYS A 66 -17.87 -6.26 -21.55
C CYS A 66 -18.10 -5.50 -22.84
N ASP A 67 -19.05 -4.57 -22.87
CA ASP A 67 -19.33 -3.81 -24.09
C ASP A 67 -18.12 -2.99 -24.53
N LYS A 68 -17.27 -2.59 -23.60
CA LYS A 68 -16.14 -1.70 -23.85
C LYS A 68 -14.81 -2.45 -23.92
N SER A 69 -14.85 -3.78 -23.98
CA SER A 69 -13.62 -4.57 -23.89
C SER A 69 -12.90 -4.72 -25.22
N GLY A 70 -13.53 -4.37 -26.33
CA GLY A 70 -12.96 -4.69 -27.64
C GLY A 70 -12.92 -6.18 -27.91
N ILE A 71 -13.56 -6.98 -27.05
CA ILE A 71 -13.65 -8.43 -27.21
C ILE A 71 -14.99 -8.79 -27.78
N THR A 72 -15.01 -9.64 -28.79
CA THR A 72 -16.25 -10.12 -29.38
C THR A 72 -16.64 -11.48 -28.85
N LYS A 73 -15.67 -12.38 -28.68
CA LYS A 73 -15.92 -13.74 -28.22
C LYS A 73 -14.69 -14.25 -27.50
N ARG A 74 -14.89 -15.23 -26.63
CA ARG A 74 -13.77 -15.86 -25.95
C ARG A 74 -13.96 -17.36 -25.99
N TYR A 75 -12.86 -18.09 -25.79
CA TYR A 75 -12.86 -19.54 -25.71
C TYR A 75 -12.44 -19.96 -24.32
N MET A 76 -13.11 -20.96 -23.75
CA MET A 76 -12.79 -21.40 -22.41
C MET A 76 -12.96 -22.90 -22.26
N TYR A 77 -12.06 -23.49 -21.48
CA TYR A 77 -12.25 -24.87 -21.06
C TYR A 77 -13.49 -25.02 -20.18
N LEU A 78 -13.78 -24.01 -19.36
CA LEU A 78 -14.95 -24.11 -18.52
C LEU A 78 -16.21 -24.00 -19.37
N ASN A 79 -17.25 -24.73 -18.95
CA ASN A 79 -18.56 -24.59 -19.58
C ASN A 79 -19.61 -24.68 -18.49
N GLU A 80 -20.89 -24.61 -18.91
CA GLU A 80 -21.97 -24.61 -17.95
C GLU A 80 -21.99 -25.90 -17.13
N GLU A 81 -21.78 -27.04 -17.79
CA GLU A 81 -21.81 -28.32 -17.08
C GLU A 81 -20.73 -28.37 -16.00
N ILE A 82 -19.54 -27.88 -16.31
CA ILE A 82 -18.43 -28.05 -15.38
C ILE A 82 -18.59 -27.13 -14.19
N LEU A 83 -19.17 -25.94 -14.39
CA LEU A 83 -19.31 -24.98 -13.31
C LEU A 83 -20.44 -25.36 -12.36
N LYS A 84 -21.52 -25.94 -12.89
CA LYS A 84 -22.55 -26.49 -12.01
C LYS A 84 -21.98 -27.56 -11.08
N ALA A 85 -20.97 -28.28 -11.54
CA ALA A 85 -20.36 -29.33 -10.74
C ALA A 85 -19.40 -28.80 -9.69
N ASN A 86 -19.05 -27.51 -9.73
CA ASN A 86 -18.12 -26.92 -8.77
C ASN A 86 -18.68 -25.60 -8.28
N PRO A 87 -19.64 -25.63 -7.37
CA PRO A 87 -20.12 -24.39 -6.74
C PRO A 87 -19.02 -23.54 -6.17
N ASN A 88 -17.92 -24.14 -5.69
CA ASN A 88 -16.88 -23.39 -5.01
C ASN A 88 -16.06 -22.53 -5.97
N MET A 89 -16.13 -22.81 -7.26
CA MET A 89 -15.54 -21.93 -8.27
C MET A 89 -16.54 -20.90 -8.76
N CYS A 90 -17.83 -21.13 -8.56
CA CYS A 90 -18.83 -20.13 -8.91
C CYS A 90 -18.96 -19.07 -7.84
N ALA A 91 -18.57 -19.37 -6.61
CA ALA A 91 -18.52 -18.37 -5.57
C ALA A 91 -17.41 -17.37 -5.84
N TYR A 92 -17.53 -16.19 -5.24
CA TYR A 92 -16.47 -15.22 -5.36
C TYR A 92 -15.24 -15.66 -4.59
N TRP A 93 -15.42 -16.25 -3.39
CA TRP A 93 -14.28 -16.44 -2.50
C TRP A 93 -14.46 -17.72 -1.68
N GLU A 94 -14.45 -18.88 -2.34
CA GLU A 94 -14.58 -20.15 -1.64
C GLU A 94 -13.33 -21.00 -1.88
N LYS A 95 -13.01 -21.82 -0.89
CA LYS A 95 -11.92 -22.79 -1.03
C LYS A 95 -12.10 -23.58 -2.32
N SER A 96 -11.08 -23.57 -3.17
CA SER A 96 -11.25 -24.12 -4.51
C SER A 96 -9.92 -24.80 -4.84
N LEU A 97 -8.80 -24.10 -4.67
CA LEU A 97 -7.54 -24.26 -5.40
C LEU A 97 -7.35 -25.69 -5.88
N ASP A 98 -7.85 -26.67 -5.12
CA ASP A 98 -7.59 -28.06 -5.43
C ASP A 98 -8.33 -28.50 -6.69
N VAL A 99 -9.61 -28.16 -6.82
CA VAL A 99 -10.32 -28.54 -8.05
C VAL A 99 -9.77 -27.74 -9.22
N ARG A 100 -9.41 -26.49 -8.99
CA ARG A 100 -8.79 -25.68 -10.02
C ARG A 100 -7.48 -26.30 -10.49
N GLN A 101 -6.63 -26.70 -9.55
CA GLN A 101 -5.39 -27.39 -9.90
C GLN A 101 -5.67 -28.70 -10.63
N ASP A 102 -6.63 -29.50 -10.15
CA ASP A 102 -6.92 -30.77 -10.80
C ASP A 102 -7.23 -30.58 -12.28
N MET A 103 -7.90 -29.48 -12.64
CA MET A 103 -8.17 -29.17 -14.04
C MET A 103 -6.92 -28.71 -14.78
N VAL A 104 -6.26 -27.64 -14.30
CA VAL A 104 -5.26 -26.99 -15.14
C VAL A 104 -3.97 -27.79 -15.26
N VAL A 105 -3.61 -28.58 -14.24
CA VAL A 105 -2.38 -29.36 -14.39
C VAL A 105 -2.55 -30.43 -15.45
N VAL A 106 -3.77 -30.85 -15.73
CA VAL A 106 -4.03 -31.74 -16.85
C VAL A 106 -4.19 -30.96 -18.14
N GLU A 107 -5.04 -29.96 -18.14
CA GLU A 107 -5.51 -29.41 -19.40
C GLU A 107 -4.58 -28.35 -19.98
N VAL A 108 -3.65 -27.81 -19.20
CA VAL A 108 -2.69 -26.84 -19.74
C VAL A 108 -1.66 -27.57 -20.60
N PRO A 109 -1.07 -28.68 -20.17
CA PRO A 109 -0.22 -29.43 -21.12
C PRO A 109 -0.99 -29.95 -22.32
N LYS A 110 -2.27 -30.28 -22.15
CA LYS A 110 -3.04 -30.82 -23.27
C LYS A 110 -3.27 -29.78 -24.33
N LEU A 111 -3.65 -28.57 -23.92
CA LEU A 111 -3.88 -27.54 -24.91
C LEU A 111 -2.56 -27.14 -25.57
N GLY A 112 -1.48 -27.12 -24.79
CA GLY A 112 -0.17 -26.87 -25.37
C GLY A 112 0.23 -27.92 -26.38
N LYS A 113 -0.10 -29.19 -26.11
CA LYS A 113 0.23 -30.24 -27.06
C LYS A 113 -0.49 -30.04 -28.39
N GLU A 114 -1.76 -29.66 -28.33
CA GLU A 114 -2.51 -29.44 -29.56
C GLU A 114 -1.94 -28.28 -30.36
N ALA A 115 -1.51 -27.22 -29.67
CA ALA A 115 -0.86 -26.13 -30.37
C ALA A 115 0.51 -26.54 -30.89
N ALA A 116 1.24 -27.33 -30.11
CA ALA A 116 2.60 -27.70 -30.50
C ALA A 116 2.59 -28.69 -31.66
N THR A 117 1.66 -29.66 -31.64
CA THR A 117 1.56 -30.60 -32.74
C THR A 117 1.40 -29.85 -34.06
N LYS A 118 0.58 -28.80 -34.07
CA LYS A 118 0.43 -28.03 -35.29
C LYS A 118 1.76 -27.41 -35.72
N ALA A 119 2.49 -26.81 -34.79
CA ALA A 119 3.75 -26.17 -35.16
C ALA A 119 4.77 -27.19 -35.65
N ILE A 120 4.87 -28.33 -34.97
CA ILE A 120 5.76 -29.40 -35.41
C ILE A 120 5.37 -29.86 -36.81
N LYS A 121 4.07 -29.93 -37.09
CA LYS A 121 3.63 -30.38 -38.39
C LYS A 121 3.99 -29.36 -39.46
N GLU A 122 3.69 -28.08 -39.22
CA GLU A 122 4.06 -27.04 -40.19
C GLU A 122 5.57 -26.99 -40.38
N TRP A 123 6.30 -27.01 -39.26
CA TRP A 123 7.76 -27.04 -39.29
C TRP A 123 8.27 -28.07 -40.28
N GLY A 124 7.74 -29.29 -40.20
CA GLY A 124 8.04 -30.34 -41.14
C GLY A 124 9.13 -31.28 -40.72
N GLN A 125 9.87 -30.93 -39.74
CA GLN A 125 10.97 -31.79 -39.36
C GLN A 125 10.49 -32.83 -38.37
N PRO A 126 11.29 -33.87 -38.15
CA PRO A 126 10.92 -34.87 -37.13
C PRO A 126 10.98 -34.30 -35.71
N LYS A 127 10.02 -34.74 -34.88
CA LYS A 127 10.00 -34.38 -33.46
C LYS A 127 11.36 -34.54 -32.81
N SER A 128 12.12 -35.56 -33.22
CA SER A 128 13.40 -35.84 -32.60
C SER A 128 14.41 -34.73 -32.81
N LYS A 129 14.15 -33.80 -33.71
CA LYS A 129 15.10 -32.69 -33.84
C LYS A 129 14.94 -31.65 -32.75
N ILE A 130 13.91 -31.73 -31.92
CA ILE A 130 13.69 -30.75 -30.86
C ILE A 130 14.68 -31.00 -29.74
N THR A 131 15.47 -29.98 -29.42
CA THR A 131 16.52 -30.05 -28.41
C THR A 131 16.15 -29.34 -27.10
N HIS A 132 15.25 -28.37 -27.16
CA HIS A 132 14.90 -27.57 -26.01
C HIS A 132 13.39 -27.36 -25.97
N VAL A 133 12.85 -27.35 -24.76
CA VAL A 133 11.42 -27.10 -24.55
C VAL A 133 11.29 -25.98 -23.52
N VAL A 134 10.56 -24.94 -23.88
CA VAL A 134 10.26 -23.83 -22.99
C VAL A 134 8.74 -23.79 -22.80
N PHE A 135 8.29 -23.99 -21.58
CA PHE A 135 6.87 -24.00 -21.29
C PHE A 135 6.51 -22.85 -20.38
N CYS A 136 5.54 -22.05 -20.80
CA CYS A 136 5.17 -20.82 -20.12
C CYS A 136 3.69 -20.87 -19.80
N THR A 137 3.36 -20.62 -18.54
CA THR A 137 1.95 -20.53 -18.17
C THR A 137 1.78 -19.65 -16.95
N THR A 138 0.54 -19.24 -16.73
CA THR A 138 0.12 -18.56 -15.51
C THR A 138 -0.90 -19.39 -14.76
N SER A 139 -1.20 -20.59 -15.25
CA SER A 139 -2.38 -21.35 -14.85
C SER A 139 -1.93 -22.62 -14.13
N GLY A 140 -1.72 -22.50 -12.83
CA GLY A 140 -1.41 -23.66 -11.99
C GLY A 140 0.06 -24.04 -12.01
N VAL A 141 0.43 -24.89 -11.06
CA VAL A 141 1.80 -25.37 -10.92
C VAL A 141 1.76 -26.83 -10.48
N ASP A 142 2.85 -27.54 -10.75
CA ASP A 142 2.93 -28.95 -10.42
C ASP A 142 4.38 -29.42 -10.55
N MET A 143 4.67 -30.57 -9.95
CA MET A 143 5.96 -31.20 -10.04
C MET A 143 5.83 -32.69 -10.31
N PRO A 144 6.35 -33.15 -11.45
CA PRO A 144 7.07 -32.44 -12.51
C PRO A 144 6.13 -31.51 -13.26
N GLY A 145 6.63 -30.46 -13.91
CA GLY A 145 5.79 -29.42 -14.47
C GLY A 145 5.19 -29.75 -15.82
N ALA A 146 4.43 -28.78 -16.33
CA ALA A 146 3.84 -28.91 -17.65
C ALA A 146 4.90 -29.04 -18.75
N ASP A 147 6.12 -28.61 -18.48
CA ASP A 147 7.20 -28.89 -19.42
C ASP A 147 7.45 -30.39 -19.53
N TRP A 148 7.55 -31.08 -18.38
CA TRP A 148 7.72 -32.53 -18.37
C TRP A 148 6.51 -33.23 -18.99
N ALA A 149 5.30 -32.77 -18.64
CA ALA A 149 4.10 -33.38 -19.19
C ALA A 149 4.05 -33.22 -20.69
N LEU A 150 4.37 -32.03 -21.21
CA LEU A 150 4.37 -31.84 -22.66
C LEU A 150 5.38 -32.76 -23.34
N THR A 151 6.55 -32.96 -22.72
CA THR A 151 7.53 -33.86 -23.30
C THR A 151 6.95 -35.26 -23.44
N LYS A 152 6.35 -35.78 -22.37
CA LYS A 152 5.74 -37.10 -22.44
C LYS A 152 4.62 -37.15 -23.47
N LEU A 153 3.75 -36.14 -23.47
CA LEU A 153 2.60 -36.19 -24.37
C LEU A 153 3.04 -36.22 -25.83
N LEU A 154 4.06 -35.45 -26.18
CA LEU A 154 4.55 -35.39 -27.55
C LEU A 154 5.51 -36.52 -27.87
N GLY A 155 6.09 -37.18 -26.87
CA GLY A 155 7.10 -38.18 -27.11
C GLY A 155 8.39 -37.61 -27.62
N LEU A 156 8.79 -36.45 -27.10
CA LEU A 156 10.11 -35.95 -27.42
C LEU A 156 11.16 -36.84 -26.78
N ARG A 157 12.40 -36.63 -27.16
CA ARG A 157 13.43 -37.42 -26.54
C ARG A 157 13.62 -37.05 -25.07
N PRO A 158 13.98 -38.02 -24.22
CA PRO A 158 14.10 -37.75 -22.79
C PRO A 158 15.27 -36.86 -22.44
N SER A 159 16.10 -36.47 -23.38
CA SER A 159 17.23 -35.60 -23.09
C SER A 159 16.99 -34.17 -23.50
N VAL A 160 15.76 -33.81 -23.91
CA VAL A 160 15.49 -32.42 -24.20
C VAL A 160 15.83 -31.58 -22.98
N LYS A 161 16.37 -30.41 -23.22
CA LYS A 161 16.63 -29.48 -22.14
C LYS A 161 15.39 -28.60 -21.98
N ARG A 162 14.80 -28.64 -20.81
CA ARG A 162 13.55 -27.94 -20.56
C ARG A 162 13.76 -26.74 -19.65
N LEU A 163 12.87 -25.78 -19.82
CA LEU A 163 12.78 -24.62 -18.93
C LEU A 163 11.30 -24.38 -18.66
N MET A 164 10.89 -24.55 -17.40
CA MET A 164 9.50 -24.41 -16.97
C MET A 164 9.27 -23.02 -16.40
N MET A 165 8.37 -22.25 -17.03
CA MET A 165 8.05 -20.89 -16.61
C MET A 165 6.63 -20.82 -16.02
N TYR A 166 6.55 -20.79 -14.70
CA TYR A 166 5.29 -20.78 -13.97
C TYR A 166 4.97 -19.38 -13.42
N GLN A 167 3.70 -19.17 -13.09
CA GLN A 167 3.15 -17.90 -12.56
C GLN A 167 3.80 -16.69 -13.19
N GLN A 168 3.79 -16.67 -14.52
CA GLN A 168 4.53 -15.67 -15.25
C GLN A 168 3.73 -14.39 -15.41
N GLY A 169 2.56 -14.47 -16.03
CA GLY A 169 1.74 -13.30 -16.30
C GLY A 169 1.85 -12.84 -17.73
N CYS A 170 1.19 -11.71 -17.99
CA CYS A 170 0.90 -11.32 -19.37
C CYS A 170 2.18 -10.96 -20.15
N PHE A 171 3.23 -10.51 -19.47
CA PHE A 171 4.42 -10.10 -20.21
C PHE A 171 5.25 -11.28 -20.73
N ALA A 172 4.91 -12.51 -20.35
CA ALA A 172 5.86 -13.58 -20.57
C ALA A 172 5.89 -14.06 -22.02
N GLY A 173 4.92 -13.64 -22.84
CA GLY A 173 5.04 -13.87 -24.27
C GLY A 173 6.28 -13.22 -24.82
N GLY A 174 6.67 -12.08 -24.25
CA GLY A 174 7.87 -11.41 -24.67
C GLY A 174 9.07 -12.09 -24.06
N THR A 175 8.94 -12.54 -22.81
CA THR A 175 10.05 -13.16 -22.12
C THR A 175 10.52 -14.42 -22.85
N VAL A 176 9.58 -15.27 -23.26
CA VAL A 176 9.92 -16.51 -23.94
C VAL A 176 10.70 -16.25 -25.23
N MET A 177 10.40 -15.15 -25.93
CA MET A 177 11.20 -14.80 -27.09
C MET A 177 12.63 -14.50 -26.70
N ARG A 178 12.82 -13.75 -25.62
CA ARG A 178 14.18 -13.45 -25.15
C ARG A 178 14.88 -14.71 -24.67
N VAL A 179 14.15 -15.63 -24.06
CA VAL A 179 14.77 -16.87 -23.60
C VAL A 179 15.22 -17.70 -24.80
N ALA A 180 14.34 -17.88 -25.78
CA ALA A 180 14.62 -18.77 -26.90
C ALA A 180 15.73 -18.22 -27.78
N LYS A 181 15.81 -16.88 -27.88
CA LYS A 181 16.90 -16.24 -28.59
C LYS A 181 18.24 -16.78 -28.14
N ASP A 182 18.52 -16.69 -26.84
CA ASP A 182 19.81 -17.13 -26.35
C ASP A 182 19.98 -18.64 -26.45
N LEU A 183 18.90 -19.40 -26.22
CA LEU A 183 18.98 -20.85 -26.35
C LEU A 183 19.33 -21.25 -27.77
N ALA A 184 18.72 -20.58 -28.75
CA ALA A 184 18.94 -20.91 -30.14
C ALA A 184 20.27 -20.39 -30.64
N GLU A 185 20.70 -19.21 -30.22
CA GLU A 185 21.90 -18.67 -30.82
C GLU A 185 23.17 -19.24 -30.20
N ASN A 186 23.12 -19.65 -28.94
CA ASN A 186 24.32 -20.15 -28.31
C ASN A 186 24.57 -21.64 -28.53
N ASN A 187 23.69 -22.36 -29.22
CA ASN A 187 23.87 -23.79 -29.41
C ASN A 187 23.63 -24.17 -30.87
N LYS A 188 24.70 -24.47 -31.58
CA LYS A 188 24.60 -24.90 -32.97
C LYS A 188 23.59 -26.04 -33.13
N GLY A 189 22.64 -25.85 -34.03
CA GLY A 189 21.66 -26.86 -34.34
C GLY A 189 20.52 -27.00 -33.35
N ALA A 190 20.47 -26.14 -32.35
CA ALA A 190 19.39 -26.18 -31.39
C ALA A 190 18.10 -25.77 -32.06
N ARG A 191 17.04 -26.52 -31.78
CA ARG A 191 15.69 -26.20 -32.21
C ARG A 191 14.82 -26.20 -30.96
N VAL A 192 14.23 -25.04 -30.66
CA VAL A 192 13.57 -24.79 -29.38
C VAL A 192 12.07 -24.83 -29.60
N LEU A 193 11.38 -25.70 -28.87
CA LEU A 193 9.92 -25.71 -28.85
C LEU A 193 9.45 -24.81 -27.71
N VAL A 194 8.77 -23.73 -28.04
CA VAL A 194 8.25 -22.78 -27.07
C VAL A 194 6.74 -22.92 -27.04
N VAL A 195 6.18 -23.08 -25.84
CA VAL A 195 4.74 -23.25 -25.69
C VAL A 195 4.24 -22.29 -24.61
N CYS A 196 3.27 -21.43 -24.98
CA CYS A 196 2.50 -20.64 -24.04
C CYS A 196 1.08 -21.18 -23.97
N SER A 197 0.60 -21.48 -22.77
CA SER A 197 -0.68 -22.15 -22.59
C SER A 197 -1.36 -21.64 -21.32
N GLU A 198 -2.58 -21.08 -21.47
CA GLU A 198 -3.30 -20.41 -20.39
C GLU A 198 -4.78 -20.78 -20.38
N LEU A 199 -5.31 -21.02 -19.19
CA LEU A 199 -6.70 -21.38 -18.98
C LEU A 199 -7.25 -20.59 -17.79
N THR A 200 -8.44 -20.00 -17.96
CA THR A 200 -9.01 -19.22 -16.86
C THR A 200 -9.55 -20.06 -15.75
N ALA A 201 -9.38 -21.38 -15.71
CA ALA A 201 -9.94 -22.15 -14.62
C ALA A 201 -9.34 -21.78 -13.26
N VAL A 202 -8.14 -21.21 -13.24
CA VAL A 202 -7.58 -20.80 -11.95
C VAL A 202 -8.13 -19.48 -11.47
N THR A 203 -8.80 -18.74 -12.35
CA THR A 203 -9.10 -17.34 -12.08
C THR A 203 -10.59 -17.03 -12.11
N PHE A 204 -11.40 -17.86 -12.75
CA PHE A 204 -12.84 -17.64 -12.78
C PHE A 204 -13.41 -17.66 -11.38
N ARG A 205 -14.22 -16.66 -11.05
CA ARG A 205 -14.84 -16.64 -9.74
C ARG A 205 -16.07 -15.75 -9.78
N GLY A 206 -16.90 -15.87 -8.74
CA GLY A 206 -18.11 -15.10 -8.63
C GLY A 206 -17.85 -13.62 -8.46
N PRO A 207 -18.88 -12.81 -8.68
CA PRO A 207 -18.72 -11.35 -8.51
C PRO A 207 -18.80 -10.91 -7.05
N SER A 208 -18.17 -9.76 -6.79
CA SER A 208 -18.18 -9.09 -5.50
C SER A 208 -18.39 -7.61 -5.72
N GLU A 209 -19.16 -6.97 -4.85
CA GLU A 209 -19.43 -5.56 -5.02
C GLU A 209 -18.25 -4.71 -4.59
N THR A 210 -17.34 -5.27 -3.82
CA THR A 210 -16.17 -4.54 -3.41
C THR A 210 -14.87 -4.97 -4.07
N HIS A 211 -14.93 -5.70 -5.17
CA HIS A 211 -13.73 -6.08 -5.87
C HIS A 211 -13.97 -5.95 -7.38
N LEU A 212 -14.11 -4.73 -7.81
CA LEU A 212 -14.40 -4.43 -9.18
C LEU A 212 -13.28 -4.77 -10.13
N ASP A 213 -12.03 -4.66 -9.71
CA ASP A 213 -10.93 -5.11 -10.57
C ASP A 213 -11.00 -6.61 -10.82
N SER A 214 -11.47 -7.40 -9.85
CA SER A 214 -11.65 -8.82 -10.13
C SER A 214 -12.66 -9.02 -11.25
N LEU A 215 -13.64 -8.11 -11.33
CA LEU A 215 -14.68 -8.19 -12.35
C LEU A 215 -14.16 -7.80 -13.72
N VAL A 216 -13.25 -6.81 -13.79
CA VAL A 216 -12.57 -6.53 -15.04
C VAL A 216 -11.91 -7.80 -15.57
N GLY A 217 -11.30 -8.59 -14.68
CA GLY A 217 -10.66 -9.81 -15.12
C GLY A 217 -11.64 -10.80 -15.74
N GLN A 218 -12.81 -10.94 -15.13
CA GLN A 218 -13.86 -11.79 -15.68
C GLN A 218 -14.33 -11.34 -17.04
N ALA A 219 -14.17 -10.06 -17.35
CA ALA A 219 -14.60 -9.58 -18.65
C ALA A 219 -13.56 -9.83 -19.75
N LEU A 220 -12.29 -9.98 -19.39
CA LEU A 220 -11.21 -9.92 -20.37
C LEU A 220 -10.48 -11.22 -20.60
N PHE A 221 -10.35 -12.10 -19.62
CA PHE A 221 -9.42 -13.21 -19.75
C PHE A 221 -10.05 -14.36 -20.54
N GLY A 222 -9.34 -14.82 -21.56
CA GLY A 222 -9.73 -15.99 -22.31
C GLY A 222 -8.66 -17.07 -22.24
N ASP A 223 -8.96 -18.20 -22.86
CA ASP A 223 -8.09 -19.36 -22.90
C ASP A 223 -7.47 -19.54 -24.28
N GLY A 224 -6.24 -20.04 -24.30
CA GLY A 224 -5.58 -20.35 -25.55
C GLY A 224 -4.17 -20.85 -25.30
N ALA A 225 -3.63 -21.52 -26.32
CA ALA A 225 -2.25 -21.97 -26.32
C ALA A 225 -1.60 -21.63 -27.65
N SER A 226 -0.37 -21.12 -27.59
CA SER A 226 0.39 -20.84 -28.79
C SER A 226 1.75 -21.52 -28.74
N ALA A 227 2.29 -21.85 -29.90
CA ALA A 227 3.52 -22.63 -29.97
C ALA A 227 4.37 -22.21 -31.15
N ILE A 228 5.66 -22.04 -30.89
CA ILE A 228 6.61 -21.70 -31.93
C ILE A 228 7.77 -22.66 -31.86
N ILE A 229 8.43 -22.82 -32.99
CA ILE A 229 9.73 -23.48 -33.09
C ILE A 229 10.74 -22.39 -33.40
N VAL A 230 11.75 -22.25 -32.55
CA VAL A 230 12.79 -21.25 -32.74
C VAL A 230 14.09 -21.97 -33.05
N GLY A 231 14.80 -21.49 -34.05
CA GLY A 231 16.15 -21.97 -34.31
C GLY A 231 16.97 -20.94 -35.05
N ALA A 232 18.27 -21.02 -34.86
CA ALA A 232 19.19 -20.24 -35.68
C ALA A 232 19.70 -21.10 -36.83
N ASP A 233 20.14 -20.43 -37.88
CA ASP A 233 20.72 -21.05 -39.08
C ASP A 233 19.71 -22.00 -39.72
N PRO A 234 18.65 -21.47 -40.33
CA PRO A 234 17.63 -22.35 -40.92
C PRO A 234 18.19 -23.09 -42.12
N ILE A 235 17.77 -24.34 -42.27
CA ILE A 235 18.27 -25.18 -43.34
C ILE A 235 17.60 -24.77 -44.65
N PRO A 236 18.36 -24.26 -45.62
CA PRO A 236 17.75 -23.71 -46.83
C PRO A 236 16.83 -24.70 -47.54
N GLU A 237 15.72 -24.18 -48.05
CA GLU A 237 14.72 -24.94 -48.82
C GLU A 237 14.23 -26.19 -48.06
N VAL A 238 14.35 -26.21 -46.73
CA VAL A 238 13.79 -27.30 -45.92
C VAL A 238 12.99 -26.69 -44.79
N GLU A 239 13.63 -25.82 -44.02
CA GLU A 239 12.95 -25.04 -43.00
C GLU A 239 12.66 -23.66 -43.53
N ARG A 240 11.60 -23.06 -43.04
CA ARG A 240 11.12 -21.82 -43.64
C ARG A 240 11.00 -20.72 -42.61
N PRO A 241 11.77 -19.64 -42.73
CA PRO A 241 11.72 -18.57 -41.73
C PRO A 241 10.55 -17.64 -41.91
N TRP A 242 10.19 -16.97 -40.84
CA TRP A 242 9.09 -16.01 -40.84
C TRP A 242 9.41 -14.74 -40.08
N PHE A 243 10.14 -14.83 -38.97
CA PHE A 243 10.51 -13.66 -38.20
C PHE A 243 11.85 -13.93 -37.54
N GLU A 244 12.69 -12.91 -37.50
CA GLU A 244 14.00 -12.98 -36.86
C GLU A 244 14.00 -12.14 -35.60
N ILE A 245 14.64 -12.64 -34.56
CA ILE A 245 14.79 -11.91 -33.31
C ILE A 245 16.18 -11.29 -33.31
N HIS A 246 16.22 -9.96 -33.18
CA HIS A 246 17.46 -9.20 -33.23
C HIS A 246 17.80 -8.44 -31.97
N TYR A 247 16.80 -8.02 -31.18
CA TYR A 247 17.04 -7.25 -29.96
C TYR A 247 15.93 -7.54 -28.96
N VAL A 248 16.31 -7.63 -27.68
CA VAL A 248 15.37 -7.84 -26.59
C VAL A 248 15.78 -6.94 -25.43
N ALA A 249 14.79 -6.52 -24.65
CA ALA A 249 15.04 -5.65 -23.51
C ALA A 249 13.90 -5.81 -22.53
N SER A 250 14.18 -5.45 -21.29
CA SER A 250 13.27 -5.63 -20.18
C SER A 250 13.27 -4.33 -19.38
N ASN A 251 12.09 -3.91 -18.94
CA ASN A 251 11.98 -2.66 -18.20
C ASN A 251 10.91 -2.77 -17.14
N ILE A 252 11.27 -2.47 -15.91
CA ILE A 252 10.31 -2.16 -14.86
C ILE A 252 10.00 -0.68 -14.96
N LEU A 253 8.75 -0.36 -15.27
CA LEU A 253 8.41 1.01 -15.64
C LEU A 253 8.41 1.91 -14.41
N PRO A 254 8.79 3.17 -14.58
CA PRO A 254 8.85 4.09 -13.43
C PRO A 254 7.49 4.27 -12.78
N ASP A 255 7.49 4.30 -11.45
CA ASP A 255 6.33 4.69 -10.65
C ASP A 255 5.22 3.67 -10.71
N SER A 256 5.56 2.41 -10.97
CA SER A 256 4.54 1.40 -11.24
C SER A 256 4.41 0.37 -10.14
N ASP A 257 5.07 0.56 -9.00
CA ASP A 257 5.07 -0.43 -7.93
C ASP A 257 3.65 -0.69 -7.44
N GLY A 258 3.25 -1.97 -7.45
CA GLY A 258 1.91 -2.35 -7.06
C GLY A 258 0.84 -2.15 -8.10
N ALA A 259 1.21 -1.89 -9.36
CA ALA A 259 0.19 -1.60 -10.37
C ALA A 259 -0.72 -2.80 -10.59
N ILE A 260 -0.13 -3.99 -10.75
CA ILE A 260 -0.87 -5.24 -10.96
C ILE A 260 -0.27 -6.28 -10.03
N ASP A 261 -1.09 -6.83 -9.14
CA ASP A 261 -0.67 -7.96 -8.33
C ASP A 261 -1.56 -9.18 -8.61
N GLY A 262 -0.98 -10.36 -8.50
CA GLY A 262 -1.72 -11.60 -8.59
C GLY A 262 -1.25 -12.60 -7.54
N HIS A 263 -2.16 -13.22 -6.81
CA HIS A 263 -1.76 -14.12 -5.75
C HIS A 263 -2.43 -15.46 -5.96
N LEU A 264 -1.68 -16.53 -5.70
CA LEU A 264 -2.24 -17.88 -5.74
C LEU A 264 -2.64 -18.24 -4.32
N ARG A 265 -3.96 -18.37 -4.09
CA ARG A 265 -4.53 -18.53 -2.75
C ARG A 265 -5.37 -19.81 -2.69
N GLU A 266 -5.86 -20.10 -1.48
CA GLU A 266 -6.76 -21.23 -1.31
C GLU A 266 -8.04 -21.08 -2.11
N VAL A 267 -8.35 -19.87 -2.58
CA VAL A 267 -9.52 -19.65 -3.41
C VAL A 267 -9.15 -19.57 -4.89
N GLY A 268 -7.95 -19.97 -5.27
CA GLY A 268 -7.49 -19.81 -6.63
C GLY A 268 -6.62 -18.58 -6.82
N LEU A 269 -6.48 -18.20 -8.09
CA LEU A 269 -5.64 -17.07 -8.47
C LEU A 269 -6.46 -15.79 -8.51
N THR A 270 -6.01 -14.76 -7.79
CA THR A 270 -6.75 -13.51 -7.67
C THR A 270 -6.03 -12.38 -8.38
N PHE A 271 -6.82 -11.47 -8.96
CA PHE A 271 -6.35 -10.40 -9.83
C PHE A 271 -6.57 -9.05 -9.13
N HIS A 272 -5.57 -8.17 -9.15
CA HIS A 272 -5.66 -6.91 -8.42
C HIS A 272 -5.09 -5.77 -9.24
N LEU A 273 -5.92 -4.76 -9.53
CA LEU A 273 -5.53 -3.56 -10.26
C LEU A 273 -5.48 -2.38 -9.29
N MET A 274 -4.37 -1.69 -9.25
CA MET A 274 -4.24 -0.63 -8.27
C MET A 274 -3.60 0.63 -8.80
N LYS A 275 -3.27 0.71 -10.09
CA LYS A 275 -2.77 1.93 -10.68
C LYS A 275 -3.31 2.02 -12.09
N ASP A 276 -3.10 3.16 -12.72
CA ASP A 276 -3.50 3.40 -14.11
C ASP A 276 -2.51 2.70 -15.01
N VAL A 277 -2.82 1.47 -15.38
CA VAL A 277 -1.89 0.63 -16.14
C VAL A 277 -1.71 1.17 -17.55
N PRO A 278 -2.77 1.48 -18.31
CA PRO A 278 -2.53 2.09 -19.63
C PRO A 278 -1.77 3.41 -19.56
N GLY A 279 -2.04 4.23 -18.54
CA GLY A 279 -1.29 5.47 -18.41
C GLY A 279 0.21 5.22 -18.25
N ILE A 280 0.58 4.36 -17.31
CA ILE A 280 1.99 4.12 -17.04
C ILE A 280 2.69 3.57 -18.27
N ILE A 281 2.05 2.63 -18.96
CA ILE A 281 2.64 2.09 -20.17
C ILE A 281 2.79 3.18 -21.22
N SER A 282 1.69 3.86 -21.55
CA SER A 282 1.71 4.86 -22.59
C SER A 282 2.56 6.06 -22.22
N LYS A 283 2.74 6.33 -20.92
CA LYS A 283 3.62 7.44 -20.57
C LYS A 283 5.08 7.08 -20.81
N ASN A 284 5.42 5.81 -20.71
CA ASN A 284 6.82 5.41 -20.73
C ASN A 284 7.22 4.65 -21.99
N ILE A 285 6.27 4.30 -22.85
CA ILE A 285 6.61 3.47 -24.00
C ILE A 285 7.51 4.23 -24.98
N GLY A 286 7.37 5.56 -25.07
CA GLY A 286 8.24 6.30 -25.96
C GLY A 286 9.70 6.11 -25.64
N THR A 287 10.06 6.29 -24.37
CA THR A 287 11.45 6.14 -23.94
C THR A 287 11.98 4.74 -24.25
N VAL A 288 11.18 3.72 -23.97
CA VAL A 288 11.67 2.36 -24.16
C VAL A 288 11.97 2.11 -25.62
N LEU A 289 11.02 2.45 -26.50
CA LEU A 289 11.21 2.13 -27.90
C LEU A 289 12.30 2.99 -28.52
N LYS A 290 12.37 4.26 -28.14
CA LYS A 290 13.45 5.11 -28.62
C LYS A 290 14.80 4.53 -28.24
N ASP A 291 14.93 4.01 -27.03
CA ASP A 291 16.17 3.38 -26.63
C ASP A 291 16.45 2.14 -27.47
N ALA A 292 15.44 1.31 -27.68
CA ALA A 292 15.65 0.11 -28.48
C ALA A 292 16.05 0.47 -29.90
N PHE A 293 15.41 1.47 -30.49
CA PHE A 293 15.68 1.83 -31.88
C PHE A 293 17.08 2.40 -32.05
N GLU A 294 17.58 3.13 -31.04
CA GLU A 294 18.95 3.62 -31.13
C GLU A 294 19.92 2.45 -31.21
N LYS A 295 19.72 1.45 -30.35
CA LYS A 295 20.54 0.25 -30.38
C LYS A 295 20.45 -0.47 -31.73
N VAL A 296 19.23 -0.75 -32.18
CA VAL A 296 19.11 -1.51 -33.41
C VAL A 296 19.61 -0.72 -34.61
N PHE A 297 19.38 0.60 -34.61
CA PHE A 297 19.63 1.40 -35.80
C PHE A 297 20.68 2.48 -35.56
N GLY A 298 20.38 3.53 -34.78
CA GLY A 298 21.34 4.58 -34.47
C GLY A 298 22.02 5.27 -35.64
N VAL A 304 16.86 5.72 -38.61
CA VAL A 304 15.96 5.16 -37.62
C VAL A 304 14.52 5.21 -38.13
N PRO A 305 13.95 4.04 -38.41
CA PRO A 305 12.62 4.00 -39.01
C PRO A 305 11.57 4.59 -38.08
N SER A 306 10.46 5.00 -38.69
CA SER A 306 9.35 5.57 -37.94
C SER A 306 8.56 4.47 -37.26
N TYR A 307 7.83 4.85 -36.22
CA TYR A 307 6.97 3.89 -35.56
C TYR A 307 5.85 3.43 -36.49
N ASN A 308 5.49 4.26 -37.46
CA ASN A 308 4.47 3.85 -38.43
C ASN A 308 5.03 2.94 -39.51
N ASP A 309 6.35 2.78 -39.60
CA ASP A 309 6.99 2.03 -40.68
C ASP A 309 7.50 0.67 -40.23
N VAL A 310 7.15 0.24 -39.02
CA VAL A 310 7.50 -1.07 -38.51
C VAL A 310 6.20 -1.76 -38.12
N PHE A 311 6.19 -3.09 -38.10
CA PHE A 311 4.98 -3.79 -37.73
C PHE A 311 4.92 -4.00 -36.21
N TRP A 312 3.71 -4.14 -35.70
CA TRP A 312 3.44 -4.04 -34.27
C TRP A 312 2.74 -5.29 -33.76
N ILE A 313 3.35 -5.97 -32.82
CA ILE A 313 2.71 -7.03 -32.06
C ILE A 313 2.66 -6.59 -30.62
N ALA A 314 1.53 -6.08 -30.21
CA ALA A 314 1.39 -5.56 -28.87
C ALA A 314 0.40 -6.33 -28.01
N HIS A 315 0.84 -6.78 -26.86
CA HIS A 315 -0.05 -7.47 -25.94
C HIS A 315 -1.28 -6.65 -25.57
N PRO A 316 -2.44 -7.16 -25.88
CA PRO A 316 -3.67 -6.46 -25.61
C PRO A 316 -4.21 -6.74 -24.22
N GLY A 317 -3.47 -6.27 -23.23
CA GLY A 317 -3.85 -6.28 -21.85
C GLY A 317 -5.26 -5.88 -21.62
N GLY A 318 -5.61 -4.72 -22.10
CA GLY A 318 -6.93 -4.40 -22.53
C GLY A 318 -6.92 -3.33 -23.58
N PRO A 319 -8.09 -2.91 -24.00
CA PRO A 319 -8.13 -1.99 -25.13
C PRO A 319 -7.55 -0.64 -24.81
N ALA A 320 -7.64 -0.19 -23.57
CA ALA A 320 -7.14 1.14 -23.24
C ALA A 320 -5.64 1.21 -23.38
N ILE A 321 -4.95 0.10 -23.18
CA ILE A 321 -3.51 0.03 -23.43
C ILE A 321 -3.22 0.36 -24.89
N LEU A 322 -3.82 -0.41 -25.80
CA LEU A 322 -3.58 -0.20 -27.22
C LEU A 322 -4.02 1.19 -27.65
N ASP A 323 -5.15 1.65 -27.14
CA ASP A 323 -5.64 3.00 -27.44
C ASP A 323 -4.65 4.06 -27.01
N GLN A 324 -4.19 4.00 -25.76
CA GLN A 324 -3.41 5.09 -25.21
C GLN A 324 -1.98 5.10 -25.72
N VAL A 325 -1.40 3.92 -25.98
CA VAL A 325 -0.15 3.87 -26.71
C VAL A 325 -0.33 4.52 -28.08
N GLU A 326 -1.39 4.12 -28.80
CA GLU A 326 -1.64 4.65 -30.13
C GLU A 326 -1.67 6.17 -30.11
N GLN A 327 -2.30 6.75 -29.10
CA GLN A 327 -2.41 8.20 -29.08
C GLN A 327 -1.11 8.85 -28.64
N LYS A 328 -0.55 8.40 -27.52
CA LYS A 328 0.67 9.03 -27.03
C LYS A 328 1.76 9.02 -28.08
N LEU A 329 1.90 7.91 -28.79
CA LEU A 329 2.88 7.78 -29.84
C LEU A 329 2.37 8.29 -31.17
N GLN A 330 1.13 8.75 -31.26
CA GLN A 330 0.52 9.21 -32.51
C GLN A 330 0.74 8.21 -33.63
N LEU A 331 0.35 6.96 -33.37
CA LEU A 331 0.38 5.95 -34.41
C LEU A 331 -0.81 6.09 -35.34
N LYS A 332 -0.64 5.64 -36.57
CA LYS A 332 -1.78 5.50 -37.44
C LYS A 332 -2.51 4.20 -37.10
N THR A 333 -3.82 4.22 -37.30
CA THR A 333 -4.66 3.24 -36.62
C THR A 333 -4.52 1.82 -37.13
N GLU A 334 -3.86 1.57 -38.27
CA GLU A 334 -3.65 0.17 -38.65
C GLU A 334 -2.52 -0.49 -37.90
N LYS A 335 -1.70 0.27 -37.18
CA LYS A 335 -0.56 -0.35 -36.54
C LYS A 335 -1.01 -1.31 -35.45
N MET A 336 -2.03 -0.95 -34.68
CA MET A 336 -2.60 -1.83 -33.67
C MET A 336 -3.67 -2.77 -34.21
N ALA A 337 -4.00 -2.70 -35.50
CA ALA A 337 -5.14 -3.44 -36.03
C ALA A 337 -5.00 -4.94 -35.82
N ALA A 338 -3.81 -5.48 -36.07
CA ALA A 338 -3.65 -6.92 -35.89
C ALA A 338 -3.72 -7.29 -34.41
N SER A 339 -3.18 -6.44 -33.53
CA SER A 339 -3.30 -6.72 -32.11
C SER A 339 -4.76 -6.65 -31.66
N ARG A 340 -5.53 -5.74 -32.27
CA ARG A 340 -6.94 -5.66 -31.93
C ARG A 340 -7.71 -6.84 -32.50
N GLN A 341 -7.31 -7.32 -33.68
CA GLN A 341 -7.93 -8.49 -34.27
C GLN A 341 -7.92 -9.67 -33.31
N VAL A 342 -6.80 -9.92 -32.66
CA VAL A 342 -6.73 -11.05 -31.75
C VAL A 342 -7.53 -10.78 -30.48
N LEU A 343 -7.48 -9.54 -29.97
CA LEU A 343 -8.24 -9.23 -28.77
C LEU A 343 -9.73 -9.40 -29.04
N SER A 344 -10.20 -8.94 -30.20
CA SER A 344 -11.61 -9.13 -30.52
C SER A 344 -11.94 -10.60 -30.67
N ASP A 345 -11.05 -11.37 -31.31
CA ASP A 345 -11.35 -12.76 -31.63
C ASP A 345 -11.16 -13.70 -30.46
N TYR A 346 -10.36 -13.32 -29.44
CA TYR A 346 -9.91 -14.24 -28.40
C TYR A 346 -9.94 -13.68 -26.99
N GLY A 347 -9.77 -12.38 -26.79
CA GLY A 347 -9.62 -11.86 -25.45
C GLY A 347 -8.18 -11.91 -24.99
N ASN A 348 -7.98 -11.60 -23.71
CA ASN A 348 -6.64 -11.56 -23.13
C ASN A 348 -6.27 -12.99 -22.73
N MET A 349 -5.30 -13.59 -23.42
CA MET A 349 -4.88 -14.95 -23.10
C MET A 349 -3.52 -14.95 -22.40
N SER A 350 -3.22 -13.89 -21.67
CA SER A 350 -1.95 -13.74 -20.93
C SER A 350 -0.79 -13.99 -21.91
N SER A 351 0.21 -14.78 -21.52
CA SER A 351 1.45 -14.89 -22.30
C SER A 351 1.22 -15.27 -23.75
N ALA A 352 0.20 -16.08 -24.02
CA ALA A 352 0.04 -16.62 -25.37
C ALA A 352 -0.42 -15.57 -26.38
N CYS A 353 -0.89 -14.41 -25.93
CA CYS A 353 -1.49 -13.44 -26.83
C CYS A 353 -0.57 -13.09 -28.00
N VAL A 354 0.63 -12.63 -27.71
CA VAL A 354 1.48 -12.14 -28.74
C VAL A 354 1.86 -13.14 -29.80
N LEU A 355 1.93 -14.41 -29.44
CA LEU A 355 2.19 -15.44 -30.40
C LEU A 355 1.00 -15.73 -31.32
N PHE A 356 -0.20 -15.61 -30.82
CA PHE A 356 -1.38 -15.52 -31.66
C PHE A 356 -1.34 -14.33 -32.61
N ILE A 357 -0.95 -13.15 -32.12
CA ILE A 357 -0.89 -11.97 -32.95
C ILE A 357 0.16 -12.14 -34.04
N MET A 358 1.28 -12.75 -33.68
CA MET A 358 2.31 -13.00 -34.69
C MET A 358 1.79 -13.92 -35.78
N ASP A 359 0.95 -14.89 -35.44
CA ASP A 359 0.48 -15.85 -36.43
C ASP A 359 -0.53 -15.20 -37.38
N HIS A 360 -1.43 -14.41 -36.85
CA HIS A 360 -2.34 -13.68 -37.65
C HIS A 360 -1.64 -12.70 -38.56
N LEU A 361 -0.55 -12.15 -38.11
CA LEU A 361 0.17 -11.17 -38.87
C LEU A 361 0.68 -11.74 -40.17
N ARG A 362 1.37 -12.86 -40.03
CA ARG A 362 1.93 -13.58 -41.13
C ARG A 362 0.86 -14.17 -42.03
N LYS A 363 -0.12 -14.80 -41.47
CA LYS A 363 -1.20 -15.37 -42.28
C LYS A 363 -1.88 -14.29 -43.10
N LYS A 364 -2.22 -13.17 -42.47
CA LYS A 364 -2.88 -12.09 -43.17
C LYS A 364 -1.96 -11.46 -44.23
N SER A 365 -0.67 -11.32 -43.93
CA SER A 365 0.25 -10.77 -44.92
C SER A 365 0.39 -11.69 -46.13
N VAL A 366 0.51 -13.00 -45.90
CA VAL A 366 0.51 -13.94 -47.02
C VAL A 366 -0.79 -13.81 -47.79
N GLU A 367 -1.92 -13.90 -47.10
CA GLU A 367 -3.21 -13.98 -47.76
C GLU A 367 -3.51 -12.72 -48.56
N GLN A 368 -3.04 -11.57 -48.11
CA GLN A 368 -3.21 -10.35 -48.88
C GLN A 368 -2.06 -10.08 -49.82
N LYS A 369 -1.15 -11.05 -49.97
CA LYS A 369 -0.07 -11.01 -50.94
C LYS A 369 0.72 -9.70 -50.84
N LEU A 370 1.27 -9.48 -49.64
CA LEU A 370 2.12 -8.35 -49.33
C LEU A 370 3.59 -8.77 -49.40
N ALA A 371 4.45 -7.82 -49.20
CA ALA A 371 5.84 -7.97 -49.52
C ALA A 371 6.56 -8.85 -48.53
N THR A 372 6.10 -8.84 -47.31
CA THR A 372 6.82 -9.49 -46.25
C THR A 372 5.90 -10.16 -45.26
N SER A 373 6.47 -10.92 -44.36
CA SER A 373 5.73 -11.54 -43.28
C SER A 373 5.10 -10.60 -42.26
N GLY A 374 5.60 -9.37 -42.15
CA GLY A 374 5.06 -8.39 -41.27
C GLY A 374 4.32 -7.29 -41.97
N GLU A 375 3.35 -7.65 -42.78
CA GLU A 375 2.46 -6.71 -43.46
C GLU A 375 3.08 -5.57 -44.32
N GLY A 376 4.27 -5.78 -44.82
CA GLY A 376 4.94 -4.80 -45.62
C GLY A 376 6.30 -4.41 -45.18
N TYR A 377 6.54 -4.38 -43.87
CA TYR A 377 7.70 -3.69 -43.32
C TYR A 377 8.80 -4.68 -43.02
N GLU A 378 10.03 -4.23 -43.03
CA GLU A 378 11.15 -5.11 -42.78
C GLU A 378 11.30 -5.35 -41.29
N TRP A 379 11.06 -4.34 -40.50
CA TRP A 379 11.30 -4.43 -39.07
C TRP A 379 10.00 -4.25 -38.30
N GLY A 380 10.00 -4.74 -37.07
CA GLY A 380 8.79 -4.71 -36.25
C GLY A 380 9.10 -4.89 -34.79
N LEU A 381 8.03 -4.76 -33.99
CA LEU A 381 8.08 -4.80 -32.54
C LEU A 381 7.17 -5.88 -31.99
N LEU A 382 7.61 -6.53 -30.92
CA LEU A 382 6.77 -7.39 -30.11
C LEU A 382 6.89 -6.94 -28.67
N LEU A 383 5.75 -6.57 -28.07
CA LEU A 383 5.71 -5.99 -26.73
C LEU A 383 4.85 -6.83 -25.80
N GLY A 384 5.41 -7.22 -24.68
CA GLY A 384 4.66 -7.84 -23.60
C GLY A 384 4.58 -6.88 -22.43
N PHE A 385 3.41 -6.81 -21.84
CA PHE A 385 3.16 -6.10 -20.62
C PHE A 385 2.52 -7.00 -19.57
N GLY A 386 3.00 -6.91 -18.34
CA GLY A 386 2.33 -7.35 -17.15
C GLY A 386 2.92 -6.86 -15.82
N PRO A 387 2.96 -7.72 -14.82
CA PRO A 387 2.97 -7.29 -13.46
C PRO A 387 4.02 -6.33 -12.92
N GLY A 388 5.29 -6.40 -13.15
CA GLY A 388 6.21 -5.49 -12.47
C GLY A 388 5.98 -4.03 -12.03
N LEU A 389 5.58 -3.11 -12.88
CA LEU A 389 5.01 -3.33 -14.17
C LEU A 389 6.09 -3.48 -15.19
N THR A 390 5.99 -4.56 -15.94
CA THR A 390 7.05 -5.11 -16.72
C THR A 390 6.70 -4.90 -18.16
N CYS A 391 7.63 -4.31 -18.88
CA CYS A 391 7.52 -4.21 -20.33
C CYS A 391 8.63 -5.04 -20.94
N GLU A 392 8.26 -6.07 -21.70
CA GLU A 392 9.21 -6.85 -22.48
C GLU A 392 9.22 -6.33 -23.91
N THR A 393 10.42 -6.14 -24.46
CA THR A 393 10.59 -5.52 -25.76
C THR A 393 11.37 -6.46 -26.66
N VAL A 394 10.86 -6.69 -27.87
CA VAL A 394 11.52 -7.53 -28.87
C VAL A 394 11.49 -6.78 -30.19
N VAL A 395 12.65 -6.60 -30.79
CA VAL A 395 12.73 -6.04 -32.13
C VAL A 395 12.90 -7.20 -33.09
N LEU A 396 11.97 -7.30 -34.02
CA LEU A 396 11.91 -8.38 -34.99
C LEU A 396 12.20 -7.89 -36.41
N ARG A 397 12.79 -8.77 -37.20
CA ARG A 397 12.80 -8.62 -38.64
C ARG A 397 11.90 -9.71 -39.22
N SER A 398 11.18 -9.37 -40.28
CA SER A 398 10.36 -10.32 -41.01
C SER A 398 11.16 -10.91 -42.16
N VAL A 399 10.49 -11.66 -43.03
CA VAL A 399 11.13 -12.22 -44.22
C VAL A 399 10.38 -11.71 -45.44
N PRO A 400 11.01 -11.62 -46.62
CA PRO A 400 10.28 -11.20 -47.81
C PRO A 400 9.38 -12.30 -48.33
N LEU A 401 8.30 -11.88 -48.99
CA LEU A 401 7.39 -12.81 -49.65
C LEU A 401 7.09 -12.32 -51.06
N ALA A 402 6.42 -13.17 -51.83
CA ALA A 402 6.06 -12.89 -53.21
C ALA A 402 5.16 -11.64 -53.31
N ALA B 7 -13.34 10.31 -19.06
CA ALA B 7 -13.65 10.13 -17.64
C ALA B 7 -13.06 11.28 -16.81
N THR B 8 -12.11 11.99 -17.38
CA THR B 8 -11.46 13.11 -16.69
C THR B 8 -10.97 14.09 -17.73
N PHE B 9 -11.10 15.37 -17.44
CA PHE B 9 -10.58 16.40 -18.32
C PHE B 9 -9.07 16.24 -18.41
N PRO B 10 -8.43 16.86 -19.41
CA PRO B 10 -6.97 16.76 -19.52
C PRO B 10 -6.28 17.22 -18.25
N PRO B 11 -5.39 16.39 -17.70
CA PRO B 11 -4.68 16.79 -16.49
C PRO B 11 -3.85 18.04 -16.73
N CYS B 12 -3.80 18.91 -15.73
CA CYS B 12 -2.92 20.06 -15.74
C CYS B 12 -1.91 19.91 -14.60
N ALA B 13 -0.99 20.87 -14.49
CA ALA B 13 -0.08 20.90 -13.37
C ALA B 13 -0.80 21.35 -12.10
N ARG B 14 -0.37 20.79 -10.97
CA ARG B 14 -0.83 21.20 -9.64
C ARG B 14 -0.89 22.73 -9.54
N LYS B 15 -2.11 23.27 -9.43
CA LYS B 15 -2.27 24.72 -9.54
C LYS B 15 -1.79 25.47 -8.31
N MET B 16 -1.80 24.84 -7.14
CA MET B 16 -1.15 25.37 -5.95
C MET B 16 0.14 24.60 -5.77
N GLU B 17 1.28 25.25 -6.01
CA GLU B 17 2.54 24.54 -6.03
C GLU B 17 2.82 23.85 -4.69
N ARG B 18 3.32 22.65 -4.74
CA ARG B 18 3.72 21.92 -3.55
C ARG B 18 5.19 22.16 -3.26
N ALA B 19 5.60 21.85 -2.03
CA ALA B 19 6.99 21.96 -1.62
C ALA B 19 7.73 20.65 -1.82
N ASP B 20 9.05 20.68 -1.59
CA ASP B 20 9.93 19.58 -1.91
C ASP B 20 10.53 18.88 -0.71
N GLY B 21 11.10 19.60 0.23
CA GLY B 21 11.76 18.96 1.35
C GLY B 21 10.78 18.55 2.42
N PRO B 22 11.31 18.04 3.53
CA PRO B 22 10.44 17.58 4.61
C PRO B 22 9.98 18.73 5.49
N ALA B 23 8.77 18.59 6.04
CA ALA B 23 8.27 19.61 6.95
C ALA B 23 9.17 19.71 8.17
N THR B 24 9.47 20.95 8.58
CA THR B 24 10.53 21.21 9.55
C THR B 24 10.09 22.25 10.60
N VAL B 25 10.47 22.00 11.85
CA VAL B 25 10.27 22.96 12.94
C VAL B 25 11.33 24.06 12.83
N LEU B 26 10.88 25.31 12.67
CA LEU B 26 11.77 26.44 12.58
C LEU B 26 11.88 27.26 13.86
N ALA B 27 11.00 27.03 14.84
CA ALA B 27 11.03 27.80 16.08
C ALA B 27 10.05 27.21 17.05
N ILE B 28 10.37 27.34 18.34
CA ILE B 28 9.50 26.89 19.41
C ILE B 28 9.49 27.94 20.51
N GLY B 29 8.29 28.28 21.00
CA GLY B 29 8.15 29.12 22.16
C GLY B 29 7.08 28.55 23.08
N THR B 30 7.15 28.92 24.35
CA THR B 30 6.21 28.41 25.34
C THR B 30 5.82 29.51 26.32
N ALA B 31 4.72 29.28 27.03
CA ALA B 31 4.20 30.24 27.99
C ALA B 31 3.41 29.48 29.05
N ASN B 32 3.31 30.07 30.24
CA ASN B 32 2.57 29.52 31.37
C ASN B 32 1.91 30.64 32.17
N PRO B 33 0.73 30.37 32.74
CA PRO B 33 0.06 31.37 33.59
C PRO B 33 0.93 31.72 34.78
N PRO B 34 0.65 32.83 35.46
CA PRO B 34 1.62 33.34 36.44
C PRO B 34 1.57 32.69 37.83
N ASN B 35 0.73 31.70 38.08
CA ASN B 35 0.57 31.21 39.45
C ASN B 35 1.23 29.85 39.56
N VAL B 36 2.28 29.76 40.37
CA VAL B 36 3.02 28.52 40.54
C VAL B 36 2.54 27.86 41.82
N PHE B 37 2.16 26.59 41.71
CA PHE B 37 1.70 25.77 42.83
C PHE B 37 2.74 24.70 43.10
N ASP B 38 3.28 24.67 44.31
CA ASP B 38 4.22 23.64 44.70
C ASP B 38 3.47 22.34 44.96
N GLN B 39 3.98 21.24 44.42
CA GLN B 39 3.23 19.99 44.44
C GLN B 39 3.19 19.38 45.84
N SER B 40 4.26 19.51 46.62
CA SER B 40 4.34 18.79 47.89
C SER B 40 3.34 19.33 48.91
N THR B 41 3.00 20.62 48.83
CA THR B 41 2.04 21.26 49.70
C THR B 41 0.69 21.47 49.03
N TYR B 42 0.54 21.05 47.79
CA TYR B 42 -0.72 21.24 47.09
C TYR B 42 -1.93 20.64 47.80
N PRO B 43 -1.86 19.46 48.41
CA PRO B 43 -3.06 18.95 49.11
C PRO B 43 -3.59 19.88 50.19
N ASP B 44 -2.71 20.50 50.98
CA ASP B 44 -3.17 21.47 51.97
C ASP B 44 -3.99 22.56 51.30
N PHE B 45 -3.48 23.12 50.21
CA PHE B 45 -4.24 24.13 49.49
C PHE B 45 -5.52 23.55 48.91
N TYR B 46 -5.44 22.35 48.32
CA TYR B 46 -6.56 21.83 47.54
C TYR B 46 -7.74 21.48 48.44
N PHE B 47 -7.50 20.72 49.50
CA PHE B 47 -8.61 20.35 50.37
C PHE B 47 -9.10 21.50 51.19
N ASN B 48 -8.27 22.52 51.42
CA ASN B 48 -8.78 23.70 52.10
C ASN B 48 -9.71 24.49 51.20
N ILE B 49 -9.30 24.69 49.94
CA ILE B 49 -10.10 25.53 49.03
C ILE B 49 -11.37 24.85 48.57
N THR B 50 -11.48 23.53 48.72
CA THR B 50 -12.69 22.81 48.33
C THR B 50 -13.55 22.46 49.54
N ASN B 51 -13.34 23.11 50.67
CA ASN B 51 -14.11 22.89 51.91
C ASN B 51 -14.14 21.40 52.28
N SER B 52 -12.97 20.76 52.25
CA SER B 52 -12.90 19.31 52.41
C SER B 52 -11.86 18.90 53.43
N ASN B 53 -11.51 19.79 54.35
CA ASN B 53 -10.43 19.52 55.28
C ASN B 53 -10.78 18.40 56.23
N HIS B 54 -12.07 18.13 56.42
CA HIS B 54 -12.53 17.02 57.24
C HIS B 54 -12.34 15.66 56.57
N MET B 55 -12.07 15.61 55.27
CA MET B 55 -11.85 14.34 54.58
C MET B 55 -10.42 13.87 54.75
N THR B 56 -10.13 13.45 55.98
CA THR B 56 -8.77 13.17 56.43
C THR B 56 -8.11 12.08 55.60
N ASP B 57 -8.78 10.94 55.42
CA ASP B 57 -8.15 9.82 54.73
C ASP B 57 -8.06 10.09 53.24
N LEU B 58 -9.07 10.75 52.68
CA LEU B 58 -9.00 11.12 51.28
C LEU B 58 -7.85 12.10 51.04
N LYS B 59 -7.57 12.98 52.01
CA LYS B 59 -6.45 13.90 51.87
C LYS B 59 -5.11 13.15 51.93
N THR B 60 -5.00 12.11 52.77
CA THR B 60 -3.77 11.32 52.78
C THR B 60 -3.54 10.64 51.44
N LYS B 61 -4.58 10.09 50.83
CA LYS B 61 -4.43 9.51 49.50
C LYS B 61 -3.97 10.56 48.50
N PHE B 62 -4.61 11.73 48.48
CA PHE B 62 -4.23 12.77 47.54
C PHE B 62 -2.79 13.20 47.74
N GLN B 63 -2.34 13.24 49.00
CA GLN B 63 -0.94 13.50 49.30
C GLN B 63 -0.04 12.43 48.72
N ARG B 64 -0.46 11.17 48.77
CA ARG B 64 0.32 10.10 48.15
C ARG B 64 0.35 10.24 46.64
N MET B 65 -0.81 10.48 46.02
CA MET B 65 -0.82 10.75 44.59
C MET B 65 0.12 11.88 44.23
N CYS B 66 0.12 12.95 45.03
CA CYS B 66 0.97 14.09 44.72
C CYS B 66 2.45 13.73 44.88
N ASP B 67 2.80 13.07 45.99
CA ASP B 67 4.20 12.69 46.23
C ASP B 67 4.77 11.80 45.13
N LYS B 68 3.95 10.94 44.53
CA LYS B 68 4.41 9.96 43.57
C LYS B 68 4.06 10.35 42.14
N SER B 69 3.67 11.60 41.93
CA SER B 69 3.22 12.07 40.62
C SER B 69 4.37 12.42 39.68
N GLY B 70 5.61 12.46 40.16
CA GLY B 70 6.68 12.92 39.33
C GLY B 70 6.69 14.41 39.06
N ILE B 71 5.83 15.18 39.73
CA ILE B 71 5.69 16.60 39.47
C ILE B 71 6.29 17.39 40.63
N THR B 72 7.03 18.44 40.32
CA THR B 72 7.48 19.32 41.38
C THR B 72 6.61 20.54 41.53
N LYS B 73 6.17 21.13 40.42
CA LYS B 73 5.28 22.27 40.47
C LYS B 73 4.40 22.30 39.22
N ARG B 74 3.32 23.08 39.30
CA ARG B 74 2.46 23.36 38.16
C ARG B 74 2.13 24.84 38.14
N TYR B 75 1.74 25.32 36.96
CA TYR B 75 1.26 26.67 36.76
C TYR B 75 -0.22 26.63 36.42
N MET B 76 -1.00 27.52 37.02
CA MET B 76 -2.43 27.55 36.74
C MET B 76 -2.89 28.99 36.57
N TYR B 77 -3.78 29.19 35.60
CA TYR B 77 -4.47 30.47 35.49
C TYR B 77 -5.25 30.73 36.76
N LEU B 78 -5.78 29.68 37.37
CA LEU B 78 -6.53 29.83 38.61
C LEU B 78 -5.62 30.26 39.74
N ASN B 79 -6.21 30.95 40.70
CA ASN B 79 -5.56 31.22 41.97
C ASN B 79 -6.65 31.15 43.05
N GLU B 80 -6.31 31.51 44.25
CA GLU B 80 -7.22 31.35 45.35
C GLU B 80 -8.36 32.35 45.38
N GLU B 81 -8.15 33.54 44.88
CA GLU B 81 -9.20 34.53 44.79
C GLU B 81 -10.24 34.20 43.73
N ILE B 82 -9.81 33.67 42.61
CA ILE B 82 -10.70 33.28 41.58
C ILE B 82 -11.57 32.09 42.03
N LEU B 83 -10.98 31.14 42.72
CA LEU B 83 -11.72 30.01 43.20
C LEU B 83 -12.69 30.37 44.30
N LYS B 84 -12.26 31.23 45.20
CA LYS B 84 -13.16 31.78 46.17
C LYS B 84 -14.30 32.60 45.59
N ALA B 85 -14.14 33.15 44.41
CA ALA B 85 -15.23 33.82 43.75
C ALA B 85 -16.19 32.90 43.06
N ASN B 86 -15.83 31.64 42.93
CA ASN B 86 -16.62 30.71 42.18
C ASN B 86 -16.85 29.42 42.94
N PRO B 87 -17.71 29.42 43.94
CA PRO B 87 -17.97 28.21 44.71
C PRO B 87 -18.40 27.01 43.93
N ASN B 88 -19.05 27.19 42.81
CA ASN B 88 -19.45 26.09 42.03
C ASN B 88 -18.30 25.37 41.34
N MET B 89 -17.17 26.04 41.15
CA MET B 89 -16.00 25.38 40.62
C MET B 89 -15.30 24.58 41.72
N CYS B 90 -15.43 25.02 42.94
CA CYS B 90 -14.73 24.46 44.05
C CYS B 90 -15.41 23.24 44.61
N ALA B 91 -16.67 23.04 44.28
CA ALA B 91 -17.34 21.82 44.63
C ALA B 91 -17.08 20.71 43.63
N TYR B 92 -17.26 19.48 44.05
CA TYR B 92 -17.11 18.36 43.15
C TYR B 92 -17.99 18.42 41.90
N TRP B 93 -19.26 18.76 42.06
CA TRP B 93 -20.27 18.54 41.06
C TRP B 93 -21.39 19.58 41.03
N GLU B 94 -21.06 20.82 40.75
CA GLU B 94 -22.06 21.83 40.63
C GLU B 94 -21.96 22.53 39.30
N LYS B 95 -23.08 23.04 38.82
CA LYS B 95 -23.13 23.61 37.51
C LYS B 95 -22.18 24.77 37.41
N SER B 96 -21.32 24.79 36.42
CA SER B 96 -20.17 25.64 36.46
C SER B 96 -19.82 26.04 35.04
N LEU B 97 -20.03 25.16 34.09
CA LEU B 97 -19.64 25.36 32.71
C LEU B 97 -19.63 26.79 32.19
N ASP B 98 -20.59 27.60 32.58
CA ASP B 98 -20.66 28.96 32.15
C ASP B 98 -19.50 29.78 32.69
N VAL B 99 -19.28 29.73 33.98
CA VAL B 99 -18.14 30.41 34.54
C VAL B 99 -16.79 29.86 34.09
N ARG B 100 -16.71 28.58 33.83
CA ARG B 100 -15.52 28.04 33.21
C ARG B 100 -15.26 28.51 31.80
N GLN B 101 -16.26 28.53 30.96
CA GLN B 101 -16.14 29.03 29.61
C GLN B 101 -15.77 30.48 29.52
N ASP B 102 -16.25 31.29 30.45
CA ASP B 102 -15.91 32.70 30.50
C ASP B 102 -14.44 32.91 30.73
N MET B 103 -13.82 32.04 31.48
CA MET B 103 -12.39 32.12 31.67
C MET B 103 -11.63 31.62 30.44
N VAL B 104 -11.91 30.39 29.99
CA VAL B 104 -11.03 29.77 29.02
C VAL B 104 -11.23 30.32 27.61
N VAL B 105 -12.44 30.77 27.28
CA VAL B 105 -12.70 31.32 25.95
C VAL B 105 -11.86 32.56 25.70
N VAL B 106 -11.59 33.33 26.75
CA VAL B 106 -10.66 34.43 26.68
C VAL B 106 -9.23 33.97 26.91
N GLU B 107 -8.99 33.16 27.93
CA GLU B 107 -7.62 33.04 28.40
C GLU B 107 -6.79 32.05 27.60
N VAL B 108 -7.36 31.00 27.00
CA VAL B 108 -6.49 30.08 26.28
C VAL B 108 -5.97 30.74 24.99
N PRO B 109 -6.74 31.55 24.26
CA PRO B 109 -6.11 32.30 23.16
C PRO B 109 -5.04 33.27 23.63
N LYS B 110 -5.21 33.87 24.81
CA LYS B 110 -4.21 34.79 25.33
C LYS B 110 -2.90 34.07 25.64
N LEU B 111 -3.00 32.93 26.31
CA LEU B 111 -1.80 32.18 26.62
C LEU B 111 -1.14 31.66 25.35
N GLY B 112 -1.94 31.25 24.37
CA GLY B 112 -1.37 30.92 23.07
C GLY B 112 -0.63 32.10 22.45
N LYS B 113 -1.18 33.30 22.62
CA LYS B 113 -0.58 34.46 21.98
C LYS B 113 0.86 34.66 22.46
N GLU B 114 1.10 34.45 23.75
CA GLU B 114 2.43 34.64 24.30
C GLU B 114 3.39 33.55 23.89
N ALA B 115 2.90 32.33 23.72
CA ALA B 115 3.76 31.28 23.19
C ALA B 115 4.10 31.55 21.74
N ALA B 116 3.12 31.96 20.94
CA ALA B 116 3.35 32.16 19.53
C ALA B 116 4.26 33.35 19.28
N THR B 117 4.09 34.42 20.06
CA THR B 117 4.97 35.58 19.94
C THR B 117 6.42 35.16 20.10
N LYS B 118 6.72 34.39 21.15
CA LYS B 118 8.08 33.95 21.38
C LYS B 118 8.60 33.12 20.23
N ALA B 119 7.74 32.26 19.65
CA ALA B 119 8.16 31.50 18.49
C ALA B 119 8.35 32.39 17.27
N ILE B 120 7.49 33.37 17.07
CA ILE B 120 7.66 34.26 15.93
C ILE B 120 8.95 35.06 16.06
N LYS B 121 9.27 35.51 17.28
CA LYS B 121 10.50 36.29 17.44
C LYS B 121 11.73 35.44 17.14
N GLU B 122 11.79 34.22 17.68
CA GLU B 122 12.93 33.35 17.38
C GLU B 122 13.02 33.08 15.88
N TRP B 123 11.88 32.74 15.26
CA TRP B 123 11.82 32.56 13.82
C TRP B 123 12.40 33.75 13.06
N GLY B 124 12.10 34.96 13.50
CA GLY B 124 12.71 36.15 12.94
C GLY B 124 12.10 36.66 11.67
N GLN B 125 11.09 36.02 11.16
CA GLN B 125 10.42 36.48 9.96
C GLN B 125 9.20 37.33 10.32
N PRO B 126 8.69 38.12 9.39
CA PRO B 126 7.48 38.89 9.68
C PRO B 126 6.21 38.05 9.72
N LYS B 127 5.32 38.38 10.65
CA LYS B 127 4.06 37.67 10.82
C LYS B 127 3.26 37.53 9.52
N SER B 128 3.42 38.45 8.58
CA SER B 128 2.64 38.37 7.37
C SER B 128 3.08 37.24 6.44
N LYS B 129 4.13 36.48 6.78
CA LYS B 129 4.52 35.33 6.00
C LYS B 129 3.95 34.02 6.54
N ILE B 130 3.28 34.07 7.68
CA ILE B 130 2.48 32.95 8.17
C ILE B 130 1.27 32.80 7.27
N THR B 131 1.10 31.62 6.71
CA THR B 131 0.00 31.33 5.81
C THR B 131 -1.03 30.39 6.42
N HIS B 132 -0.69 29.71 7.51
CA HIS B 132 -1.55 28.71 8.09
C HIS B 132 -1.49 28.81 9.62
N VAL B 133 -2.63 28.59 10.27
CA VAL B 133 -2.72 28.58 11.72
C VAL B 133 -3.43 27.29 12.15
N VAL B 134 -2.81 26.54 13.04
CA VAL B 134 -3.40 25.37 13.65
C VAL B 134 -3.48 25.61 15.14
N PHE B 135 -4.68 25.62 15.69
CA PHE B 135 -4.90 25.89 17.11
C PHE B 135 -5.51 24.66 17.78
N CYS B 136 -4.85 24.18 18.82
CA CYS B 136 -5.21 22.94 19.49
C CYS B 136 -5.41 23.19 20.97
N THR B 137 -6.55 22.75 21.48
CA THR B 137 -6.85 22.90 22.89
C THR B 137 -7.84 21.83 23.32
N THR B 138 -7.89 21.60 24.63
CA THR B 138 -8.91 20.79 25.27
C THR B 138 -9.73 21.63 26.25
N SER B 139 -9.57 22.95 26.23
CA SER B 139 -10.07 23.85 27.29
C SER B 139 -11.10 24.82 26.71
N GLY B 140 -12.36 24.42 26.67
CA GLY B 140 -13.44 25.26 26.21
C GLY B 140 -13.55 25.32 24.70
N VAL B 141 -14.71 25.80 24.23
CA VAL B 141 -14.97 26.01 22.82
C VAL B 141 -15.75 27.31 22.67
N ASP B 142 -15.70 27.87 21.47
CA ASP B 142 -16.40 29.10 21.19
C ASP B 142 -16.47 29.28 19.68
N MET B 143 -17.40 30.12 19.23
CA MET B 143 -17.46 30.48 17.81
C MET B 143 -17.51 32.01 17.61
N PRO B 144 -16.59 32.56 16.80
CA PRO B 144 -15.46 31.89 16.17
C PRO B 144 -14.51 31.34 17.19
N GLY B 145 -13.62 30.44 16.77
CA GLY B 145 -12.79 29.70 17.69
C GLY B 145 -11.61 30.50 18.22
N ALA B 146 -10.85 29.82 19.06
CA ALA B 146 -9.57 30.33 19.53
C ALA B 146 -8.59 30.59 18.39
N ASP B 147 -8.79 29.93 17.25
CA ASP B 147 -7.94 30.17 16.10
C ASP B 147 -8.20 31.56 15.52
N TRP B 148 -9.46 31.95 15.45
CA TRP B 148 -9.76 33.29 14.97
C TRP B 148 -9.31 34.31 15.99
N ALA B 149 -9.40 33.99 17.29
CA ALA B 149 -8.99 34.95 18.29
C ALA B 149 -7.49 35.17 18.25
N LEU B 150 -6.71 34.10 18.03
CA LEU B 150 -5.26 34.24 17.97
C LEU B 150 -4.85 35.03 16.76
N THR B 151 -5.52 34.82 15.62
CA THR B 151 -5.26 35.60 14.42
C THR B 151 -5.42 37.09 14.70
N LYS B 152 -6.50 37.44 15.41
CA LYS B 152 -6.76 38.81 15.78
C LYS B 152 -5.72 39.33 16.75
N LEU B 153 -5.41 38.54 17.80
CA LEU B 153 -4.49 39.02 18.83
C LEU B 153 -3.10 39.27 18.26
N LEU B 154 -2.69 38.50 17.27
CA LEU B 154 -1.39 38.63 16.64
C LEU B 154 -1.39 39.54 15.41
N GLY B 155 -2.55 39.90 14.89
CA GLY B 155 -2.58 40.66 13.65
C GLY B 155 -1.99 39.94 12.45
N LEU B 156 -2.24 38.64 12.32
CA LEU B 156 -1.88 37.91 11.12
C LEU B 156 -2.74 38.38 9.95
N ARG B 157 -2.38 37.95 8.75
CA ARG B 157 -3.16 38.30 7.58
C ARG B 157 -4.57 37.74 7.72
N PRO B 158 -5.60 38.49 7.32
CA PRO B 158 -6.96 37.94 7.35
C PRO B 158 -7.15 36.73 6.45
N SER B 159 -6.23 36.44 5.53
CA SER B 159 -6.37 35.30 4.64
C SER B 159 -5.66 34.04 5.15
N VAL B 160 -5.21 33.99 6.41
CA VAL B 160 -4.57 32.79 6.93
C VAL B 160 -5.52 31.61 6.88
N LYS B 161 -5.03 30.47 6.41
CA LYS B 161 -5.81 29.25 6.35
C LYS B 161 -5.77 28.61 7.74
N ARG B 162 -6.90 28.61 8.41
CA ARG B 162 -6.94 28.19 9.81
C ARG B 162 -7.46 26.77 9.93
N LEU B 163 -6.99 26.09 10.97
CA LEU B 163 -7.53 24.79 11.35
C LEU B 163 -7.64 24.76 12.87
N MET B 164 -8.86 24.78 13.36
CA MET B 164 -9.17 24.85 14.79
C MET B 164 -9.48 23.46 15.31
N MET B 165 -8.75 23.03 16.34
CA MET B 165 -8.86 21.69 16.91
C MET B 165 -9.30 21.78 18.37
N TYR B 166 -10.59 21.53 18.62
CA TYR B 166 -11.18 21.58 19.95
C TYR B 166 -11.37 20.18 20.54
N GLN B 167 -11.46 20.12 21.87
CA GLN B 167 -11.73 18.90 22.64
C GLN B 167 -10.87 17.74 22.21
N GLN B 168 -9.59 17.99 22.05
CA GLN B 168 -8.71 17.00 21.47
C GLN B 168 -8.24 15.99 22.50
N GLY B 169 -7.66 16.44 23.63
CA GLY B 169 -7.03 15.56 24.59
C GLY B 169 -5.54 15.42 24.37
N CYS B 170 -4.92 14.62 25.25
CA CYS B 170 -3.47 14.60 25.41
C CYS B 170 -2.70 13.99 24.23
N PHE B 171 -3.34 13.25 23.34
CA PHE B 171 -2.54 12.71 22.23
C PHE B 171 -2.25 13.76 21.15
N ALA B 172 -2.89 14.92 21.24
CA ALA B 172 -3.00 15.80 20.09
C ALA B 172 -1.77 16.69 19.88
N GLY B 173 -0.81 16.70 20.78
CA GLY B 173 0.49 17.24 20.43
C GLY B 173 1.08 16.50 19.25
N GLY B 174 0.88 15.18 19.20
CA GLY B 174 1.28 14.43 18.03
C GLY B 174 0.39 14.72 16.84
N THR B 175 -0.91 14.87 17.07
CA THR B 175 -1.82 15.13 15.94
C THR B 175 -1.41 16.40 15.19
N VAL B 176 -1.08 17.47 15.91
CA VAL B 176 -0.77 18.72 15.21
C VAL B 176 0.52 18.56 14.39
N MET B 177 1.46 17.73 14.84
CA MET B 177 2.61 17.44 13.98
C MET B 177 2.15 16.78 12.68
N ARG B 178 1.30 15.76 12.79
CA ARG B 178 0.76 15.11 11.60
C ARG B 178 0.02 16.11 10.71
N VAL B 179 -0.80 16.97 11.32
CA VAL B 179 -1.50 18.01 10.57
C VAL B 179 -0.52 18.96 9.90
N ALA B 180 0.41 19.51 10.68
CA ALA B 180 1.29 20.51 10.10
C ALA B 180 2.11 19.92 8.98
N LYS B 181 2.41 18.62 9.06
CA LYS B 181 3.26 17.99 8.05
C LYS B 181 2.65 18.15 6.66
N ASP B 182 1.37 17.80 6.50
CA ASP B 182 0.76 17.88 5.19
C ASP B 182 0.57 19.32 4.72
N LEU B 183 0.27 20.24 5.63
CA LEU B 183 0.08 21.63 5.22
C LEU B 183 1.35 22.19 4.61
N ALA B 184 2.50 21.97 5.27
CA ALA B 184 3.77 22.55 4.85
C ALA B 184 4.31 21.87 3.61
N GLU B 185 4.17 20.55 3.51
CA GLU B 185 4.75 19.86 2.39
C GLU B 185 3.91 20.01 1.13
N ASN B 186 2.59 20.06 1.24
CA ASN B 186 1.81 20.17 0.02
C ASN B 186 1.62 21.59 -0.45
N ASN B 187 2.28 22.58 0.17
CA ASN B 187 2.11 23.98 -0.23
C ASN B 187 3.44 24.71 -0.20
N LYS B 188 4.00 24.99 -1.36
CA LYS B 188 5.27 25.71 -1.43
C LYS B 188 5.11 27.10 -0.84
N GLY B 189 6.03 27.47 0.04
CA GLY B 189 5.96 28.74 0.75
C GLY B 189 5.10 28.73 1.99
N ALA B 190 4.36 27.65 2.26
CA ALA B 190 3.55 27.58 3.46
C ALA B 190 4.43 27.68 4.70
N ARG B 191 3.98 28.50 5.65
CA ARG B 191 4.61 28.62 6.96
C ARG B 191 3.51 28.50 7.99
N VAL B 192 3.50 27.38 8.72
CA VAL B 192 2.38 27.02 9.58
C VAL B 192 2.72 27.44 11.02
N LEU B 193 1.81 28.17 11.65
CA LEU B 193 1.91 28.49 13.07
C LEU B 193 1.03 27.53 13.87
N VAL B 194 1.65 26.69 14.67
CA VAL B 194 0.95 25.70 15.46
C VAL B 194 0.99 26.14 16.93
N VAL B 195 -0.17 26.11 17.60
CA VAL B 195 -0.27 26.52 18.98
C VAL B 195 -1.13 25.51 19.72
N CYS B 196 -0.59 24.94 20.80
CA CYS B 196 -1.35 24.13 21.74
C CYS B 196 -1.41 24.90 23.05
N SER B 197 -2.63 25.16 23.55
CA SER B 197 -2.81 25.94 24.76
C SER B 197 -3.87 25.31 25.65
N GLU B 198 -3.53 25.05 26.91
CA GLU B 198 -4.39 24.28 27.79
C GLU B 198 -4.51 24.95 29.15
N LEU B 199 -5.74 25.09 29.65
CA LEU B 199 -5.98 25.66 30.96
C LEU B 199 -6.87 24.73 31.79
N THR B 200 -6.46 24.46 33.02
CA THR B 200 -7.23 23.51 33.82
C THR B 200 -8.52 24.09 34.38
N ALA B 201 -8.81 25.36 34.10
CA ALA B 201 -10.05 25.95 34.60
C ALA B 201 -11.28 25.16 34.16
N VAL B 202 -11.23 24.48 33.01
CA VAL B 202 -12.36 23.63 32.64
C VAL B 202 -12.47 22.41 33.53
N THR B 203 -11.38 22.03 34.18
CA THR B 203 -11.29 20.69 34.72
C THR B 203 -11.19 20.64 36.24
N PHE B 204 -10.80 21.73 36.89
CA PHE B 204 -10.68 21.77 38.35
C PHE B 204 -12.01 21.46 39.03
N ARG B 205 -11.97 20.71 40.13
CA ARG B 205 -13.16 20.43 40.90
C ARG B 205 -12.78 19.78 42.22
N GLY B 206 -13.67 19.92 43.20
CA GLY B 206 -13.48 19.38 44.51
C GLY B 206 -13.47 17.86 44.52
N PRO B 207 -13.07 17.27 45.64
CA PRO B 207 -12.83 15.84 45.68
C PRO B 207 -14.07 15.01 45.98
N SER B 208 -14.09 13.80 45.44
CA SER B 208 -15.11 12.80 45.77
C SER B 208 -14.43 11.48 46.11
N GLU B 209 -14.77 10.89 47.25
CA GLU B 209 -14.07 9.66 47.61
C GLU B 209 -14.55 8.45 46.83
N THR B 210 -15.61 8.59 46.04
CA THR B 210 -16.03 7.51 45.15
C THR B 210 -15.68 7.80 43.69
N HIS B 211 -14.74 8.72 43.45
CA HIS B 211 -14.26 9.04 42.09
C HIS B 211 -12.78 9.40 42.18
N LEU B 212 -11.97 8.41 42.55
CA LEU B 212 -10.56 8.64 42.78
C LEU B 212 -9.79 8.93 41.49
N ASP B 213 -10.31 8.53 40.33
CA ASP B 213 -9.61 8.88 39.10
C ASP B 213 -9.73 10.37 38.81
N SER B 214 -10.89 10.97 39.12
CA SER B 214 -11.00 12.42 39.03
C SER B 214 -10.00 13.10 39.95
N LEU B 215 -9.73 12.51 41.10
CA LEU B 215 -8.73 13.06 42.01
C LEU B 215 -7.33 12.93 41.43
N VAL B 216 -7.07 11.87 40.65
CA VAL B 216 -5.81 11.76 39.93
C VAL B 216 -5.64 12.92 38.97
N GLY B 217 -6.71 13.30 38.28
CA GLY B 217 -6.61 14.44 37.38
C GLY B 217 -6.25 15.72 38.12
N GLN B 218 -6.79 15.89 39.32
CA GLN B 218 -6.49 17.08 40.10
C GLN B 218 -5.03 17.14 40.49
N ALA B 219 -4.37 16.00 40.64
CA ALA B 219 -2.96 15.96 40.97
C ALA B 219 -2.04 16.16 39.77
N LEU B 220 -2.49 15.89 38.56
CA LEU B 220 -1.58 15.78 37.42
C LEU B 220 -1.60 17.00 36.51
N PHE B 221 -2.77 17.56 36.27
CA PHE B 221 -2.93 18.48 35.16
C PHE B 221 -2.48 19.89 35.51
N GLY B 222 -1.73 20.50 34.58
CA GLY B 222 -1.22 21.84 34.74
C GLY B 222 -1.48 22.67 33.49
N ASP B 223 -1.15 23.96 33.57
CA ASP B 223 -1.44 24.86 32.48
C ASP B 223 -0.16 25.18 31.69
N GLY B 224 -0.34 25.42 30.40
CA GLY B 224 0.77 25.86 29.57
C GLY B 224 0.33 25.99 28.14
N ALA B 225 1.14 26.71 27.37
CA ALA B 225 0.95 26.80 25.93
C ALA B 225 2.30 26.67 25.23
N SER B 226 2.28 26.06 24.05
CA SER B 226 3.47 25.90 23.27
C SER B 226 3.15 26.20 21.82
N ALA B 227 4.14 26.67 21.08
CA ALA B 227 3.95 27.12 19.70
C ALA B 227 5.18 26.83 18.86
N ILE B 228 4.95 26.38 17.63
CA ILE B 228 6.04 26.12 16.70
C ILE B 228 5.71 26.78 15.38
N ILE B 229 6.77 27.00 14.59
CA ILE B 229 6.65 27.34 13.17
C ILE B 229 7.09 26.12 12.38
N VAL B 230 6.27 25.69 11.43
CA VAL B 230 6.58 24.54 10.57
C VAL B 230 6.60 25.02 9.13
N GLY B 231 7.70 24.74 8.44
CA GLY B 231 7.78 25.06 7.03
C GLY B 231 8.61 24.01 6.35
N ALA B 232 8.28 23.73 5.10
CA ALA B 232 9.18 22.95 4.27
C ALA B 232 10.07 23.90 3.49
N ASP B 233 11.25 23.39 3.11
CA ASP B 233 12.31 24.10 2.41
C ASP B 233 12.70 25.37 3.14
N PRO B 234 13.39 25.25 4.27
CA PRO B 234 13.77 26.43 5.04
C PRO B 234 14.73 27.28 4.23
N ILE B 235 14.62 28.60 4.38
CA ILE B 235 15.43 29.50 3.56
C ILE B 235 16.86 29.48 4.08
N PRO B 236 17.85 29.13 3.26
CA PRO B 236 19.23 29.01 3.76
C PRO B 236 19.73 30.34 4.26
N GLU B 237 20.29 30.32 5.48
CA GLU B 237 20.87 31.47 6.14
C GLU B 237 19.84 32.51 6.56
N VAL B 238 18.57 32.16 6.60
CA VAL B 238 17.53 33.07 7.08
C VAL B 238 16.73 32.38 8.18
N GLU B 239 16.22 31.18 7.88
CA GLU B 239 15.52 30.38 8.85
C GLU B 239 16.45 29.28 9.36
N ARG B 240 16.09 28.69 10.48
CA ARG B 240 16.96 27.75 11.16
C ARG B 240 16.18 26.49 11.49
N PRO B 241 16.53 25.36 10.90
CA PRO B 241 15.78 24.13 11.15
C PRO B 241 16.19 23.50 12.46
N TRP B 242 15.24 22.92 13.15
CA TRP B 242 15.58 22.24 14.38
C TRP B 242 15.22 20.77 14.36
N PHE B 243 14.09 20.42 13.77
CA PHE B 243 13.66 19.02 13.65
C PHE B 243 12.89 18.89 12.35
N GLU B 244 13.03 17.73 11.72
CA GLU B 244 12.31 17.38 10.51
C GLU B 244 11.31 16.28 10.81
N ILE B 245 10.12 16.39 10.23
CA ILE B 245 9.06 15.39 10.36
C ILE B 245 9.12 14.46 9.16
N HIS B 246 9.40 13.18 9.39
CA HIS B 246 9.50 12.24 8.28
C HIS B 246 8.42 11.18 8.26
N TYR B 247 7.90 10.77 9.40
CA TYR B 247 6.87 9.73 9.41
C TYR B 247 5.86 10.01 10.51
N VAL B 248 4.59 9.76 10.20
CA VAL B 248 3.50 9.94 11.16
C VAL B 248 2.59 8.73 11.07
N ALA B 249 2.14 8.26 12.23
CA ALA B 249 1.13 7.21 12.30
C ALA B 249 0.17 7.50 13.45
N SER B 250 -0.98 6.84 13.38
CA SER B 250 -2.01 6.94 14.39
C SER B 250 -2.52 5.53 14.69
N ASN B 251 -2.83 5.25 15.96
CA ASN B 251 -3.24 3.89 16.32
C ASN B 251 -4.19 3.91 17.52
N ILE B 252 -5.36 3.30 17.38
CA ILE B 252 -6.19 2.99 18.54
C ILE B 252 -5.71 1.68 19.14
N LEU B 253 -5.32 1.70 20.38
CA LEU B 253 -4.65 0.53 20.92
C LEU B 253 -5.68 -0.53 21.30
N PRO B 254 -5.37 -1.80 21.09
CA PRO B 254 -6.38 -2.84 21.28
C PRO B 254 -6.74 -3.03 22.74
N ASP B 255 -7.94 -3.54 22.94
CA ASP B 255 -8.50 -3.81 24.27
C ASP B 255 -8.40 -2.58 25.16
N SER B 256 -8.67 -1.40 24.59
CA SER B 256 -8.56 -0.15 25.34
C SER B 256 -9.86 0.63 25.38
N ASP B 257 -10.97 0.01 24.99
CA ASP B 257 -12.26 0.67 24.97
C ASP B 257 -12.58 1.28 26.31
N GLY B 258 -12.64 2.61 26.39
CA GLY B 258 -13.01 3.26 27.62
C GLY B 258 -11.89 3.54 28.58
N ALA B 259 -10.64 3.49 28.13
CA ALA B 259 -9.50 3.72 29.02
C ALA B 259 -9.47 5.15 29.54
N ILE B 260 -9.68 6.13 28.67
CA ILE B 260 -9.70 7.53 29.05
C ILE B 260 -10.89 8.16 28.36
N ASP B 261 -11.84 8.70 29.14
CA ASP B 261 -13.00 9.40 28.62
C ASP B 261 -13.03 10.82 29.17
N GLY B 262 -13.54 11.74 28.35
CA GLY B 262 -13.71 13.10 28.81
C GLY B 262 -15.02 13.68 28.30
N HIS B 263 -15.88 14.14 29.19
CA HIS B 263 -17.20 14.66 28.85
C HIS B 263 -17.32 16.12 29.27
N LEU B 264 -17.84 16.93 28.36
CA LEU B 264 -18.12 18.34 28.66
C LEU B 264 -19.55 18.44 29.15
N ARG B 265 -19.72 18.79 30.41
CA ARG B 265 -21.05 18.77 31.03
C ARG B 265 -21.34 20.12 31.67
N GLU B 266 -22.53 20.24 32.25
CA GLU B 266 -22.90 21.46 32.93
C GLU B 266 -21.98 21.74 34.11
N VAL B 267 -21.31 20.72 34.64
CA VAL B 267 -20.38 20.87 35.75
C VAL B 267 -18.94 21.05 35.29
N GLY B 268 -18.73 21.26 34.00
CA GLY B 268 -17.40 21.36 33.48
C GLY B 268 -16.97 20.15 32.68
N LEU B 269 -15.66 20.01 32.51
CA LEU B 269 -15.08 18.87 31.82
C LEU B 269 -14.79 17.78 32.84
N THR B 270 -15.26 16.57 32.56
CA THR B 270 -15.13 15.45 33.48
C THR B 270 -14.10 14.46 32.96
N PHE B 271 -13.33 13.88 33.88
CA PHE B 271 -12.18 13.06 33.58
C PHE B 271 -12.40 11.65 34.17
N HIS B 272 -12.17 10.62 33.36
CA HIS B 272 -12.42 9.24 33.77
C HIS B 272 -11.30 8.32 33.29
N LEU B 273 -10.70 7.57 34.21
CA LEU B 273 -9.72 6.52 33.90
C LEU B 273 -10.28 5.17 34.31
N MET B 274 -10.57 4.31 33.33
CA MET B 274 -11.29 3.06 33.58
C MET B 274 -10.53 1.82 33.12
N LYS B 275 -9.31 1.96 32.64
CA LYS B 275 -8.44 0.83 32.35
C LYS B 275 -7.04 1.17 32.84
N ASP B 276 -6.17 0.17 32.86
CA ASP B 276 -4.78 0.38 33.22
C ASP B 276 -4.13 1.04 32.01
N VAL B 277 -4.14 2.36 32.01
CA VAL B 277 -3.56 3.09 30.88
C VAL B 277 -2.10 2.76 30.66
N PRO B 278 -1.21 2.80 31.66
CA PRO B 278 0.19 2.46 31.39
C PRO B 278 0.39 1.04 30.93
N GLY B 279 -0.46 0.11 31.37
CA GLY B 279 -0.35 -1.25 30.89
C GLY B 279 -0.68 -1.37 29.42
N ILE B 280 -1.71 -0.66 28.98
CA ILE B 280 -2.13 -0.77 27.59
C ILE B 280 -1.08 -0.20 26.66
N ILE B 281 -0.52 0.95 27.02
CA ILE B 281 0.45 1.60 26.16
C ILE B 281 1.73 0.79 26.10
N SER B 282 2.25 0.40 27.26
CA SER B 282 3.53 -0.30 27.27
C SER B 282 3.40 -1.70 26.68
N LYS B 283 2.24 -2.33 26.84
CA LYS B 283 2.01 -3.61 26.21
C LYS B 283 2.03 -3.51 24.69
N ASN B 284 1.63 -2.38 24.13
CA ASN B 284 1.45 -2.30 22.70
C ASN B 284 2.45 -1.39 22.01
N ILE B 285 3.21 -0.62 22.78
CA ILE B 285 4.12 0.37 22.19
C ILE B 285 5.13 -0.30 21.27
N GLY B 286 5.52 -1.53 21.58
CA GLY B 286 6.60 -2.18 20.83
C GLY B 286 6.23 -2.47 19.39
N THR B 287 5.08 -3.12 19.18
CA THR B 287 4.69 -3.39 17.80
C THR B 287 4.37 -2.10 17.06
N VAL B 288 3.94 -1.05 17.78
CA VAL B 288 3.75 0.25 17.16
C VAL B 288 5.06 0.82 16.65
N LEU B 289 6.08 0.87 17.52
CA LEU B 289 7.36 1.40 17.07
C LEU B 289 8.05 0.48 16.06
N LYS B 290 7.83 -0.84 16.17
CA LYS B 290 8.44 -1.76 15.22
C LYS B 290 8.02 -1.42 13.79
N ASP B 291 6.72 -1.17 13.59
CA ASP B 291 6.24 -0.76 12.27
C ASP B 291 6.79 0.58 11.87
N ALA B 292 6.70 1.58 12.76
CA ALA B 292 7.24 2.90 12.46
C ALA B 292 8.69 2.80 12.01
N PHE B 293 9.50 2.00 12.71
CA PHE B 293 10.92 1.91 12.37
C PHE B 293 11.15 1.15 11.07
N GLU B 294 10.25 0.25 10.72
CA GLU B 294 10.46 -0.52 9.49
C GLU B 294 10.14 0.31 8.26
N LYS B 295 9.16 1.20 8.37
CA LYS B 295 8.82 2.04 7.22
C LYS B 295 9.89 3.09 6.98
N VAL B 296 10.45 3.64 8.04
CA VAL B 296 11.45 4.66 7.93
C VAL B 296 12.79 4.07 7.53
N PHE B 297 13.18 3.00 8.18
CA PHE B 297 14.54 2.56 8.10
C PHE B 297 14.72 1.32 7.27
N GLY B 298 13.64 0.66 6.92
CA GLY B 298 13.74 -0.67 6.41
C GLY B 298 14.11 -1.61 7.53
N ASN B 299 14.86 -2.64 7.21
CA ASN B 299 15.11 -3.73 8.11
C ASN B 299 16.37 -4.48 7.72
N GLU B 300 17.32 -3.76 7.17
CA GLU B 300 18.62 -4.31 6.92
C GLU B 300 19.55 -4.07 8.12
N GLU B 301 20.15 -5.15 8.62
CA GLU B 301 21.60 -5.33 8.79
C GLU B 301 22.30 -4.08 9.22
N GLY B 302 22.09 -3.68 10.46
CA GLY B 302 22.85 -2.59 11.02
C GLY B 302 22.38 -1.23 10.55
N GLU B 303 21.17 -1.16 10.05
CA GLU B 303 20.67 0.10 9.60
C GLU B 303 19.44 0.59 10.34
N VAL B 304 18.92 -0.20 11.25
CA VAL B 304 17.91 0.27 12.16
C VAL B 304 18.47 0.64 13.51
N PRO B 305 18.36 1.90 13.85
CA PRO B 305 18.71 2.39 15.16
C PRO B 305 17.94 1.73 16.27
N SER B 306 18.63 1.55 17.36
CA SER B 306 18.07 0.97 18.56
C SER B 306 17.23 2.00 19.28
N TYR B 307 16.27 1.55 20.07
CA TYR B 307 15.48 2.50 20.84
C TYR B 307 16.33 3.30 21.80
N ASN B 308 17.47 2.74 22.21
CA ASN B 308 18.40 3.49 23.03
C ASN B 308 19.25 4.46 22.25
N ASP B 309 19.21 4.41 20.92
CA ASP B 309 20.05 5.23 20.04
C ASP B 309 19.24 6.26 19.28
N VAL B 310 18.00 6.51 19.71
CA VAL B 310 17.19 7.58 19.19
C VAL B 310 16.86 8.53 20.34
N PHE B 311 16.32 9.70 20.02
CA PHE B 311 15.89 10.61 21.07
C PHE B 311 14.38 10.48 21.27
N TRP B 312 13.92 10.75 22.49
CA TRP B 312 12.55 10.47 22.90
C TRP B 312 11.86 11.72 23.40
N ILE B 313 10.68 11.95 22.84
CA ILE B 313 9.73 12.98 23.29
C ILE B 313 8.43 12.22 23.53
N ALA B 314 8.16 11.86 24.78
CA ALA B 314 6.99 11.06 25.12
C ALA B 314 6.02 11.89 25.95
N HIS B 315 4.78 11.94 25.54
CA HIS B 315 3.78 12.64 26.32
C HIS B 315 3.72 12.07 27.73
N PRO B 316 3.93 12.86 28.76
CA PRO B 316 3.97 12.36 30.14
C PRO B 316 2.61 12.34 30.84
N GLY B 317 1.69 11.51 30.33
CA GLY B 317 0.36 11.42 30.93
C GLY B 317 0.38 11.17 32.43
N GLY B 318 1.32 10.35 32.89
CA GLY B 318 1.62 10.19 34.30
C GLY B 318 2.95 9.47 34.41
N PRO B 319 3.55 9.46 35.59
CA PRO B 319 4.87 8.81 35.73
C PRO B 319 4.83 7.32 35.41
N ALA B 320 3.73 6.64 35.71
CA ALA B 320 3.65 5.22 35.43
C ALA B 320 3.77 4.92 33.94
N ILE B 321 3.33 5.84 33.07
CA ILE B 321 3.45 5.59 31.64
C ILE B 321 4.91 5.57 31.21
N LEU B 322 5.68 6.58 31.62
CA LEU B 322 7.10 6.58 31.26
C LEU B 322 7.84 5.42 31.94
N ASP B 323 7.49 5.13 33.20
CA ASP B 323 8.12 4.02 33.93
C ASP B 323 7.90 2.69 33.24
N GLN B 324 6.66 2.43 32.79
CA GLN B 324 6.37 1.12 32.25
C GLN B 324 6.85 1.00 30.80
N VAL B 325 6.92 2.11 30.06
CA VAL B 325 7.45 2.00 28.71
C VAL B 325 8.95 1.83 28.77
N GLU B 326 9.60 2.56 29.67
CA GLU B 326 11.03 2.35 29.88
C GLU B 326 11.30 0.91 30.26
N GLN B 327 10.46 0.33 31.11
CA GLN B 327 10.72 -1.04 31.54
C GLN B 327 10.45 -2.04 30.43
N LYS B 328 9.34 -1.85 29.70
CA LYS B 328 8.96 -2.88 28.72
C LYS B 328 9.95 -2.93 27.57
N LEU B 329 10.44 -1.78 27.14
CA LEU B 329 11.41 -1.69 26.06
C LEU B 329 12.84 -1.69 26.58
N GLN B 330 13.03 -1.78 27.89
CA GLN B 330 14.36 -1.84 28.49
C GLN B 330 15.23 -0.67 28.03
N LEU B 331 14.66 0.52 28.05
CA LEU B 331 15.44 1.71 27.74
C LEU B 331 16.35 2.05 28.90
N LYS B 332 17.51 2.57 28.59
CA LYS B 332 18.32 3.18 29.65
C LYS B 332 17.61 4.43 30.14
N THR B 333 17.88 4.80 31.39
CA THR B 333 17.01 5.76 32.04
C THR B 333 17.18 7.15 31.49
N GLU B 334 18.25 7.39 30.74
CA GLU B 334 18.43 8.70 30.13
C GLU B 334 17.38 8.98 29.06
N LYS B 335 16.77 7.94 28.51
CA LYS B 335 15.87 8.10 27.35
C LYS B 335 14.63 8.91 27.71
N MET B 336 14.10 8.74 28.91
CA MET B 336 12.93 9.46 29.35
C MET B 336 13.28 10.74 30.09
N ALA B 337 14.56 11.09 30.17
CA ALA B 337 14.99 12.21 30.99
C ALA B 337 14.30 13.51 30.59
N ALA B 338 14.34 13.86 29.30
CA ALA B 338 13.73 15.11 28.88
C ALA B 338 12.22 15.11 29.17
N SER B 339 11.56 14.00 28.91
CA SER B 339 10.12 13.90 29.16
C SER B 339 9.82 14.00 30.65
N ARG B 340 10.65 13.37 31.49
CA ARG B 340 10.44 13.43 32.93
C ARG B 340 10.71 14.84 33.46
N GLN B 341 11.68 15.54 32.87
CA GLN B 341 12.01 16.87 33.35
C GLN B 341 10.85 17.83 33.16
N VAL B 342 10.12 17.70 32.05
CA VAL B 342 8.98 18.58 31.82
C VAL B 342 7.81 18.21 32.74
N LEU B 343 7.60 16.91 32.97
CA LEU B 343 6.59 16.51 33.94
C LEU B 343 6.91 17.10 35.32
N SER B 344 8.18 17.11 35.70
CA SER B 344 8.59 17.62 37.00
C SER B 344 8.31 19.13 37.10
N ASP B 345 8.68 19.89 36.07
CA ASP B 345 8.62 21.33 36.10
C ASP B 345 7.23 21.89 35.81
N TYR B 346 6.36 21.17 35.10
CA TYR B 346 5.05 21.73 34.75
C TYR B 346 3.86 20.84 34.99
N GLY B 347 4.02 19.57 35.33
CA GLY B 347 2.87 18.70 35.36
C GLY B 347 2.43 18.31 33.97
N ASN B 348 1.23 17.73 33.89
CA ASN B 348 0.67 17.25 32.64
C ASN B 348 -0.15 18.39 32.02
N MET B 349 0.39 19.00 30.97
CA MET B 349 -0.25 20.08 30.24
C MET B 349 -0.95 19.60 28.99
N SER B 350 -1.42 18.35 28.98
CA SER B 350 -2.22 17.76 27.89
C SER B 350 -1.49 17.98 26.56
N SER B 351 -2.14 18.55 25.53
CA SER B 351 -1.56 18.60 24.19
C SER B 351 -0.30 19.45 24.12
N ALA B 352 -0.10 20.38 25.05
CA ALA B 352 1.07 21.26 25.02
C ALA B 352 2.36 20.58 25.44
N CYS B 353 2.31 19.44 26.11
CA CYS B 353 3.52 18.86 26.71
C CYS B 353 4.68 18.56 25.85
N VAL B 354 4.44 17.92 24.72
CA VAL B 354 5.46 17.34 23.90
C VAL B 354 6.29 18.37 23.18
N LEU B 355 5.69 19.49 22.92
CA LEU B 355 6.37 20.60 22.37
C LEU B 355 7.19 21.33 23.43
N PHE B 356 6.72 21.46 24.66
CA PHE B 356 7.62 21.82 25.78
C PHE B 356 8.83 20.89 25.87
N ILE B 357 8.62 19.59 25.87
CA ILE B 357 9.68 18.60 25.79
C ILE B 357 10.66 18.75 24.64
N MET B 358 10.15 19.07 23.47
CA MET B 358 10.99 19.33 22.31
C MET B 358 11.84 20.56 22.53
N ASP B 359 11.26 21.63 23.09
CA ASP B 359 12.03 22.82 23.36
C ASP B 359 13.13 22.53 24.37
N HIS B 360 12.80 21.94 25.48
CA HIS B 360 13.76 21.50 26.42
C HIS B 360 14.90 20.67 25.85
N LEU B 361 14.61 19.76 24.95
CA LEU B 361 15.58 18.91 24.40
C LEU B 361 16.63 19.61 23.56
N ARG B 362 16.20 20.43 22.64
CA ARG B 362 17.09 21.18 21.83
C ARG B 362 17.89 22.18 22.66
N LYS B 363 17.24 22.89 23.57
CA LYS B 363 17.95 23.86 24.38
C LYS B 363 19.06 23.20 25.18
N LYS B 364 18.74 22.09 25.84
CA LYS B 364 19.73 21.34 26.60
C LYS B 364 20.81 20.77 25.71
N SER B 365 20.44 20.32 24.51
CA SER B 365 21.45 19.86 23.55
C SER B 365 22.41 20.98 23.20
N VAL B 366 21.88 22.17 22.96
CA VAL B 366 22.74 23.31 22.68
C VAL B 366 23.63 23.61 23.89
N GLU B 367 23.03 23.68 25.08
CA GLU B 367 23.79 24.10 26.24
C GLU B 367 24.92 23.13 26.56
N GLN B 368 24.71 21.83 26.34
CA GLN B 368 25.71 20.82 26.60
C GLN B 368 26.66 20.60 25.43
N LYS B 369 26.50 21.34 24.34
CA LYS B 369 27.36 21.21 23.16
C LYS B 369 27.29 19.81 22.55
N LEU B 370 26.14 19.17 22.62
CA LEU B 370 25.99 17.87 22.00
C LEU B 370 26.03 18.00 20.48
N ALA B 371 26.00 16.86 19.79
CA ALA B 371 26.27 16.85 18.37
C ALA B 371 25.04 17.12 17.50
N THR B 372 23.82 16.85 18.01
CA THR B 372 22.59 17.19 17.31
C THR B 372 21.61 17.83 18.27
N SER B 373 20.57 18.43 17.69
CA SER B 373 19.50 19.02 18.48
C SER B 373 18.70 17.97 19.24
N GLY B 374 18.87 16.70 18.93
CA GLY B 374 18.16 15.65 19.62
C GLY B 374 19.09 14.84 20.49
N GLU B 375 19.77 15.49 21.43
CA GLU B 375 20.63 14.83 22.40
C GLU B 375 21.83 14.17 21.76
N GLY B 376 22.20 14.57 20.56
CA GLY B 376 23.27 13.92 19.84
C GLY B 376 22.84 12.80 18.91
N TYR B 377 21.62 12.29 19.07
CA TYR B 377 21.10 11.28 18.15
C TYR B 377 20.56 11.94 16.88
N GLU B 378 20.64 11.21 15.76
CA GLU B 378 20.12 11.71 14.49
C GLU B 378 18.59 11.58 14.41
N TRP B 379 18.05 10.48 14.92
CA TRP B 379 16.64 10.18 14.78
C TRP B 379 15.99 10.12 16.16
N GLY B 380 14.68 10.37 16.16
CA GLY B 380 13.92 10.40 17.41
C GLY B 380 12.43 10.15 17.21
N LEU B 381 11.76 10.01 18.34
CA LEU B 381 10.32 9.76 18.42
C LEU B 381 9.64 10.88 19.19
N LEU B 382 8.49 11.30 18.67
CA LEU B 382 7.54 12.10 19.43
C LEU B 382 6.31 11.25 19.61
N LEU B 383 5.83 11.13 20.83
CA LEU B 383 4.71 10.25 21.15
C LEU B 383 3.63 11.00 21.92
N GLY B 384 2.40 10.92 21.49
CA GLY B 384 1.27 11.32 22.28
C GLY B 384 0.31 10.21 22.62
N PHE B 385 -0.36 10.35 23.74
CA PHE B 385 -1.22 9.33 24.29
C PHE B 385 -2.47 9.98 24.82
N GLY B 386 -3.62 9.41 24.53
CA GLY B 386 -4.88 9.90 25.03
C GLY B 386 -6.06 9.03 24.70
N PRO B 387 -7.26 9.58 24.69
CA PRO B 387 -8.51 8.89 24.98
C PRO B 387 -8.97 7.60 24.24
N GLY B 388 -8.81 7.53 22.95
CA GLY B 388 -9.17 6.33 22.23
C GLY B 388 -9.10 4.87 22.69
N LEU B 389 -8.02 4.33 23.20
CA LEU B 389 -6.80 4.96 23.53
C LEU B 389 -5.97 5.16 22.29
N THR B 390 -5.58 6.40 22.08
CA THR B 390 -4.93 6.83 20.88
C THR B 390 -3.48 7.02 21.18
N CYS B 391 -2.67 6.46 20.32
CA CYS B 391 -1.26 6.76 20.27
C CYS B 391 -0.96 7.41 18.95
N GLU B 392 -0.29 8.53 18.97
CA GLU B 392 0.17 9.20 17.79
C GLU B 392 1.66 9.11 17.78
N THR B 393 2.22 8.66 16.69
CA THR B 393 3.66 8.41 16.57
C THR B 393 4.22 9.34 15.51
N VAL B 394 5.32 10.01 15.85
CA VAL B 394 6.01 10.89 14.93
C VAL B 394 7.48 10.49 14.97
N VAL B 395 8.05 10.18 13.82
CA VAL B 395 9.48 9.94 13.73
C VAL B 395 10.13 11.22 13.23
N LEU B 396 11.08 11.72 14.00
CA LEU B 396 11.73 12.99 13.73
C LEU B 396 13.19 12.78 13.38
N ARG B 397 13.73 13.69 12.57
CA ARG B 397 15.16 13.82 12.43
C ARG B 397 15.58 15.16 13.02
N SER B 398 16.77 15.19 13.61
CA SER B 398 17.30 16.39 14.21
C SER B 398 18.21 17.10 13.20
N VAL B 399 18.90 18.14 13.65
CA VAL B 399 19.91 18.85 12.88
C VAL B 399 21.25 18.70 13.60
N PRO B 400 22.38 18.67 12.89
CA PRO B 400 23.67 18.66 13.58
C PRO B 400 24.01 20.03 14.17
N LEU B 401 24.86 19.99 15.20
CA LEU B 401 25.34 21.20 15.85
C LEU B 401 26.85 21.11 16.00
N ALA B 402 27.48 22.25 16.17
CA ALA B 402 28.93 22.27 16.37
C ALA B 402 29.29 21.70 17.74
N ALA C 7 23.42 23.10 7.91
CA ALA C 7 22.45 23.26 9.01
C ALA C 7 21.52 22.05 9.10
N THR C 8 21.54 21.18 8.08
CA THR C 8 20.69 20.00 8.08
C THR C 8 21.52 18.78 7.75
N PHE C 9 20.97 17.61 8.09
CA PHE C 9 21.56 16.37 7.64
C PHE C 9 21.34 16.22 6.13
N PRO C 10 22.06 15.32 5.48
CA PRO C 10 21.90 15.15 4.04
C PRO C 10 20.48 14.76 3.70
N PRO C 11 19.90 15.36 2.67
CA PRO C 11 18.50 15.12 2.34
C PRO C 11 18.29 13.67 1.90
N CYS C 12 17.05 13.22 2.10
CA CYS C 12 16.60 11.90 1.65
C CYS C 12 15.26 12.05 0.95
N ALA C 13 14.92 11.05 0.14
CA ALA C 13 13.61 11.00 -0.50
C ALA C 13 12.51 11.04 0.55
N ARG C 14 11.43 11.76 0.23
CA ARG C 14 10.30 11.85 1.13
C ARG C 14 9.85 10.47 1.59
N LYS C 15 9.86 10.24 2.91
CA LYS C 15 9.74 8.88 3.43
C LYS C 15 8.31 8.34 3.34
N MET C 16 7.31 9.20 3.31
CA MET C 16 5.94 8.83 2.98
C MET C 16 5.68 9.39 1.59
N GLU C 17 5.49 8.54 0.59
CA GLU C 17 5.46 9.14 -0.74
C GLU C 17 4.15 9.90 -0.94
N ARG C 18 4.24 10.94 -1.74
CA ARG C 18 3.11 11.78 -2.07
C ARG C 18 2.44 11.28 -3.33
N ALA C 19 1.20 11.73 -3.54
CA ALA C 19 0.53 11.51 -4.81
C ALA C 19 0.90 12.61 -5.79
N ASP C 20 0.49 12.46 -7.03
CA ASP C 20 0.84 13.47 -8.00
C ASP C 20 -0.35 14.17 -8.63
N GLY C 21 -1.48 13.51 -8.83
CA GLY C 21 -2.65 14.18 -9.35
C GLY C 21 -3.38 14.98 -8.30
N PRO C 22 -4.46 15.62 -8.72
CA PRO C 22 -5.26 16.44 -7.79
C PRO C 22 -6.21 15.62 -6.94
N ALA C 23 -6.45 16.11 -5.72
CA ALA C 23 -7.43 15.50 -4.83
C ALA C 23 -8.79 15.49 -5.51
N THR C 24 -9.46 14.32 -5.47
CA THR C 24 -10.66 14.13 -6.27
C THR C 24 -11.77 13.54 -5.41
N VAL C 25 -12.99 14.06 -5.57
CA VAL C 25 -14.15 13.46 -4.91
C VAL C 25 -14.55 12.22 -5.68
N LEU C 26 -14.54 11.08 -4.99
CA LEU C 26 -14.80 9.78 -5.60
C LEU C 26 -16.18 9.21 -5.30
N ALA C 27 -16.91 9.75 -4.31
CA ALA C 27 -18.24 9.27 -3.93
C ALA C 27 -18.89 10.31 -3.01
N ILE C 28 -20.23 10.32 -2.97
CA ILE C 28 -20.98 11.21 -2.08
C ILE C 28 -22.20 10.51 -1.51
N GLY C 29 -22.38 10.60 -0.20
CA GLY C 29 -23.53 10.02 0.45
C GLY C 29 -24.11 11.00 1.46
N THR C 30 -25.43 10.94 1.62
CA THR C 30 -26.10 11.83 2.57
C THR C 30 -27.15 11.07 3.36
N ALA C 31 -27.54 11.65 4.48
CA ALA C 31 -28.59 11.08 5.32
C ALA C 31 -29.23 12.19 6.13
N ASN C 32 -30.44 11.94 6.60
CA ASN C 32 -31.17 12.87 7.44
C ASN C 32 -31.98 12.06 8.44
N PRO C 33 -32.30 12.65 9.59
CA PRO C 33 -33.15 11.95 10.57
C PRO C 33 -34.54 11.74 10.01
N PRO C 34 -35.32 10.85 10.62
CA PRO C 34 -36.57 10.41 9.97
C PRO C 34 -37.76 11.36 10.08
N ASN C 35 -37.73 12.39 10.93
CA ASN C 35 -38.92 13.20 11.16
C ASN C 35 -38.91 14.41 10.24
N VAL C 36 -39.91 14.50 9.38
CA VAL C 36 -40.04 15.59 8.42
C VAL C 36 -40.87 16.70 9.06
N PHE C 37 -40.45 17.94 8.88
CA PHE C 37 -41.23 19.09 9.34
C PHE C 37 -41.54 19.97 8.15
N ASP C 38 -42.81 20.07 7.82
CA ASP C 38 -43.26 21.05 6.84
C ASP C 38 -43.02 22.44 7.37
N GLN C 39 -42.46 23.30 6.53
CA GLN C 39 -42.13 24.65 6.98
C GLN C 39 -43.39 25.50 7.13
N SER C 40 -44.36 25.34 6.24
CA SER C 40 -45.51 26.25 6.26
C SER C 40 -46.28 26.17 7.57
N THR C 41 -46.32 24.99 8.19
CA THR C 41 -47.00 24.81 9.46
C THR C 41 -46.04 24.63 10.62
N TYR C 42 -44.76 24.85 10.40
CA TYR C 42 -43.81 24.75 11.50
C TYR C 42 -44.12 25.72 12.64
N PRO C 43 -44.45 27.00 12.40
CA PRO C 43 -44.78 27.87 13.54
C PRO C 43 -45.86 27.29 14.43
N ASP C 44 -46.85 26.62 13.84
CA ASP C 44 -47.88 26.00 14.67
C ASP C 44 -47.29 24.92 15.55
N PHE C 45 -46.54 23.99 14.96
CA PHE C 45 -45.87 22.98 15.77
C PHE C 45 -44.96 23.63 16.79
N TYR C 46 -44.12 24.57 16.33
CA TYR C 46 -43.10 25.16 17.18
C TYR C 46 -43.73 25.85 18.39
N PHE C 47 -44.71 26.71 18.15
CA PHE C 47 -45.33 27.41 19.27
C PHE C 47 -46.19 26.48 20.13
N ASN C 48 -46.63 25.34 19.58
CA ASN C 48 -47.32 24.39 20.45
C ASN C 48 -46.36 23.67 21.38
N ILE C 49 -45.26 23.15 20.84
CA ILE C 49 -44.41 22.28 21.65
C ILE C 49 -43.62 23.08 22.67
N THR C 50 -43.39 24.36 22.42
CA THR C 50 -42.81 25.24 23.42
C THR C 50 -43.87 25.96 24.26
N ASN C 51 -45.15 25.64 24.09
CA ASN C 51 -46.22 26.13 24.97
C ASN C 51 -46.20 27.65 25.06
N SER C 52 -46.11 28.30 23.91
CA SER C 52 -46.00 29.75 23.83
C SER C 52 -47.07 30.34 22.95
N ASN C 53 -48.25 29.72 22.90
CA ASN C 53 -49.28 30.25 22.03
C ASN C 53 -49.81 31.59 22.51
N HIS C 54 -49.49 32.02 23.72
CA HIS C 54 -49.90 33.36 24.14
C HIS C 54 -49.10 34.45 23.45
N MET C 55 -47.92 34.13 22.92
CA MET C 55 -47.06 35.13 22.29
C MET C 55 -47.50 35.36 20.84
N THR C 56 -48.71 35.91 20.70
CA THR C 56 -49.36 35.98 19.39
C THR C 56 -48.59 36.84 18.40
N ASP C 57 -48.08 37.99 18.84
CA ASP C 57 -47.34 38.85 17.92
C ASP C 57 -46.06 38.16 17.46
N LEU C 58 -45.40 37.46 18.36
CA LEU C 58 -44.17 36.76 17.99
C LEU C 58 -44.46 35.67 16.96
N LYS C 59 -45.50 34.87 17.20
CA LYS C 59 -45.85 33.83 16.24
C LYS C 59 -46.15 34.42 14.87
N THR C 60 -46.69 35.64 14.82
CA THR C 60 -46.86 36.32 13.55
C THR C 60 -45.51 36.64 12.92
N LYS C 61 -44.58 37.18 13.71
CA LYS C 61 -43.24 37.42 13.21
C LYS C 61 -42.63 36.12 12.70
N PHE C 62 -42.73 35.06 13.50
CA PHE C 62 -42.10 33.80 13.13
C PHE C 62 -42.73 33.19 11.88
N GLN C 63 -44.04 33.35 11.70
CA GLN C 63 -44.64 32.79 10.48
C GLN C 63 -44.13 33.53 9.24
N ARG C 64 -43.81 34.82 9.36
CA ARG C 64 -43.22 35.52 8.22
C ARG C 64 -41.78 35.10 7.97
N MET C 65 -41.00 34.91 9.03
CA MET C 65 -39.64 34.37 8.87
C MET C 65 -39.67 33.05 8.12
N CYS C 66 -40.58 32.16 8.49
CA CYS C 66 -40.63 30.87 7.84
C CYS C 66 -41.06 31.00 6.38
N ASP C 67 -42.09 31.80 6.10
CA ASP C 67 -42.57 31.96 4.73
C ASP C 67 -41.54 32.66 3.85
N LYS C 68 -40.70 33.52 4.42
CA LYS C 68 -39.67 34.20 3.67
C LYS C 68 -38.33 33.44 3.65
N SER C 69 -38.30 32.19 4.10
CA SER C 69 -37.04 31.52 4.37
C SER C 69 -36.52 30.67 3.21
N GLY C 70 -37.26 30.52 2.12
CA GLY C 70 -36.83 29.68 1.02
C GLY C 70 -36.74 28.22 1.39
N ILE C 71 -37.43 27.79 2.44
CA ILE C 71 -37.33 26.42 2.93
C ILE C 71 -38.70 25.77 2.84
N THR C 72 -38.76 24.59 2.26
CA THR C 72 -40.01 23.85 2.13
C THR C 72 -40.23 22.84 3.24
N LYS C 73 -39.20 22.12 3.64
CA LYS C 73 -39.30 21.19 4.75
C LYS C 73 -37.91 21.03 5.35
N ARG C 74 -37.86 20.43 6.53
CA ARG C 74 -36.60 20.08 7.19
C ARG C 74 -36.77 18.74 7.89
N TYR C 75 -35.64 18.09 8.15
CA TYR C 75 -35.61 16.84 8.89
C TYR C 75 -34.92 17.10 10.22
N MET C 76 -35.47 16.53 11.29
CA MET C 76 -34.88 16.74 12.60
C MET C 76 -34.89 15.43 13.37
N TYR C 77 -33.85 15.23 14.16
CA TYR C 77 -33.84 14.10 15.08
C TYR C 77 -34.90 14.27 16.16
N LEU C 78 -35.10 15.51 16.60
CA LEU C 78 -36.14 15.82 17.57
C LEU C 78 -37.52 15.57 16.97
N ASN C 79 -38.46 15.20 17.86
CA ASN C 79 -39.86 15.00 17.51
C ASN C 79 -40.71 15.40 18.71
N GLU C 80 -42.03 15.28 18.57
CA GLU C 80 -42.90 15.75 19.64
C GLU C 80 -42.68 14.97 20.95
N GLU C 81 -42.45 13.66 20.83
CA GLU C 81 -42.25 12.83 22.03
C GLU C 81 -40.99 13.21 22.78
N ILE C 82 -39.91 13.48 22.04
CA ILE C 82 -38.63 13.77 22.67
C ILE C 82 -38.68 15.16 23.31
N LEU C 83 -39.26 16.13 22.63
CA LEU C 83 -39.42 17.45 23.21
C LEU C 83 -40.30 17.39 24.46
N LYS C 84 -41.37 16.59 24.44
CA LYS C 84 -42.22 16.51 25.63
C LYS C 84 -41.50 15.85 26.80
N ALA C 85 -40.53 14.99 26.54
CA ALA C 85 -39.78 14.39 27.63
C ALA C 85 -38.74 15.34 28.21
N ASN C 86 -38.48 16.47 27.55
CA ASN C 86 -37.42 17.39 27.95
C ASN C 86 -37.91 18.82 27.88
N PRO C 87 -38.81 19.20 28.79
CA PRO C 87 -39.31 20.59 28.77
C PRO C 87 -38.21 21.63 28.91
N ASN C 88 -37.05 21.27 29.47
CA ASN C 88 -35.97 22.23 29.63
C ASN C 88 -35.40 22.68 28.28
N MET C 89 -35.59 21.89 27.23
CA MET C 89 -35.21 22.29 25.88
C MET C 89 -36.31 23.07 25.18
N CYS C 90 -37.51 22.97 25.66
CA CYS C 90 -38.63 23.71 25.12
C CYS C 90 -38.68 25.11 25.66
N ALA C 91 -38.03 25.37 26.76
CA ALA C 91 -37.91 26.72 27.27
C ALA C 91 -36.92 27.53 26.49
N TYR C 92 -36.99 28.85 26.59
CA TYR C 92 -36.02 29.71 25.94
C TYR C 92 -34.60 29.51 26.48
N TRP C 93 -34.47 29.45 27.79
CA TRP C 93 -33.21 29.63 28.47
C TRP C 93 -33.17 28.85 29.76
N GLU C 94 -33.19 27.54 29.67
CA GLU C 94 -33.06 26.70 30.83
C GLU C 94 -31.86 25.77 30.71
N LYS C 95 -31.22 25.45 31.82
CA LYS C 95 -30.18 24.43 31.82
C LYS C 95 -30.60 23.15 31.12
N SER C 96 -29.82 22.75 30.13
CA SER C 96 -30.25 21.68 29.18
C SER C 96 -28.98 20.92 28.95
N LEU C 97 -27.87 21.56 28.72
CA LEU C 97 -26.73 21.12 27.91
C LEU C 97 -26.48 19.65 28.12
N ASP C 98 -26.60 19.14 29.33
CA ASP C 98 -26.34 17.76 29.63
C ASP C 98 -27.16 16.81 28.82
N VAL C 99 -28.42 17.12 28.70
CA VAL C 99 -29.32 16.29 27.96
C VAL C 99 -29.20 16.51 26.47
N ARG C 100 -28.85 17.70 26.05
CA ARG C 100 -28.52 17.94 24.68
C ARG C 100 -27.27 17.17 24.28
N GLN C 101 -26.28 17.11 25.15
CA GLN C 101 -25.09 16.35 24.87
C GLN C 101 -25.35 14.87 24.82
N ASP C 102 -26.14 14.36 25.75
CA ASP C 102 -26.57 12.96 25.73
C ASP C 102 -27.16 12.57 24.37
N MET C 103 -27.92 13.46 23.75
CA MET C 103 -28.48 13.16 22.45
C MET C 103 -27.41 13.19 21.35
N VAL C 104 -26.66 14.29 21.25
CA VAL C 104 -25.85 14.51 20.05
C VAL C 104 -24.50 13.81 20.10
N VAL C 105 -23.96 13.48 21.27
CA VAL C 105 -22.70 12.74 21.20
C VAL C 105 -22.95 11.34 20.66
N VAL C 106 -24.14 10.79 20.86
CA VAL C 106 -24.52 9.52 20.26
C VAL C 106 -25.01 9.71 18.83
N GLU C 107 -25.88 10.69 18.57
CA GLU C 107 -26.60 10.67 17.31
C GLU C 107 -25.84 11.30 16.16
N VAL C 108 -24.95 12.27 16.38
CA VAL C 108 -24.28 12.82 15.21
C VAL C 108 -23.32 11.79 14.60
N PRO C 109 -22.61 10.95 15.36
CA PRO C 109 -21.83 9.92 14.68
C PRO C 109 -22.68 8.83 14.06
N LYS C 110 -23.86 8.54 14.61
CA LYS C 110 -24.75 7.56 13.98
C LYS C 110 -25.25 8.05 12.64
N LEU C 111 -25.76 9.28 12.59
CA LEU C 111 -26.13 9.87 11.32
C LEU C 111 -24.92 9.95 10.39
N GLY C 112 -23.75 10.26 10.95
CA GLY C 112 -22.55 10.25 10.15
C GLY C 112 -22.30 8.90 9.52
N LYS C 113 -22.51 7.82 10.29
CA LYS C 113 -22.32 6.48 9.75
C LYS C 113 -23.24 6.21 8.57
N GLU C 114 -24.49 6.69 8.64
CA GLU C 114 -25.44 6.41 7.58
C GLU C 114 -25.03 7.04 6.26
N ALA C 115 -24.52 8.27 6.30
CA ALA C 115 -24.02 8.90 5.09
C ALA C 115 -22.72 8.26 4.63
N ALA C 116 -21.86 7.86 5.55
CA ALA C 116 -20.60 7.23 5.14
C ALA C 116 -20.85 5.87 4.49
N THR C 117 -21.72 5.05 5.08
CA THR C 117 -22.11 3.78 4.47
C THR C 117 -22.54 3.98 3.02
N LYS C 118 -23.36 5.01 2.75
CA LYS C 118 -23.81 5.21 1.38
C LYS C 118 -22.66 5.62 0.46
N ALA C 119 -21.75 6.48 0.92
CA ALA C 119 -20.65 6.88 0.06
C ALA C 119 -19.66 5.73 -0.13
N ILE C 120 -19.38 4.99 0.94
CA ILE C 120 -18.50 3.83 0.83
C ILE C 120 -19.09 2.82 -0.14
N LYS C 121 -20.40 2.59 -0.06
CA LYS C 121 -21.08 1.67 -0.96
C LYS C 121 -20.96 2.12 -2.42
N GLU C 122 -21.13 3.42 -2.67
CA GLU C 122 -20.98 3.94 -4.02
C GLU C 122 -19.54 3.80 -4.49
N TRP C 123 -18.59 4.06 -3.60
CA TRP C 123 -17.18 4.03 -3.93
C TRP C 123 -16.76 2.67 -4.51
N GLY C 124 -17.25 1.58 -3.90
CA GLY C 124 -16.98 0.25 -4.38
C GLY C 124 -15.72 -0.38 -3.84
N GLN C 125 -15.05 0.27 -3.00
CA GLN C 125 -13.84 -0.21 -2.37
C GLN C 125 -14.13 -0.71 -0.96
N PRO C 126 -13.43 -1.74 -0.50
CA PRO C 126 -13.66 -2.19 0.87
C PRO C 126 -13.24 -1.10 1.84
N LYS C 127 -13.96 -1.04 2.97
CA LYS C 127 -13.72 0.03 3.92
C LYS C 127 -12.31 0.00 4.47
N SER C 128 -11.66 -1.16 4.45
CA SER C 128 -10.27 -1.27 4.89
C SER C 128 -9.33 -0.42 4.05
N LYS C 129 -9.79 0.15 2.95
CA LYS C 129 -8.96 1.00 2.12
C LYS C 129 -8.96 2.45 2.57
N ILE C 130 -9.85 2.82 3.48
CA ILE C 130 -9.89 4.18 3.99
C ILE C 130 -8.72 4.38 4.94
N THR C 131 -7.86 5.33 4.62
CA THR C 131 -6.71 5.63 5.46
C THR C 131 -6.91 6.84 6.36
N HIS C 132 -7.76 7.78 5.99
CA HIS C 132 -7.95 9.00 6.76
C HIS C 132 -9.43 9.22 7.01
N VAL C 133 -9.73 9.84 8.14
CA VAL C 133 -11.08 10.20 8.53
C VAL C 133 -11.06 11.64 8.99
N VAL C 134 -11.95 12.45 8.42
CA VAL C 134 -12.17 13.83 8.85
C VAL C 134 -13.62 13.94 9.27
N PHE C 135 -13.87 14.15 10.56
CA PHE C 135 -15.21 14.34 11.08
C PHE C 135 -15.45 15.81 11.43
N CYS C 136 -16.53 16.38 10.92
CA CYS C 136 -16.84 17.77 11.14
C CYS C 136 -18.25 17.92 11.71
N THR C 137 -18.38 18.66 12.80
CA THR C 137 -19.70 18.92 13.36
C THR C 137 -19.67 20.19 14.20
N THR C 138 -20.85 20.77 14.37
CA THR C 138 -21.09 21.88 15.26
C THR C 138 -22.00 21.49 16.42
N SER C 139 -22.37 20.22 16.51
CA SER C 139 -23.36 19.75 17.47
C SER C 139 -22.71 18.85 18.51
N GLY C 140 -22.24 19.44 19.59
CA GLY C 140 -21.74 18.68 20.71
C GLY C 140 -20.28 18.31 20.56
N VAL C 141 -19.70 17.86 21.68
CA VAL C 141 -18.29 17.49 21.79
C VAL C 141 -18.15 16.40 22.84
N ASP C 142 -17.08 15.63 22.75
CA ASP C 142 -16.86 14.50 23.63
C ASP C 142 -15.42 14.01 23.45
N MET C 143 -14.96 13.21 24.40
CA MET C 143 -13.64 12.59 24.29
C MET C 143 -13.71 11.11 24.67
N PRO C 144 -13.29 10.20 23.79
CA PRO C 144 -12.88 10.43 22.38
C PRO C 144 -14.02 11.03 21.56
N GLY C 145 -13.69 11.62 20.41
CA GLY C 145 -14.63 12.43 19.66
C GLY C 145 -15.46 11.64 18.68
N ALA C 146 -16.33 12.35 17.98
CA ALA C 146 -17.18 11.71 16.98
C ALA C 146 -16.38 11.00 15.91
N ASP C 147 -15.11 11.37 15.73
CA ASP C 147 -14.27 10.75 14.72
C ASP C 147 -13.88 9.33 15.11
N TRP C 148 -13.58 9.13 16.40
CA TRP C 148 -13.36 7.80 16.95
C TRP C 148 -14.66 7.00 17.02
N ALA C 149 -15.76 7.64 17.39
CA ALA C 149 -17.04 6.93 17.39
C ALA C 149 -17.37 6.43 15.99
N LEU C 150 -17.22 7.29 14.98
CA LEU C 150 -17.49 6.86 13.62
C LEU C 150 -16.57 5.70 13.21
N THR C 151 -15.30 5.74 13.65
CA THR C 151 -14.37 4.65 13.36
C THR C 151 -14.78 3.35 14.04
N LYS C 152 -15.29 3.41 15.27
CA LYS C 152 -15.77 2.20 15.95
C LYS C 152 -17.04 1.67 15.30
N LEU C 153 -17.95 2.58 14.95
CA LEU C 153 -19.25 2.18 14.44
C LEU C 153 -19.12 1.53 13.08
N LEU C 154 -18.18 1.99 12.25
CA LEU C 154 -18.01 1.41 10.92
C LEU C 154 -17.08 0.21 10.92
N GLY C 155 -16.17 0.11 11.89
CA GLY C 155 -15.14 -0.88 11.82
C GLY C 155 -14.04 -0.54 10.83
N LEU C 156 -13.68 0.73 10.70
CA LEU C 156 -12.49 1.08 9.96
C LEU C 156 -11.26 0.56 10.69
N ARG C 157 -10.16 0.45 9.96
CA ARG C 157 -8.97 -0.11 10.60
C ARG C 157 -8.50 0.77 11.75
N PRO C 158 -7.88 0.16 12.76
CA PRO C 158 -7.56 0.92 13.98
C PRO C 158 -6.48 1.95 13.77
N SER C 159 -5.89 2.03 12.57
CA SER C 159 -4.80 2.92 12.31
C SER C 159 -5.16 4.06 11.36
N VAL C 160 -6.46 4.29 11.10
CA VAL C 160 -6.86 5.48 10.36
C VAL C 160 -6.32 6.71 11.04
N LYS C 161 -5.89 7.67 10.25
CA LYS C 161 -5.41 8.94 10.77
C LYS C 161 -6.60 9.90 10.85
N ARG C 162 -6.98 10.25 12.06
CA ARG C 162 -8.22 10.98 12.29
C ARG C 162 -7.95 12.46 12.50
N LEU C 163 -8.87 13.26 11.99
CA LEU C 163 -8.94 14.67 12.29
C LEU C 163 -10.35 14.97 12.78
N MET C 164 -10.48 15.55 13.97
CA MET C 164 -11.77 15.84 14.57
C MET C 164 -11.97 17.35 14.58
N MET C 165 -12.97 17.82 13.85
CA MET C 165 -13.26 19.23 13.77
C MET C 165 -14.58 19.52 14.49
N TYR C 166 -14.48 20.05 15.71
CA TYR C 166 -15.62 20.36 16.55
C TYR C 166 -15.93 21.84 16.53
N GLN C 167 -17.23 22.18 16.57
CA GLN C 167 -17.71 23.53 16.86
C GLN C 167 -17.25 24.54 15.82
N GLN C 168 -17.32 24.12 14.57
CA GLN C 168 -16.80 24.89 13.44
C GLN C 168 -17.77 25.95 12.96
N GLY C 169 -18.98 25.55 12.62
CA GLY C 169 -19.94 26.47 12.08
C GLY C 169 -20.12 26.28 10.58
N CYS C 170 -20.89 27.19 10.00
CA CYS C 170 -21.41 26.97 8.67
C CYS C 170 -20.37 27.06 7.57
N PHE C 171 -19.15 27.50 7.83
CA PHE C 171 -18.18 27.56 6.74
C PHE C 171 -17.39 26.26 6.57
N ALA C 172 -17.56 25.30 7.46
CA ALA C 172 -16.62 24.19 7.54
C ALA C 172 -16.75 23.20 6.40
N GLY C 173 -17.89 23.17 5.72
CA GLY C 173 -17.96 22.40 4.48
C GLY C 173 -16.89 22.81 3.50
N GLY C 174 -16.56 24.10 3.45
CA GLY C 174 -15.41 24.52 2.69
C GLY C 174 -14.11 24.08 3.33
N THR C 175 -14.00 24.26 4.66
CA THR C 175 -12.80 23.86 5.38
C THR C 175 -12.46 22.39 5.17
N VAL C 176 -13.47 21.51 5.23
CA VAL C 176 -13.18 20.08 5.07
C VAL C 176 -12.63 19.80 3.66
N MET C 177 -13.04 20.58 2.67
CA MET C 177 -12.43 20.43 1.35
C MET C 177 -10.95 20.81 1.39
N ARG C 178 -10.64 21.98 1.97
CA ARG C 178 -9.25 22.41 2.10
C ARG C 178 -8.43 21.36 2.85
N VAL C 179 -8.97 20.79 3.92
CA VAL C 179 -8.24 19.81 4.70
C VAL C 179 -8.00 18.53 3.89
N ALA C 180 -9.04 17.98 3.28
CA ALA C 180 -8.86 16.71 2.58
C ALA C 180 -7.92 16.87 1.39
N LYS C 181 -7.90 18.04 0.79
CA LYS C 181 -7.00 18.26 -0.34
C LYS C 181 -5.55 17.95 0.06
N ASP C 182 -5.11 18.51 1.19
CA ASP C 182 -3.73 18.27 1.62
C ASP C 182 -3.50 16.82 2.01
N LEU C 183 -4.43 16.22 2.77
CA LEU C 183 -4.30 14.81 3.16
C LEU C 183 -4.13 13.90 1.95
N ALA C 184 -4.99 14.07 0.94
CA ALA C 184 -4.97 13.17 -0.18
C ALA C 184 -3.77 13.42 -1.10
N GLU C 185 -3.39 14.68 -1.29
CA GLU C 185 -2.34 15.01 -2.26
C GLU C 185 -0.95 14.72 -1.72
N ASN C 186 -0.74 14.84 -0.41
CA ASN C 186 0.56 14.61 0.18
C ASN C 186 0.80 13.16 0.59
N ASN C 187 -0.09 12.23 0.24
CA ASN C 187 0.08 10.85 0.67
C ASN C 187 -0.41 9.90 -0.42
N LYS C 188 0.53 9.33 -1.19
CA LYS C 188 0.18 8.31 -2.16
C LYS C 188 -0.67 7.22 -1.53
N GLY C 189 -1.78 6.91 -2.16
CA GLY C 189 -2.67 5.87 -1.70
C GLY C 189 -3.72 6.31 -0.68
N ALA C 190 -3.63 7.53 -0.16
CA ALA C 190 -4.55 7.93 0.90
C ALA C 190 -5.97 8.01 0.35
N ARG C 191 -6.91 7.41 1.06
CA ARG C 191 -8.32 7.54 0.76
C ARG C 191 -9.00 8.12 2.00
N VAL C 192 -9.51 9.34 1.87
CA VAL C 192 -10.01 10.12 2.99
C VAL C 192 -11.52 10.06 3.01
N LEU C 193 -12.07 9.59 4.12
CA LEU C 193 -13.50 9.66 4.37
C LEU C 193 -13.82 10.95 5.12
N VAL C 194 -14.69 11.76 4.55
CA VAL C 194 -15.01 13.07 5.09
C VAL C 194 -16.49 13.07 5.43
N VAL C 195 -16.81 13.43 6.67
CA VAL C 195 -18.19 13.37 7.14
C VAL C 195 -18.52 14.69 7.83
N CYS C 196 -19.59 15.33 7.40
CA CYS C 196 -20.18 16.44 8.10
C CYS C 196 -21.56 16.02 8.59
N SER C 197 -21.80 16.13 9.90
CA SER C 197 -23.05 15.68 10.50
C SER C 197 -23.52 16.68 11.55
N GLU C 198 -24.73 17.22 11.38
CA GLU C 198 -25.26 18.30 12.22
C GLU C 198 -26.68 17.98 12.68
N LEU C 199 -26.93 18.09 13.99
CA LEU C 199 -28.26 17.93 14.58
C LEU C 199 -28.65 19.18 15.37
N THR C 200 -29.82 19.72 15.06
CA THR C 200 -30.27 20.95 15.72
C THR C 200 -30.61 20.75 17.20
N ALA C 201 -30.43 19.55 17.74
CA ALA C 201 -30.74 19.31 19.14
C ALA C 201 -29.87 20.16 20.09
N VAL C 202 -28.67 20.58 19.68
CA VAL C 202 -27.88 21.49 20.51
C VAL C 202 -28.50 22.85 20.53
N THR C 203 -29.39 23.13 19.58
CA THR C 203 -29.72 24.48 19.20
C THR C 203 -31.17 24.86 19.49
N PHE C 204 -32.06 23.89 19.56
CA PHE C 204 -33.48 24.13 19.69
C PHE C 204 -33.81 24.78 21.04
N ARG C 205 -34.68 25.79 21.03
CA ARG C 205 -35.11 26.40 22.28
C ARG C 205 -36.35 27.25 22.00
N GLY C 206 -37.17 27.44 23.04
CA GLY C 206 -38.37 28.22 22.94
C GLY C 206 -38.15 29.65 22.50
N PRO C 207 -39.23 30.35 22.19
CA PRO C 207 -39.12 31.73 21.67
C PRO C 207 -38.91 32.78 22.75
N SER C 208 -38.22 33.86 22.37
CA SER C 208 -38.17 35.05 23.21
C SER C 208 -38.43 36.29 22.39
N GLU C 209 -39.40 37.10 22.84
CA GLU C 209 -39.69 38.38 22.22
C GLU C 209 -38.50 39.33 22.26
N THR C 210 -37.54 39.03 23.11
CA THR C 210 -36.38 39.88 23.28
C THR C 210 -35.21 39.46 22.41
N HIS C 211 -35.29 38.29 21.75
CA HIS C 211 -34.16 37.75 21.00
C HIS C 211 -34.66 37.17 19.67
N LEU C 212 -34.74 38.04 18.67
CA LEU C 212 -35.22 37.66 17.34
C LEU C 212 -34.18 36.88 16.53
N ASP C 213 -32.89 37.21 16.65
CA ASP C 213 -31.90 36.41 15.91
C ASP C 213 -31.93 34.96 16.37
N SER C 214 -32.22 34.72 17.65
CA SER C 214 -32.35 33.32 18.07
C SER C 214 -33.54 32.66 17.41
N LEU C 215 -34.58 33.43 17.09
CA LEU C 215 -35.74 32.88 16.39
C LEU C 215 -35.43 32.59 14.93
N VAL C 216 -34.55 33.39 14.32
CA VAL C 216 -34.11 33.10 12.96
C VAL C 216 -33.52 31.71 12.87
N GLY C 217 -32.72 31.31 13.86
CA GLY C 217 -32.12 30.00 13.82
C GLY C 217 -33.15 28.89 13.94
N GLN C 218 -34.23 29.15 14.67
CA GLN C 218 -35.30 28.19 14.77
C GLN C 218 -36.09 28.07 13.47
N ALA C 219 -35.98 29.06 12.60
CA ALA C 219 -36.61 29.01 11.29
C ALA C 219 -35.74 28.37 10.23
N LEU C 220 -34.42 28.40 10.39
CA LEU C 220 -33.50 28.06 9.31
C LEU C 220 -32.87 26.68 9.46
N PHE C 221 -32.50 26.30 10.68
CA PHE C 221 -31.56 25.22 10.87
C PHE C 221 -32.25 23.86 10.77
N GLY C 222 -31.60 22.94 10.06
CA GLY C 222 -32.09 21.59 9.90
C GLY C 222 -30.99 20.58 10.17
N ASP C 223 -31.39 19.32 10.18
CA ASP C 223 -30.48 18.22 10.46
C ASP C 223 -30.02 17.54 9.17
N GLY C 224 -28.82 16.97 9.22
CA GLY C 224 -28.29 16.26 8.08
C GLY C 224 -26.85 15.83 8.24
N ALA C 225 -26.48 14.79 7.51
CA ALA C 225 -25.10 14.34 7.42
C ALA C 225 -24.73 14.12 5.97
N SER C 226 -23.53 14.49 5.62
CA SER C 226 -23.06 14.25 4.26
C SER C 226 -21.66 13.69 4.33
N ALA C 227 -21.33 12.86 3.35
CA ALA C 227 -20.08 12.11 3.41
C ALA C 227 -19.51 12.01 2.00
N ILE C 228 -18.18 12.19 1.89
CA ILE C 228 -17.49 11.98 0.63
C ILE C 228 -16.19 11.23 0.87
N ILE C 229 -15.72 10.59 -0.19
CA ILE C 229 -14.42 9.93 -0.25
C ILE C 229 -13.52 10.78 -1.15
N VAL C 230 -12.37 11.19 -0.63
CA VAL C 230 -11.46 12.01 -1.42
C VAL C 230 -10.14 11.25 -1.59
N GLY C 231 -9.62 11.27 -2.81
CA GLY C 231 -8.31 10.70 -3.09
C GLY C 231 -7.74 11.27 -4.37
N ALA C 232 -6.43 11.30 -4.45
CA ALA C 232 -5.73 11.57 -5.69
C ALA C 232 -5.45 10.27 -6.44
N ASP C 233 -5.22 10.40 -7.74
CA ASP C 233 -4.92 9.30 -8.65
C ASP C 233 -5.96 8.20 -8.57
N PRO C 234 -7.12 8.42 -9.12
CA PRO C 234 -8.12 7.39 -9.12
C PRO C 234 -7.75 6.22 -10.02
N ILE C 235 -8.08 5.03 -9.57
CA ILE C 235 -7.85 3.86 -10.35
C ILE C 235 -8.89 3.75 -11.41
N PRO C 236 -8.46 3.72 -12.64
CA PRO C 236 -9.35 3.71 -13.78
C PRO C 236 -10.10 2.42 -13.81
N GLU C 237 -11.39 2.52 -14.09
CA GLU C 237 -12.36 1.43 -14.01
C GLU C 237 -12.68 0.79 -12.65
N VAL C 238 -12.13 1.30 -11.57
CA VAL C 238 -12.44 0.79 -10.27
C VAL C 238 -13.08 1.89 -9.51
N GLU C 239 -12.44 3.04 -9.54
CA GLU C 239 -12.96 4.26 -8.96
C GLU C 239 -13.45 5.21 -10.02
N ARG C 240 -14.30 6.14 -9.62
CA ARG C 240 -14.87 7.11 -10.56
C ARG C 240 -14.67 8.53 -10.06
N PRO C 241 -13.99 9.40 -10.81
CA PRO C 241 -13.89 10.80 -10.41
C PRO C 241 -15.16 11.61 -10.68
N TRP C 242 -15.52 12.47 -9.72
CA TRP C 242 -16.64 13.40 -9.89
C TRP C 242 -16.25 14.87 -9.85
N PHE C 243 -15.36 15.25 -8.94
CA PHE C 243 -14.93 16.63 -8.82
C PHE C 243 -13.49 16.66 -8.38
N GLU C 244 -12.75 17.64 -8.91
CA GLU C 244 -11.34 17.84 -8.58
C GLU C 244 -11.17 19.13 -7.80
N ILE C 245 -10.45 19.05 -6.69
CA ILE C 245 -10.09 20.23 -5.92
C ILE C 245 -8.80 20.80 -6.49
N HIS C 246 -8.84 22.05 -6.94
CA HIS C 246 -7.66 22.69 -7.49
C HIS C 246 -7.19 23.91 -6.72
N TYR C 247 -8.06 24.59 -6.00
CA TYR C 247 -7.65 25.83 -5.33
C TYR C 247 -8.49 26.04 -4.10
N VAL C 248 -7.85 26.44 -3.00
CA VAL C 248 -8.55 26.75 -1.76
C VAL C 248 -8.05 28.06 -1.20
N ALA C 249 -8.97 28.87 -0.67
CA ALA C 249 -8.60 30.09 0.02
C ALA C 249 -9.55 30.31 1.19
N SER C 250 -9.05 31.04 2.18
CA SER C 250 -9.78 31.35 3.40
C SER C 250 -9.70 32.85 3.64
N ASN C 251 -10.84 33.50 3.92
CA ASN C 251 -10.83 34.94 4.12
C ASN C 251 -11.75 35.33 5.27
N ILE C 252 -11.22 36.16 6.17
CA ILE C 252 -12.02 36.87 7.15
C ILE C 252 -12.42 38.20 6.53
N LEU C 253 -13.71 38.43 6.42
CA LEU C 253 -14.14 39.60 5.66
C LEU C 253 -13.94 40.89 6.44
N PRO C 254 -13.71 42.02 5.75
CA PRO C 254 -13.49 43.29 6.45
C PRO C 254 -14.69 43.72 7.25
N ASP C 255 -14.42 44.36 8.40
CA ASP C 255 -15.45 44.95 9.27
C ASP C 255 -16.55 43.94 9.62
N SER C 256 -16.16 42.72 9.97
CA SER C 256 -17.15 41.69 10.27
C SER C 256 -17.04 41.16 11.70
N ASP C 257 -16.35 41.88 12.58
CA ASP C 257 -16.24 41.46 13.96
C ASP C 257 -17.60 41.36 14.63
N GLY C 258 -17.92 40.16 15.11
CA GLY C 258 -19.15 39.91 15.81
C GLY C 258 -20.36 39.66 14.93
N ALA C 259 -20.19 39.59 13.62
CA ALA C 259 -21.32 39.34 12.73
C ALA C 259 -22.05 38.06 13.09
N ILE C 260 -21.33 37.02 13.50
CA ILE C 260 -21.90 35.73 13.84
C ILE C 260 -21.14 35.15 15.02
N ASP C 261 -21.82 34.97 16.15
CA ASP C 261 -21.26 34.38 17.35
C ASP C 261 -22.09 33.18 17.76
N GLY C 262 -21.42 32.11 18.13
CA GLY C 262 -22.09 30.99 18.76
C GLY C 262 -21.35 30.62 20.03
N HIS C 263 -22.08 30.45 21.13
CA HIS C 263 -21.51 30.14 22.43
C HIS C 263 -22.13 28.86 22.97
N LEU C 264 -21.31 27.99 23.55
CA LEU C 264 -21.82 26.76 24.12
C LEU C 264 -21.98 26.96 25.61
N ARG C 265 -23.23 26.96 26.08
CA ARG C 265 -23.52 27.33 27.45
C ARG C 265 -24.30 26.24 28.16
N GLU C 266 -24.65 26.50 29.41
CA GLU C 266 -25.40 25.52 30.16
C GLU C 266 -26.80 25.32 29.57
N VAL C 267 -27.29 26.30 28.82
CA VAL C 267 -28.58 26.22 28.16
C VAL C 267 -28.45 25.69 26.73
N GLY C 268 -27.28 25.18 26.35
CA GLY C 268 -27.07 24.71 25.01
C GLY C 268 -26.24 25.67 24.17
N LEU C 269 -26.33 25.47 22.86
CA LEU C 269 -25.62 26.33 21.90
C LEU C 269 -26.52 27.51 21.54
N THR C 270 -25.96 28.71 21.60
CA THR C 270 -26.72 29.91 21.28
C THR C 270 -26.13 30.60 20.06
N PHE C 271 -26.97 31.38 19.39
CA PHE C 271 -26.72 31.88 18.06
C PHE C 271 -26.99 33.38 18.08
N HIS C 272 -26.05 34.16 17.57
CA HIS C 272 -26.12 35.61 17.65
C HIS C 272 -25.79 36.22 16.28
N LEU C 273 -26.60 37.19 15.85
CA LEU C 273 -26.45 37.88 14.57
C LEU C 273 -26.32 39.37 14.82
N MET C 274 -25.09 39.89 14.88
CA MET C 274 -24.88 41.27 15.30
C MET C 274 -24.48 42.22 14.17
N LYS C 275 -24.43 41.76 12.92
CA LYS C 275 -24.16 42.65 11.80
C LYS C 275 -24.98 42.16 10.60
N ASP C 276 -24.89 42.89 9.48
CA ASP C 276 -25.62 42.54 8.26
C ASP C 276 -24.83 41.51 7.46
N VAL C 277 -25.10 40.23 7.70
CA VAL C 277 -24.34 39.12 7.14
C VAL C 277 -24.44 39.07 5.62
N PRO C 278 -25.64 39.17 5.02
CA PRO C 278 -25.69 39.20 3.55
C PRO C 278 -24.97 40.40 2.96
N GLY C 279 -25.06 41.55 3.62
CA GLY C 279 -24.34 42.71 3.11
C GLY C 279 -22.85 42.49 3.11
N ILE C 280 -22.31 41.99 4.22
CA ILE C 280 -20.87 41.78 4.32
C ILE C 280 -20.40 40.75 3.31
N ILE C 281 -21.15 39.66 3.17
CA ILE C 281 -20.75 38.60 2.24
C ILE C 281 -20.80 39.11 0.80
N SER C 282 -21.88 39.80 0.43
CA SER C 282 -21.99 40.27 -0.94
C SER C 282 -21.08 41.46 -1.22
N LYS C 283 -20.84 42.31 -0.22
CA LYS C 283 -19.95 43.43 -0.44
C LYS C 283 -18.53 42.98 -0.76
N ASN C 284 -18.14 41.80 -0.29
CA ASN C 284 -16.75 41.40 -0.37
C ASN C 284 -16.49 40.23 -1.28
N ILE C 285 -17.52 39.47 -1.67
CA ILE C 285 -17.26 38.23 -2.37
C ILE C 285 -16.57 38.48 -3.71
N GLY C 286 -16.78 39.64 -4.31
CA GLY C 286 -16.20 39.92 -5.62
C GLY C 286 -14.68 39.94 -5.59
N THR C 287 -14.11 40.60 -4.59
CA THR C 287 -12.66 40.66 -4.48
C THR C 287 -12.08 39.29 -4.14
N VAL C 288 -12.78 38.52 -3.31
CA VAL C 288 -12.36 37.16 -3.00
C VAL C 288 -12.36 36.29 -4.26
N LEU C 289 -13.42 36.36 -5.04
CA LEU C 289 -13.49 35.53 -6.24
C LEU C 289 -12.58 36.02 -7.35
N LYS C 290 -12.35 37.33 -7.45
CA LYS C 290 -11.43 37.81 -8.49
C LYS C 290 -10.04 37.26 -8.25
N ASP C 291 -9.56 37.30 -7.01
CA ASP C 291 -8.23 36.82 -6.71
C ASP C 291 -8.11 35.34 -7.05
N ALA C 292 -9.11 34.54 -6.67
CA ALA C 292 -9.05 33.10 -6.88
C ALA C 292 -8.99 32.77 -8.37
N PHE C 293 -9.87 33.39 -9.16
CA PHE C 293 -9.82 33.21 -10.61
C PHE C 293 -8.47 33.64 -11.17
N GLU C 294 -7.89 34.69 -10.60
CA GLU C 294 -6.56 35.11 -11.05
C GLU C 294 -5.53 34.04 -10.74
N LYS C 295 -5.56 33.49 -9.54
CA LYS C 295 -4.60 32.45 -9.19
C LYS C 295 -4.82 31.19 -10.03
N VAL C 296 -6.06 30.88 -10.38
CA VAL C 296 -6.30 29.64 -11.13
C VAL C 296 -6.17 29.83 -12.62
N PHE C 297 -6.69 30.92 -13.14
CA PHE C 297 -6.87 31.06 -14.56
C PHE C 297 -5.85 31.95 -15.17
N GLY C 298 -5.47 32.97 -14.44
CA GLY C 298 -4.53 33.91 -14.95
C GLY C 298 -5.14 35.26 -15.14
N ASN C 299 -4.47 36.09 -15.94
CA ASN C 299 -4.87 37.47 -16.16
C ASN C 299 -5.18 37.79 -17.59
N GLU C 300 -5.09 36.80 -18.46
CA GLU C 300 -4.86 37.06 -19.87
C GLU C 300 -6.08 36.80 -20.75
N GLU C 301 -7.10 37.64 -20.62
CA GLU C 301 -7.73 38.25 -21.77
C GLU C 301 -8.49 37.22 -22.59
N GLY C 302 -9.64 36.79 -22.10
CA GLY C 302 -10.41 35.80 -22.84
C GLY C 302 -10.13 34.39 -22.40
N GLU C 303 -9.48 34.24 -21.25
CA GLU C 303 -9.16 32.92 -20.74
C GLU C 303 -9.55 32.72 -19.26
N VAL C 304 -10.20 33.72 -18.70
CA VAL C 304 -10.77 33.66 -17.39
C VAL C 304 -12.25 33.62 -17.54
N PRO C 305 -12.89 32.56 -17.07
CA PRO C 305 -14.31 32.40 -17.28
C PRO C 305 -15.13 33.40 -16.52
N SER C 306 -16.32 33.61 -17.03
CA SER C 306 -17.27 34.46 -16.35
C SER C 306 -17.84 33.75 -15.12
N TYR C 307 -18.41 34.52 -14.20
CA TYR C 307 -19.13 33.92 -13.09
C TYR C 307 -20.35 33.13 -13.54
N ASN C 308 -20.93 33.47 -14.69
CA ASN C 308 -22.06 32.73 -15.20
C ASN C 308 -21.65 31.44 -15.91
N ASP C 309 -20.37 31.25 -16.18
CA ASP C 309 -19.88 30.11 -16.92
C ASP C 309 -19.14 29.11 -16.05
N VAL C 310 -19.32 29.20 -14.73
CA VAL C 310 -18.85 28.17 -13.82
C VAL C 310 -20.06 27.69 -13.04
N PHE C 311 -19.92 26.55 -12.39
CA PHE C 311 -21.00 26.04 -11.56
C PHE C 311 -20.82 26.53 -10.13
N TRP C 312 -21.93 26.63 -9.41
CA TRP C 312 -21.94 27.28 -8.10
C TRP C 312 -22.42 26.32 -7.03
N ILE C 313 -21.62 26.17 -5.99
CA ILE C 313 -22.01 25.48 -4.76
C ILE C 313 -21.81 26.49 -3.64
N ALA C 314 -22.87 27.16 -3.25
CA ALA C 314 -22.81 28.23 -2.25
C ALA C 314 -23.56 27.79 -1.01
N HIS C 315 -22.93 27.93 0.14
CA HIS C 315 -23.61 27.58 1.37
C HIS C 315 -24.84 28.46 1.54
N PRO C 316 -26.03 27.87 1.72
CA PRO C 316 -27.30 28.62 1.83
C PRO C 316 -27.59 29.05 3.26
N GLY C 317 -26.68 29.83 3.85
CA GLY C 317 -26.89 30.26 5.21
C GLY C 317 -28.26 30.89 5.39
N GLY C 318 -28.74 31.54 4.35
CA GLY C 318 -30.11 31.98 4.27
C GLY C 318 -30.35 32.58 2.92
N PRO C 319 -31.63 32.71 2.57
CA PRO C 319 -31.98 33.25 1.25
C PRO C 319 -31.33 34.58 0.94
N ALA C 320 -31.24 35.46 1.93
CA ALA C 320 -30.71 36.79 1.68
C ALA C 320 -29.26 36.72 1.22
N ILE C 321 -28.49 35.74 1.70
CA ILE C 321 -27.12 35.61 1.25
C ILE C 321 -27.07 35.30 -0.24
N LEU C 322 -27.76 34.24 -0.66
CA LEU C 322 -27.78 33.89 -2.07
C LEU C 322 -28.35 35.02 -2.93
N ASP C 323 -29.45 35.63 -2.48
CA ASP C 323 -30.07 36.71 -3.24
C ASP C 323 -29.07 37.83 -3.52
N GLN C 324 -28.35 38.26 -2.49
CA GLN C 324 -27.54 39.46 -2.62
C GLN C 324 -26.24 39.20 -3.36
N VAL C 325 -25.65 38.01 -3.20
CA VAL C 325 -24.49 37.66 -4.00
C VAL C 325 -24.87 37.62 -5.47
N GLU C 326 -26.00 36.98 -5.78
CA GLU C 326 -26.49 36.94 -7.15
C GLU C 326 -26.75 38.35 -7.67
N GLN C 327 -27.19 39.25 -6.79
CA GLN C 327 -27.41 40.63 -7.20
C GLN C 327 -26.08 41.37 -7.39
N LYS C 328 -25.20 41.34 -6.38
CA LYS C 328 -23.97 42.12 -6.48
C LYS C 328 -23.09 41.65 -7.63
N LEU C 329 -23.12 40.36 -7.94
CA LEU C 329 -22.29 39.80 -9.01
C LEU C 329 -23.01 39.74 -10.36
N GLN C 330 -24.30 40.11 -10.42
CA GLN C 330 -25.07 40.11 -11.66
C GLN C 330 -25.19 38.70 -12.25
N LEU C 331 -25.34 37.71 -11.37
CA LEU C 331 -25.47 36.33 -11.83
C LEU C 331 -26.85 36.07 -12.40
N LYS C 332 -26.88 35.24 -13.44
CA LYS C 332 -28.13 34.65 -13.87
C LYS C 332 -28.66 33.78 -12.74
N THR C 333 -29.98 33.70 -12.66
CA THR C 333 -30.60 33.09 -11.50
C THR C 333 -30.44 31.58 -11.48
N GLU C 334 -30.08 30.97 -12.61
CA GLU C 334 -29.83 29.53 -12.60
C GLU C 334 -28.56 29.15 -11.84
N LYS C 335 -27.58 30.07 -11.72
CA LYS C 335 -26.35 29.75 -11.01
C LYS C 335 -26.64 29.28 -9.59
N MET C 336 -27.49 30.01 -8.88
CA MET C 336 -27.82 29.69 -7.50
C MET C 336 -28.86 28.58 -7.38
N ALA C 337 -29.34 28.05 -8.50
CA ALA C 337 -30.46 27.12 -8.47
C ALA C 337 -30.17 25.92 -7.57
N ALA C 338 -29.03 25.26 -7.78
CA ALA C 338 -28.75 24.06 -7.03
C ALA C 338 -28.61 24.35 -5.54
N SER C 339 -28.00 25.48 -5.20
CA SER C 339 -27.89 25.85 -3.80
C SER C 339 -29.26 26.11 -3.18
N ARG C 340 -30.15 26.78 -3.94
CA ARG C 340 -31.49 27.06 -3.42
C ARG C 340 -32.32 25.79 -3.32
N GLN C 341 -32.12 24.85 -4.22
CA GLN C 341 -32.90 23.61 -4.17
C GLN C 341 -32.64 22.87 -2.88
N VAL C 342 -31.38 22.81 -2.44
CA VAL C 342 -31.06 22.10 -1.22
C VAL C 342 -31.63 22.82 -0.01
N LEU C 343 -31.51 24.15 0.03
CA LEU C 343 -32.11 24.91 1.10
C LEU C 343 -33.61 24.65 1.18
N SER C 344 -34.28 24.59 0.02
CA SER C 344 -35.71 24.37 0.01
C SER C 344 -36.10 22.99 0.55
N ASP C 345 -35.33 21.96 0.22
CA ASP C 345 -35.66 20.60 0.64
C ASP C 345 -35.08 20.20 1.99
N TYR C 346 -34.17 20.98 2.55
CA TYR C 346 -33.46 20.54 3.73
C TYR C 346 -33.25 21.60 4.80
N GLY C 347 -33.33 22.89 4.47
CA GLY C 347 -32.92 23.93 5.38
C GLY C 347 -31.41 24.12 5.37
N ASN C 348 -30.95 24.96 6.27
CA ASN C 348 -29.53 25.18 6.52
C ASN C 348 -29.06 24.09 7.48
N MET C 349 -28.33 23.12 6.96
CA MET C 349 -27.73 22.06 7.78
C MET C 349 -26.27 22.36 8.08
N SER C 350 -25.94 23.63 8.27
CA SER C 350 -24.61 24.09 8.71
C SER C 350 -23.56 23.48 7.80
N SER C 351 -22.55 22.78 8.35
CA SER C 351 -21.40 22.42 7.52
C SER C 351 -21.77 21.45 6.42
N ALA C 352 -22.77 20.60 6.66
CA ALA C 352 -23.21 19.55 5.75
C ALA C 352 -23.83 20.07 4.44
N CYS C 353 -24.18 21.32 4.34
CA CYS C 353 -24.99 21.78 3.23
C CYS C 353 -24.34 21.64 1.89
N VAL C 354 -23.15 22.18 1.75
CA VAL C 354 -22.43 22.19 0.51
C VAL C 354 -22.14 20.83 -0.07
N LEU C 355 -21.91 19.84 0.77
CA LEU C 355 -21.92 18.49 0.32
C LEU C 355 -23.27 17.96 -0.19
N PHE C 356 -24.40 18.34 0.39
CA PHE C 356 -25.69 18.07 -0.23
C PHE C 356 -25.83 18.73 -1.60
N ILE C 357 -25.35 19.97 -1.78
CA ILE C 357 -25.49 20.69 -3.05
C ILE C 357 -24.61 20.06 -4.12
N MET C 358 -23.38 19.68 -3.74
CA MET C 358 -22.51 18.96 -4.67
C MET C 358 -23.15 17.68 -5.14
N ASP C 359 -23.71 16.91 -4.21
CA ASP C 359 -24.34 15.64 -4.56
C ASP C 359 -25.52 15.87 -5.49
N HIS C 360 -26.36 16.83 -5.18
CA HIS C 360 -27.49 17.17 -6.01
C HIS C 360 -27.14 17.62 -7.42
N LEU C 361 -26.07 18.35 -7.53
CA LEU C 361 -25.70 18.91 -8.80
C LEU C 361 -25.09 17.94 -9.83
N ARG C 362 -24.32 16.99 -9.37
CA ARG C 362 -23.91 15.88 -10.19
C ARG C 362 -25.06 14.93 -10.48
N LYS C 363 -25.90 14.67 -9.51
CA LYS C 363 -27.02 13.79 -9.81
C LYS C 363 -27.95 14.41 -10.84
N LYS C 364 -28.27 15.69 -10.69
CA LYS C 364 -29.12 16.28 -11.71
C LYS C 364 -28.37 16.55 -13.00
N SER C 365 -27.04 16.61 -12.98
CA SER C 365 -26.31 16.71 -14.25
C SER C 365 -26.38 15.40 -15.02
N VAL C 366 -26.24 14.28 -14.31
CA VAL C 366 -26.45 12.99 -14.96
C VAL C 366 -27.87 12.88 -15.47
N GLU C 367 -28.84 13.30 -14.65
CA GLU C 367 -30.25 13.11 -14.95
C GLU C 367 -30.67 13.88 -16.20
N GLN C 368 -30.09 15.06 -16.40
CA GLN C 368 -30.42 15.91 -17.53
C GLN C 368 -29.51 15.67 -18.73
N LYS C 369 -28.63 14.71 -18.59
CA LYS C 369 -27.61 14.43 -19.57
C LYS C 369 -26.85 15.64 -20.00
N LEU C 370 -26.30 16.35 -19.06
CA LEU C 370 -25.39 17.43 -19.37
C LEU C 370 -23.99 16.94 -19.65
N ALA C 371 -23.18 17.79 -20.22
CA ALA C 371 -21.86 17.41 -20.66
C ALA C 371 -20.86 17.15 -19.52
N THR C 372 -21.08 17.78 -18.37
CA THR C 372 -20.30 17.52 -17.18
C THR C 372 -21.15 17.26 -15.97
N SER C 373 -20.46 16.97 -14.89
CA SER C 373 -21.06 16.81 -13.59
C SER C 373 -21.25 18.12 -12.87
N GLY C 374 -20.74 19.20 -13.42
CA GLY C 374 -21.05 20.51 -12.90
C GLY C 374 -21.88 21.37 -13.79
N GLU C 375 -23.08 20.89 -14.09
CA GLU C 375 -24.09 21.54 -14.93
C GLU C 375 -23.64 21.79 -16.35
N GLY C 376 -22.76 20.97 -16.87
CA GLY C 376 -22.08 21.25 -18.11
C GLY C 376 -20.89 22.16 -18.13
N TYR C 377 -20.59 22.82 -17.03
CA TYR C 377 -19.40 23.63 -16.99
C TYR C 377 -18.18 22.84 -16.59
N GLU C 378 -17.00 23.36 -16.89
CA GLU C 378 -15.76 22.73 -16.53
C GLU C 378 -15.38 23.14 -15.13
N TRP C 379 -15.39 24.43 -14.86
CA TRP C 379 -14.95 24.92 -13.59
C TRP C 379 -16.08 25.37 -12.71
N GLY C 380 -15.85 25.38 -11.40
CA GLY C 380 -16.91 25.73 -10.47
C GLY C 380 -16.37 26.17 -9.12
N LEU C 381 -17.32 26.61 -8.29
CA LEU C 381 -17.04 27.17 -6.98
C LEU C 381 -17.83 26.42 -5.92
N LEU C 382 -17.18 26.20 -4.79
CA LEU C 382 -17.82 25.77 -3.56
C LEU C 382 -17.50 26.83 -2.53
N LEU C 383 -18.53 27.34 -1.88
CA LEU C 383 -18.34 28.48 -0.97
C LEU C 383 -19.03 28.20 0.35
N GLY C 384 -18.31 28.42 1.45
CA GLY C 384 -18.89 28.34 2.79
C GLY C 384 -18.78 29.68 3.51
N PHE C 385 -19.80 30.02 4.26
CA PHE C 385 -19.78 31.19 5.14
C PHE C 385 -20.11 30.90 6.58
N GLY C 386 -19.38 31.50 7.48
CA GLY C 386 -19.70 31.40 8.87
C GLY C 386 -18.99 32.38 9.74
N PRO C 387 -18.93 32.08 11.01
CA PRO C 387 -18.33 32.93 12.01
C PRO C 387 -16.92 33.34 11.71
N GLY C 388 -16.63 34.57 12.09
CA GLY C 388 -15.44 35.23 11.64
C GLY C 388 -15.60 36.70 11.29
N LEU C 389 -16.38 37.07 10.30
CA LEU C 389 -16.99 36.24 9.30
C LEU C 389 -16.04 35.57 8.33
N THR C 390 -16.17 34.28 8.21
CA THR C 390 -15.23 33.47 7.47
C THR C 390 -15.81 33.06 6.13
N CYS C 391 -15.08 33.33 5.07
CA CYS C 391 -15.40 32.82 3.79
C CYS C 391 -14.40 31.78 3.34
N GLU C 392 -14.88 30.60 3.01
CA GLU C 392 -14.04 29.51 2.49
C GLU C 392 -14.31 29.37 0.99
N THR C 393 -13.25 29.35 0.21
CA THR C 393 -13.37 29.34 -1.24
C THR C 393 -12.69 28.09 -1.79
N VAL C 394 -13.40 27.35 -2.62
CA VAL C 394 -12.83 26.22 -3.33
C VAL C 394 -13.17 26.39 -4.80
N VAL C 395 -12.16 26.32 -5.65
CA VAL C 395 -12.38 26.23 -7.09
C VAL C 395 -12.28 24.76 -7.46
N LEU C 396 -13.32 24.24 -8.10
CA LEU C 396 -13.39 22.85 -8.47
C LEU C 396 -13.38 22.70 -9.98
N ARG C 397 -13.04 21.49 -10.43
CA ARG C 397 -13.30 21.11 -11.80
C ARG C 397 -14.27 19.95 -11.81
N SER C 398 -15.11 19.90 -12.84
CA SER C 398 -16.08 18.82 -13.00
C SER C 398 -15.39 17.64 -13.71
N VAL C 399 -16.18 16.63 -14.06
CA VAL C 399 -15.70 15.55 -14.93
C VAL C 399 -16.64 15.47 -16.13
N PRO C 400 -16.15 15.08 -17.31
CA PRO C 400 -17.04 14.94 -18.47
C PRO C 400 -17.99 13.76 -18.32
N LEU C 401 -19.17 13.91 -18.92
CA LEU C 401 -20.21 12.88 -18.93
C LEU C 401 -20.65 12.63 -20.37
N ALA C 402 -20.79 11.36 -20.73
CA ALA C 402 -21.38 10.98 -22.01
C ALA C 402 -22.76 11.63 -22.17
N ALA D 7 14.88 -16.81 -49.27
CA ALA D 7 13.75 -16.87 -48.34
C ALA D 7 13.92 -15.82 -47.25
N THR D 8 15.05 -15.12 -47.26
CA THR D 8 15.43 -14.28 -46.14
C THR D 8 15.96 -12.93 -46.63
N PHE D 9 15.87 -11.93 -45.75
CA PHE D 9 16.54 -10.67 -45.99
C PHE D 9 18.05 -10.85 -45.90
N PRO D 10 18.83 -9.94 -46.49
CA PRO D 10 20.30 -10.05 -46.43
C PRO D 10 20.80 -10.07 -45.00
N PRO D 11 21.69 -11.01 -44.66
CA PRO D 11 22.19 -11.10 -43.28
C PRO D 11 22.81 -9.79 -42.83
N CYS D 12 22.61 -9.46 -41.55
CA CYS D 12 23.34 -8.36 -40.94
C CYS D 12 24.13 -8.90 -39.75
N ALA D 13 25.11 -8.12 -39.32
CA ALA D 13 25.87 -8.50 -38.13
C ALA D 13 24.93 -8.63 -36.94
N ARG D 14 25.22 -9.60 -36.09
CA ARG D 14 24.49 -9.79 -34.84
C ARG D 14 24.35 -8.46 -34.09
N LYS D 15 23.10 -8.10 -33.77
CA LYS D 15 22.81 -6.77 -33.21
C LYS D 15 23.26 -6.64 -31.77
N MET D 16 23.19 -7.72 -31.00
CA MET D 16 23.63 -7.73 -29.61
C MET D 16 24.89 -8.56 -29.60
N GLU D 17 26.02 -7.93 -29.30
CA GLU D 17 27.28 -8.65 -29.38
C GLU D 17 27.26 -9.84 -28.42
N ARG D 18 27.94 -10.91 -28.81
CA ARG D 18 28.07 -12.10 -27.98
C ARG D 18 29.44 -12.12 -27.33
N ALA D 19 29.57 -12.91 -26.27
CA ALA D 19 30.86 -13.14 -25.64
C ALA D 19 31.58 -14.30 -26.31
N ASP D 20 32.85 -14.51 -25.94
CA ASP D 20 33.67 -15.53 -26.58
C ASP D 20 34.11 -16.66 -25.65
N GLY D 21 34.40 -16.40 -24.39
CA GLY D 21 34.84 -17.45 -23.49
C GLY D 21 33.70 -18.29 -22.93
N PRO D 22 34.02 -19.21 -22.03
CA PRO D 22 32.99 -19.96 -21.32
C PRO D 22 32.37 -19.15 -20.20
N ALA D 23 31.10 -19.47 -19.90
CA ALA D 23 30.46 -18.89 -18.74
C ALA D 23 31.19 -19.31 -17.47
N THR D 24 31.48 -18.33 -16.61
CA THR D 24 32.35 -18.56 -15.46
C THR D 24 31.67 -18.10 -14.18
N VAL D 25 31.92 -18.82 -13.09
CA VAL D 25 31.46 -18.41 -11.78
C VAL D 25 32.45 -17.41 -11.22
N LEU D 26 31.99 -16.21 -10.89
CA LEU D 26 32.86 -15.16 -10.42
C LEU D 26 32.76 -14.89 -8.93
N ALA D 27 31.73 -15.39 -8.25
CA ALA D 27 31.45 -15.08 -6.85
C ALA D 27 30.32 -15.98 -6.35
N ILE D 28 30.43 -16.41 -5.08
CA ILE D 28 29.41 -17.24 -4.45
C ILE D 28 29.13 -16.70 -3.05
N GLY D 29 27.85 -16.56 -2.72
CA GLY D 29 27.44 -16.22 -1.37
C GLY D 29 26.26 -17.07 -0.95
N THR D 30 26.16 -17.32 0.35
CA THR D 30 25.07 -18.13 0.86
C THR D 30 24.50 -17.47 2.10
N ALA D 31 23.37 -18.02 2.56
CA ALA D 31 22.66 -17.46 3.71
C ALA D 31 21.64 -18.47 4.19
N ASN D 32 21.37 -18.45 5.49
CA ASN D 32 20.42 -19.36 6.09
C ASN D 32 19.58 -18.59 7.10
N PRO D 33 18.37 -19.04 7.39
CA PRO D 33 17.60 -18.48 8.49
C PRO D 33 18.31 -18.69 9.81
N PRO D 34 17.95 -17.95 10.86
CA PRO D 34 18.73 -18.01 12.11
C PRO D 34 18.41 -19.16 13.07
N ASN D 35 17.41 -19.98 12.82
CA ASN D 35 17.01 -21.01 13.77
C ASN D 35 17.66 -22.33 13.43
N VAL D 36 18.40 -22.89 14.39
CA VAL D 36 19.15 -24.13 14.23
C VAL D 36 18.38 -25.25 14.92
N PHE D 37 18.30 -26.39 14.25
CA PHE D 37 17.61 -27.57 14.77
C PHE D 37 18.56 -28.75 14.76
N ASP D 38 19.04 -29.15 15.92
CA ASP D 38 19.86 -30.35 16.03
C ASP D 38 19.06 -31.56 15.59
N GLN D 39 19.57 -32.27 14.59
CA GLN D 39 18.87 -33.43 14.03
C GLN D 39 18.68 -34.52 15.07
N SER D 40 19.65 -34.76 15.94
CA SER D 40 19.57 -35.89 16.86
C SER D 40 18.39 -35.78 17.80
N THR D 41 18.04 -34.56 18.25
CA THR D 41 16.85 -34.36 19.07
C THR D 41 15.71 -33.73 18.29
N TYR D 42 15.82 -33.65 16.96
CA TYR D 42 14.70 -33.14 16.18
C TYR D 42 13.43 -33.96 16.33
N PRO D 43 13.47 -35.30 16.46
CA PRO D 43 12.22 -36.04 16.63
C PRO D 43 11.46 -35.67 17.88
N ASP D 44 12.14 -35.33 18.96
CA ASP D 44 11.42 -34.92 20.17
C ASP D 44 10.70 -33.60 19.93
N PHE D 45 11.36 -32.64 19.27
CA PHE D 45 10.72 -31.37 18.96
C PHE D 45 9.55 -31.56 18.00
N TYR D 46 9.75 -32.37 16.97
CA TYR D 46 8.78 -32.45 15.89
C TYR D 46 7.50 -33.13 16.34
N PHE D 47 7.62 -34.27 17.02
CA PHE D 47 6.41 -34.96 17.45
C PHE D 47 5.68 -34.21 18.55
N ASN D 48 6.39 -33.42 19.34
CA ASN D 48 5.69 -32.63 20.35
C ASN D 48 4.91 -31.49 19.72
N ILE D 49 5.56 -30.71 18.85
CA ILE D 49 4.92 -29.52 18.28
C ILE D 49 3.73 -29.90 17.40
N THR D 50 3.71 -31.12 16.85
CA THR D 50 2.56 -31.56 16.06
C THR D 50 1.59 -32.42 16.87
N ASN D 51 1.63 -32.34 18.20
CA ASN D 51 0.70 -33.06 19.08
C ASN D 51 0.64 -34.55 18.74
N SER D 52 1.81 -35.12 18.48
CA SER D 52 1.85 -36.50 18.01
C SER D 52 2.62 -37.40 18.97
N ASN D 53 2.80 -36.97 20.22
CA ASN D 53 3.64 -37.73 21.15
C ASN D 53 3.11 -39.13 21.34
N HIS D 54 1.81 -39.34 21.16
CA HIS D 54 1.24 -40.67 21.34
C HIS D 54 1.61 -41.63 20.22
N MET D 55 2.09 -41.15 19.08
CA MET D 55 2.40 -42.02 17.94
C MET D 55 3.75 -42.71 18.19
N THR D 56 3.75 -43.60 19.19
CA THR D 56 5.00 -44.02 19.80
C THR D 56 5.89 -44.74 18.80
N ASP D 57 5.32 -45.62 17.99
CA ASP D 57 6.13 -46.35 17.03
C ASP D 57 6.53 -45.48 15.86
N LEU D 58 5.68 -44.55 15.46
CA LEU D 58 6.03 -43.65 14.37
C LEU D 58 7.20 -42.78 14.76
N LYS D 59 7.21 -42.33 16.02
CA LYS D 59 8.33 -41.52 16.49
C LYS D 59 9.61 -42.34 16.53
N THR D 60 9.51 -43.63 16.84
CA THR D 60 10.69 -44.47 16.80
C THR D 60 11.22 -44.60 15.38
N LYS D 61 10.31 -44.79 14.40
CA LYS D 61 10.73 -44.79 13.01
C LYS D 61 11.37 -43.47 12.62
N PHE D 62 10.75 -42.35 12.99
CA PHE D 62 11.29 -41.05 12.61
C PHE D 62 12.65 -40.82 13.24
N GLN D 63 12.84 -41.28 14.48
CA GLN D 63 14.16 -41.21 15.10
C GLN D 63 15.20 -41.94 14.27
N ARG D 64 14.84 -43.11 13.74
CA ARG D 64 15.78 -43.84 12.89
C ARG D 64 16.08 -43.06 11.61
N MET D 65 15.04 -42.51 10.97
CA MET D 65 15.26 -41.72 9.78
C MET D 65 16.26 -40.60 10.06
N CYS D 66 16.02 -39.85 11.13
CA CYS D 66 16.94 -38.78 11.49
C CYS D 66 18.34 -39.32 11.73
N ASP D 67 18.44 -40.45 12.43
CA ASP D 67 19.75 -40.99 12.79
C ASP D 67 20.55 -41.40 11.57
N LYS D 68 19.89 -42.00 10.59
CA LYS D 68 20.52 -42.43 9.37
C LYS D 68 20.53 -41.36 8.29
N SER D 69 20.22 -40.11 8.64
CA SER D 69 20.01 -39.08 7.62
C SER D 69 21.31 -38.47 7.11
N GLY D 70 22.41 -38.62 7.83
CA GLY D 70 23.62 -37.92 7.44
C GLY D 70 23.56 -36.44 7.72
N ILE D 71 22.57 -35.99 8.49
CA ILE D 71 22.35 -34.59 8.81
C ILE D 71 22.69 -34.38 10.28
N THR D 72 23.41 -33.30 10.58
CA THR D 72 23.71 -32.92 11.95
C THR D 72 22.78 -31.85 12.47
N LYS D 73 22.36 -30.94 11.58
CA LYS D 73 21.51 -29.82 11.93
C LYS D 73 20.94 -29.22 10.65
N ARG D 74 19.83 -28.50 10.80
CA ARG D 74 19.25 -27.72 9.74
C ARG D 74 18.89 -26.33 10.25
N TYR D 75 18.76 -25.41 9.31
CA TYR D 75 18.29 -24.07 9.59
C TYR D 75 16.91 -23.90 9.02
N MET D 76 16.06 -23.18 9.73
CA MET D 76 14.67 -23.00 9.31
C MET D 76 14.18 -21.61 9.67
N TYR D 77 13.41 -21.03 8.76
CA TYR D 77 12.67 -19.83 9.09
C TYR D 77 11.62 -20.13 10.16
N LEU D 78 11.00 -21.30 10.09
CA LEU D 78 10.07 -21.71 11.12
C LEU D 78 10.77 -21.75 12.46
N ASN D 79 10.01 -21.58 13.53
CA ASN D 79 10.50 -21.82 14.87
C ASN D 79 9.31 -22.19 15.74
N GLU D 80 9.54 -22.23 17.05
CA GLU D 80 8.49 -22.68 17.96
C GLU D 80 7.32 -21.69 18.00
N GLU D 81 7.62 -20.40 18.14
CA GLU D 81 6.57 -19.41 18.24
C GLU D 81 5.73 -19.35 16.97
N ILE D 82 6.39 -19.47 15.81
CA ILE D 82 5.69 -19.37 14.53
C ILE D 82 4.77 -20.57 14.32
N LEU D 83 5.21 -21.76 14.73
CA LEU D 83 4.40 -22.94 14.52
C LEU D 83 3.18 -22.95 15.44
N LYS D 84 3.36 -22.57 16.72
CA LYS D 84 2.22 -22.49 17.63
C LYS D 84 1.21 -21.45 17.15
N ALA D 85 1.64 -20.44 16.43
CA ALA D 85 0.70 -19.50 15.88
C ALA D 85 -0.08 -20.08 14.70
N ASN D 86 0.33 -21.22 14.17
CA ASN D 86 -0.32 -21.80 13.00
C ASN D 86 -0.53 -23.31 13.19
N PRO D 87 -1.52 -23.68 14.00
CA PRO D 87 -1.83 -25.11 14.18
C PRO D 87 -2.17 -25.82 12.88
N ASN D 88 -2.73 -25.11 11.90
CA ASN D 88 -3.08 -25.74 10.64
C ASN D 88 -1.84 -26.22 9.88
N MET D 89 -0.68 -25.70 10.23
CA MET D 89 0.57 -26.19 9.71
C MET D 89 1.19 -27.36 10.48
N CYS D 90 0.88 -27.49 11.76
CA CYS D 90 1.42 -28.57 12.54
C CYS D 90 0.60 -29.83 12.41
N ALA D 91 -0.56 -29.76 11.81
CA ALA D 91 -1.30 -30.91 11.45
C ALA D 91 -0.83 -31.47 10.13
N TYR D 92 -1.14 -32.73 9.90
CA TYR D 92 -0.72 -33.40 8.71
C TYR D 92 -1.39 -32.85 7.46
N TRP D 93 -2.67 -32.58 7.53
CA TRP D 93 -3.45 -32.23 6.38
C TRP D 93 -4.58 -31.24 6.65
N GLU D 94 -4.24 -30.04 7.07
CA GLU D 94 -5.18 -28.94 7.08
C GLU D 94 -4.90 -27.88 6.06
N LYS D 95 -5.94 -27.20 5.64
CA LYS D 95 -5.82 -26.05 4.77
C LYS D 95 -4.99 -24.97 5.39
N SER D 96 -3.94 -24.57 4.71
CA SER D 96 -2.89 -23.76 5.29
C SER D 96 -2.37 -22.79 4.23
N LEU D 97 -2.32 -23.22 2.99
CA LEU D 97 -1.54 -22.66 1.94
C LEU D 97 -1.43 -21.12 2.00
N ASP D 98 -2.48 -20.47 2.43
CA ASP D 98 -2.50 -19.04 2.57
C ASP D 98 -1.50 -18.55 3.60
N VAL D 99 -1.47 -19.13 4.78
CA VAL D 99 -0.46 -18.78 5.75
C VAL D 99 0.95 -19.16 5.33
N ARG D 100 1.07 -20.24 4.60
CA ARG D 100 2.33 -20.62 4.07
C ARG D 100 2.81 -19.61 3.00
N GLN D 101 1.94 -19.19 2.10
CA GLN D 101 2.28 -18.19 1.11
C GLN D 101 2.69 -16.88 1.77
N ASP D 102 1.96 -16.45 2.80
CA ASP D 102 2.27 -15.17 3.45
C ASP D 102 3.69 -15.15 3.98
N MET D 103 4.17 -16.29 4.48
CA MET D 103 5.56 -16.39 4.90
C MET D 103 6.51 -16.36 3.72
N VAL D 104 6.35 -17.29 2.76
CA VAL D 104 7.45 -17.52 1.81
C VAL D 104 7.50 -16.49 0.70
N VAL D 105 6.37 -15.87 0.32
CA VAL D 105 6.46 -14.85 -0.69
C VAL D 105 7.23 -13.64 -0.18
N VAL D 106 7.31 -13.46 1.13
CA VAL D 106 8.16 -12.43 1.73
C VAL D 106 9.55 -12.97 2.04
N GLU D 107 9.65 -14.17 2.62
CA GLU D 107 10.91 -14.56 3.21
C GLU D 107 11.89 -15.16 2.21
N VAL D 108 11.40 -15.74 1.12
CA VAL D 108 12.25 -16.32 0.08
C VAL D 108 13.09 -15.22 -0.61
N PRO D 109 12.49 -14.15 -1.15
CA PRO D 109 13.34 -13.11 -1.71
C PRO D 109 14.20 -12.45 -0.66
N LYS D 110 13.72 -12.37 0.59
CA LYS D 110 14.53 -11.80 1.67
C LYS D 110 15.82 -12.59 1.89
N LEU D 111 15.70 -13.91 2.08
CA LEU D 111 16.88 -14.73 2.29
C LEU D 111 17.79 -14.73 1.07
N GLY D 112 17.21 -14.71 -0.13
CA GLY D 112 18.03 -14.64 -1.32
C GLY D 112 18.79 -13.33 -1.42
N LYS D 113 18.15 -12.23 -1.01
CA LYS D 113 18.81 -10.94 -0.88
C LYS D 113 20.04 -11.03 0.00
N GLU D 114 19.94 -11.73 1.12
CA GLU D 114 21.09 -11.94 1.98
C GLU D 114 22.22 -12.61 1.21
N ALA D 115 21.94 -13.71 0.52
CA ALA D 115 23.01 -14.41 -0.19
C ALA D 115 23.55 -13.56 -1.33
N ALA D 116 22.67 -12.84 -2.03
CA ALA D 116 23.08 -12.06 -3.19
C ALA D 116 24.01 -10.92 -2.78
N THR D 117 23.77 -10.31 -1.62
CA THR D 117 24.64 -9.23 -1.18
C THR D 117 26.05 -9.74 -0.94
N LYS D 118 26.16 -10.94 -0.38
CA LYS D 118 27.48 -11.50 -0.15
C LYS D 118 28.18 -11.79 -1.46
N ALA D 119 27.47 -12.38 -2.42
CA ALA D 119 28.05 -12.63 -3.73
C ALA D 119 28.52 -11.32 -4.38
N ILE D 120 27.69 -10.29 -4.32
CA ILE D 120 28.04 -9.03 -4.96
C ILE D 120 29.23 -8.40 -4.26
N LYS D 121 29.31 -8.54 -2.93
CA LYS D 121 30.44 -7.96 -2.21
C LYS D 121 31.73 -8.66 -2.59
N GLU D 122 31.72 -10.00 -2.59
CA GLU D 122 32.91 -10.73 -3.04
C GLU D 122 33.27 -10.34 -4.46
N TRP D 123 32.28 -10.31 -5.36
CA TRP D 123 32.49 -9.93 -6.74
C TRP D 123 33.22 -8.59 -6.84
N GLY D 124 32.84 -7.62 -6.05
CA GLY D 124 33.54 -6.37 -6.00
C GLY D 124 33.13 -5.35 -7.03
N GLN D 125 32.24 -5.65 -7.92
CA GLN D 125 31.83 -4.70 -8.93
C GLN D 125 30.58 -3.96 -8.47
N PRO D 126 30.29 -2.80 -9.07
CA PRO D 126 29.00 -2.15 -8.80
C PRO D 126 27.85 -3.04 -9.23
N LYS D 127 26.83 -3.10 -8.38
CA LYS D 127 25.64 -3.89 -8.68
C LYS D 127 24.90 -3.39 -9.89
N SER D 128 25.13 -2.14 -10.28
CA SER D 128 24.54 -1.62 -11.50
C SER D 128 25.07 -2.33 -12.74
N LYS D 129 26.12 -3.12 -12.63
CA LYS D 129 26.62 -3.84 -13.78
C LYS D 129 26.00 -5.23 -13.91
N ILE D 130 25.07 -5.57 -13.02
CA ILE D 130 24.28 -6.78 -13.17
C ILE D 130 23.27 -6.56 -14.28
N THR D 131 23.28 -7.46 -15.27
CA THR D 131 22.38 -7.36 -16.42
C THR D 131 21.26 -8.38 -16.41
N HIS D 132 21.41 -9.49 -15.71
CA HIS D 132 20.43 -10.56 -15.72
C HIS D 132 20.19 -11.06 -14.30
N VAL D 133 18.97 -11.48 -14.03
CA VAL D 133 18.60 -12.09 -12.76
C VAL D 133 17.90 -13.41 -13.06
N VAL D 134 18.41 -14.49 -12.49
CA VAL D 134 17.72 -15.76 -12.46
C VAL D 134 17.42 -16.08 -11.01
N PHE D 135 16.13 -16.17 -10.67
CA PHE D 135 15.69 -16.54 -9.34
C PHE D 135 15.03 -17.92 -9.40
N CYS D 136 15.51 -18.84 -8.57
CA CYS D 136 15.01 -20.20 -8.57
C CYS D 136 14.47 -20.58 -7.20
N THR D 137 13.22 -21.06 -7.15
CA THR D 137 12.67 -21.53 -5.89
C THR D 137 11.64 -22.63 -6.10
N THR D 138 11.40 -23.39 -5.03
CA THR D 138 10.32 -24.37 -4.97
C THR D 138 9.34 -24.00 -3.87
N SER D 139 9.51 -22.84 -3.24
CA SER D 139 8.77 -22.41 -2.05
C SER D 139 7.92 -21.19 -2.39
N GLY D 140 6.69 -21.41 -2.81
CA GLY D 140 5.76 -20.32 -3.00
C GLY D 140 5.83 -19.72 -4.39
N VAL D 141 4.74 -19.05 -4.77
CA VAL D 141 4.67 -18.31 -6.02
C VAL D 141 3.90 -17.02 -5.78
N ASP D 142 4.17 -16.04 -6.63
CA ASP D 142 3.54 -14.74 -6.48
C ASP D 142 3.71 -13.97 -7.78
N MET D 143 2.86 -12.97 -7.96
CA MET D 143 2.93 -12.06 -9.10
C MET D 143 2.87 -10.60 -8.65
N PRO D 144 3.90 -9.82 -8.91
CA PRO D 144 5.19 -10.17 -9.54
C PRO D 144 5.96 -11.17 -8.70
N GLY D 145 6.99 -11.78 -9.27
CA GLY D 145 7.67 -12.87 -8.61
C GLY D 145 8.80 -12.43 -7.69
N ALA D 146 9.38 -13.42 -7.01
CA ALA D 146 10.56 -13.21 -6.19
C ALA D 146 11.72 -12.61 -6.97
N ASP D 147 11.76 -12.80 -8.31
CA ASP D 147 12.75 -12.13 -9.12
C ASP D 147 12.54 -10.64 -9.08
N TRP D 148 11.30 -10.19 -9.19
CA TRP D 148 11.00 -8.78 -9.07
C TRP D 148 11.32 -8.27 -7.68
N ALA D 149 10.88 -8.98 -6.65
CA ALA D 149 11.12 -8.52 -5.28
C ALA D 149 12.61 -8.44 -4.98
N LEU D 150 13.37 -9.44 -5.42
CA LEU D 150 14.82 -9.38 -5.26
C LEU D 150 15.40 -8.16 -5.94
N THR D 151 14.91 -7.84 -7.14
CA THR D 151 15.44 -6.69 -7.86
C THR D 151 15.21 -5.41 -7.08
N LYS D 152 14.04 -5.27 -6.45
CA LYS D 152 13.74 -4.08 -5.68
C LYS D 152 14.58 -4.02 -4.41
N LEU D 153 14.61 -5.12 -3.66
CA LEU D 153 15.38 -5.15 -2.44
C LEU D 153 16.84 -4.78 -2.68
N LEU D 154 17.41 -5.23 -3.79
CA LEU D 154 18.81 -4.96 -4.06
C LEU D 154 19.01 -3.61 -4.73
N GLY D 155 17.96 -2.99 -5.24
CA GLY D 155 18.14 -1.80 -6.03
C GLY D 155 18.98 -2.02 -7.25
N LEU D 156 18.75 -3.12 -7.98
CA LEU D 156 19.38 -3.31 -9.26
C LEU D 156 18.76 -2.36 -10.28
N ARG D 157 19.37 -2.29 -11.46
CA ARG D 157 18.86 -1.42 -12.51
C ARG D 157 17.46 -1.87 -12.91
N PRO D 158 16.57 -0.94 -13.23
CA PRO D 158 15.20 -1.36 -13.57
C PRO D 158 15.11 -2.17 -14.85
N SER D 159 16.17 -2.18 -15.65
CA SER D 159 16.13 -2.83 -16.95
C SER D 159 16.86 -4.17 -16.95
N VAL D 160 17.10 -4.78 -15.79
CA VAL D 160 17.68 -6.12 -15.80
C VAL D 160 16.75 -7.08 -16.51
N LYS D 161 17.35 -8.03 -17.21
CA LYS D 161 16.57 -9.10 -17.82
C LYS D 161 16.39 -10.19 -16.78
N ARG D 162 15.16 -10.42 -16.39
CA ARG D 162 14.84 -11.32 -15.29
C ARG D 162 14.24 -12.60 -15.82
N LEU D 163 14.56 -13.70 -15.15
CA LEU D 163 13.98 -15.01 -15.43
C LEU D 163 13.56 -15.65 -14.12
N MET D 164 12.26 -15.86 -13.95
CA MET D 164 11.70 -16.36 -12.70
C MET D 164 11.41 -17.85 -12.83
N MET D 165 12.04 -18.66 -12.00
CA MET D 165 11.87 -20.11 -12.03
C MET D 165 11.20 -20.57 -10.73
N TYR D 166 9.89 -20.82 -10.80
CA TYR D 166 9.05 -21.28 -9.70
C TYR D 166 8.82 -22.79 -9.77
N GLN D 167 8.53 -23.38 -8.61
CA GLN D 167 8.08 -24.76 -8.47
C GLN D 167 8.98 -25.74 -9.23
N GLN D 168 10.29 -25.58 -9.04
CA GLN D 168 11.28 -26.30 -9.82
C GLN D 168 11.58 -27.67 -9.23
N GLY D 169 11.99 -27.71 -7.98
CA GLY D 169 12.38 -28.95 -7.35
C GLY D 169 13.89 -29.12 -7.27
N CYS D 170 14.27 -30.31 -6.81
CA CYS D 170 15.64 -30.55 -6.37
C CYS D 170 16.68 -30.57 -7.49
N PHE D 171 16.27 -30.64 -8.75
CA PHE D 171 17.26 -30.72 -9.82
C PHE D 171 17.70 -29.34 -10.31
N ALA D 172 17.05 -28.28 -9.84
CA ALA D 172 17.13 -26.96 -10.45
C ALA D 172 18.45 -26.23 -10.20
N GLY D 173 19.25 -26.65 -9.22
CA GLY D 173 20.59 -26.11 -9.11
C GLY D 173 21.41 -26.35 -10.36
N GLY D 174 21.12 -27.43 -11.08
CA GLY D 174 21.80 -27.67 -12.34
C GLY D 174 21.13 -26.93 -13.46
N THR D 175 19.81 -26.76 -13.38
CA THR D 175 19.11 -26.01 -14.40
C THR D 175 19.61 -24.58 -14.49
N VAL D 176 19.74 -23.89 -13.35
CA VAL D 176 20.17 -22.50 -13.38
C VAL D 176 21.58 -22.36 -13.96
N MET D 177 22.48 -23.30 -13.67
CA MET D 177 23.77 -23.29 -14.34
C MET D 177 23.59 -23.40 -15.84
N ARG D 178 22.74 -24.32 -16.27
CA ARG D 178 22.46 -24.46 -17.70
C ARG D 178 21.85 -23.19 -18.26
N VAL D 179 20.89 -22.60 -17.54
CA VAL D 179 20.28 -21.35 -17.97
C VAL D 179 21.33 -20.26 -18.04
N ALA D 180 22.15 -20.15 -17.00
CA ALA D 180 23.10 -19.05 -16.93
C ALA D 180 24.18 -19.19 -17.99
N LYS D 181 24.44 -20.42 -18.45
CA LYS D 181 25.48 -20.60 -19.45
C LYS D 181 25.13 -19.82 -20.71
N ASP D 182 23.88 -19.89 -21.16
CA ASP D 182 23.52 -19.27 -22.43
C ASP D 182 23.35 -17.76 -22.29
N LEU D 183 22.86 -17.28 -21.14
CA LEU D 183 22.74 -15.84 -20.96
C LEU D 183 24.10 -15.17 -21.02
N ALA D 184 25.07 -15.71 -20.28
CA ALA D 184 26.40 -15.12 -20.23
C ALA D 184 27.13 -15.23 -21.56
N GLU D 185 27.06 -16.40 -22.21
CA GLU D 185 27.86 -16.63 -23.42
C GLU D 185 27.31 -15.90 -24.64
N ASN D 186 25.99 -15.76 -24.76
CA ASN D 186 25.40 -15.09 -25.90
C ASN D 186 25.29 -13.57 -25.73
N ASN D 187 25.83 -13.00 -24.66
CA ASN D 187 25.69 -11.57 -24.44
C ASN D 187 26.98 -11.02 -23.87
N LYS D 188 27.72 -10.29 -24.71
CA LYS D 188 28.96 -9.66 -24.28
C LYS D 188 28.68 -8.64 -23.19
N GLY D 189 29.41 -8.76 -22.09
CA GLY D 189 29.20 -7.87 -20.97
C GLY D 189 28.12 -8.30 -20.01
N ALA D 190 27.37 -9.37 -20.33
CA ALA D 190 26.33 -9.82 -19.43
C ALA D 190 26.95 -10.32 -18.15
N ARG D 191 26.39 -9.86 -17.03
CA ARG D 191 26.76 -10.33 -15.70
C ARG D 191 25.46 -10.77 -15.03
N VAL D 192 25.35 -12.07 -14.76
CA VAL D 192 24.10 -12.69 -14.35
C VAL D 192 24.16 -12.99 -12.87
N LEU D 193 23.18 -12.49 -12.13
CA LEU D 193 22.98 -12.85 -10.73
C LEU D 193 21.99 -14.00 -10.67
N VAL D 194 22.45 -15.13 -10.15
CA VAL D 194 21.66 -16.34 -10.04
C VAL D 194 21.42 -16.61 -8.57
N VAL D 195 20.16 -16.78 -8.19
CA VAL D 195 19.77 -16.94 -6.80
C VAL D 195 18.80 -18.11 -6.67
N CYS D 196 19.15 -19.05 -5.79
CA CYS D 196 18.29 -20.17 -5.40
C CYS D 196 17.94 -19.99 -3.93
N SER D 197 16.65 -19.93 -3.61
CA SER D 197 16.19 -19.67 -2.25
C SER D 197 15.03 -20.58 -1.88
N GLU D 198 15.21 -21.36 -0.81
CA GLU D 198 14.27 -22.42 -0.45
C GLU D 198 13.94 -22.34 1.04
N LEU D 199 12.65 -22.41 1.39
CA LEU D 199 12.21 -22.44 2.78
C LEU D 199 11.16 -23.51 3.01
N THR D 200 11.35 -24.33 4.04
CA THR D 200 10.43 -25.44 4.27
C THR D 200 9.04 -25.02 4.74
N ALA D 201 8.74 -23.74 4.89
CA ALA D 201 7.42 -23.36 5.38
C ALA D 201 6.31 -23.87 4.47
N VAL D 202 6.60 -24.10 3.19
CA VAL D 202 5.63 -24.67 2.27
C VAL D 202 5.36 -26.14 2.53
N THR D 203 6.29 -26.86 3.14
CA THR D 203 6.23 -28.29 3.10
C THR D 203 6.11 -28.95 4.48
N PHE D 204 6.39 -28.21 5.55
CA PHE D 204 6.28 -28.74 6.91
C PHE D 204 4.85 -29.20 7.23
N ARG D 205 4.72 -30.38 7.82
CA ARG D 205 3.41 -30.84 8.28
C ARG D 205 3.60 -31.98 9.26
N GLY D 206 2.56 -32.20 10.07
CA GLY D 206 2.53 -33.28 11.04
C GLY D 206 2.63 -34.66 10.41
N PRO D 207 2.88 -35.67 11.24
CA PRO D 207 3.15 -37.01 10.72
C PRO D 207 1.88 -37.83 10.52
N SER D 208 1.99 -38.80 9.61
CA SER D 208 0.91 -39.75 9.36
C SER D 208 1.50 -41.13 9.27
N GLU D 209 0.88 -42.11 9.91
CA GLU D 209 1.45 -43.44 9.90
C GLU D 209 1.46 -44.07 8.52
N THR D 210 0.70 -43.50 7.57
CA THR D 210 0.48 -44.15 6.29
C THR D 210 1.09 -43.37 5.15
N HIS D 211 1.88 -42.34 5.43
CA HIS D 211 2.58 -41.61 4.41
C HIS D 211 3.98 -41.34 4.97
N LEU D 212 4.78 -42.40 5.04
CA LEU D 212 6.13 -42.31 5.56
C LEU D 212 7.08 -41.62 4.60
N ASP D 213 6.72 -41.52 3.32
CA ASP D 213 7.50 -40.67 2.43
C ASP D 213 7.34 -39.20 2.80
N SER D 214 6.14 -38.78 3.20
CA SER D 214 6.00 -37.43 3.73
C SER D 214 6.87 -37.26 4.97
N LEU D 215 6.95 -38.30 5.80
CA LEU D 215 7.83 -38.25 6.96
C LEU D 215 9.27 -38.08 6.54
N VAL D 216 9.67 -38.72 5.43
CA VAL D 216 11.04 -38.63 4.97
C VAL D 216 11.42 -37.18 4.71
N GLY D 217 10.58 -36.47 3.96
CA GLY D 217 10.81 -35.04 3.75
C GLY D 217 11.03 -34.28 5.04
N GLN D 218 10.26 -34.60 6.08
CA GLN D 218 10.39 -33.88 7.35
C GLN D 218 11.72 -34.14 8.05
N ALA D 219 12.40 -35.23 7.72
CA ALA D 219 13.70 -35.50 8.29
C ALA D 219 14.82 -34.84 7.51
N LEU D 220 14.58 -34.46 6.26
CA LEU D 220 15.69 -34.14 5.39
C LEU D 220 15.74 -32.69 4.92
N PHE D 221 14.61 -32.00 4.80
CA PHE D 221 14.58 -30.71 4.14
C PHE D 221 14.98 -29.60 5.10
N GLY D 222 15.86 -28.71 4.63
CA GLY D 222 16.25 -27.53 5.38
C GLY D 222 16.12 -26.29 4.50
N ASP D 223 16.48 -25.17 5.10
CA ASP D 223 16.35 -23.87 4.45
C ASP D 223 17.71 -23.30 4.09
N GLY D 224 17.77 -22.57 2.98
CA GLY D 224 18.98 -21.87 2.61
C GLY D 224 18.77 -21.16 1.29
N ALA D 225 19.69 -20.24 1.01
CA ALA D 225 19.72 -19.54 -0.25
C ALA D 225 21.18 -19.43 -0.66
N SER D 226 21.41 -19.49 -1.97
CA SER D 226 22.76 -19.32 -2.50
C SER D 226 22.67 -18.44 -3.73
N ALA D 227 23.75 -17.72 -3.99
CA ALA D 227 23.75 -16.81 -5.12
C ALA D 227 25.12 -16.85 -5.78
N ILE D 228 25.12 -16.69 -7.10
CA ILE D 228 26.35 -16.64 -7.85
C ILE D 228 26.28 -15.50 -8.85
N ILE D 229 27.45 -14.95 -9.15
CA ILE D 229 27.64 -14.07 -10.29
C ILE D 229 28.23 -14.91 -11.40
N VAL D 230 27.59 -14.91 -12.56
CA VAL D 230 28.07 -15.66 -13.70
C VAL D 230 28.30 -14.70 -14.85
N GLY D 231 29.50 -14.74 -15.42
CA GLY D 231 29.76 -14.02 -16.66
C GLY D 231 30.78 -14.74 -17.51
N ALA D 232 30.88 -14.29 -18.75
CA ALA D 232 31.96 -14.68 -19.65
C ALA D 232 32.88 -13.49 -19.91
N ASP D 233 34.09 -13.81 -20.38
CA ASP D 233 35.18 -12.88 -20.61
C ASP D 233 35.42 -12.03 -19.37
N PRO D 234 36.02 -12.59 -18.34
CA PRO D 234 36.25 -11.82 -17.12
C PRO D 234 37.28 -10.75 -17.32
N ILE D 235 37.13 -9.67 -16.56
CA ILE D 235 38.06 -8.57 -16.63
C ILE D 235 39.34 -8.99 -15.93
N PRO D 236 40.46 -9.06 -16.63
CA PRO D 236 41.69 -9.49 -15.96
C PRO D 236 42.06 -8.51 -14.86
N GLU D 237 42.56 -9.06 -13.76
CA GLU D 237 43.00 -8.33 -12.57
C GLU D 237 41.86 -7.75 -11.74
N VAL D 238 40.62 -7.83 -12.20
CA VAL D 238 39.48 -7.24 -11.51
C VAL D 238 38.50 -8.31 -11.03
N GLU D 239 38.05 -9.17 -11.94
CA GLU D 239 37.16 -10.27 -11.63
C GLU D 239 37.98 -11.53 -11.43
N ARG D 240 37.45 -12.45 -10.64
CA ARG D 240 38.19 -13.66 -10.29
C ARG D 240 37.41 -14.90 -10.65
N PRO D 241 37.83 -15.64 -11.67
CA PRO D 241 37.12 -16.86 -12.05
C PRO D 241 37.32 -17.98 -11.05
N TRP D 242 36.26 -18.75 -10.81
CA TRP D 242 36.33 -19.87 -9.91
C TRP D 242 35.96 -21.20 -10.56
N PHE D 243 34.96 -21.22 -11.43
CA PHE D 243 34.61 -22.41 -12.18
C PHE D 243 34.08 -21.99 -13.54
N GLU D 244 34.36 -22.82 -14.55
CA GLU D 244 33.82 -22.62 -15.88
C GLU D 244 32.78 -23.68 -16.20
N ILE D 245 31.77 -23.28 -16.96
CA ILE D 245 30.74 -24.19 -17.45
C ILE D 245 31.07 -24.51 -18.90
N HIS D 246 31.35 -25.76 -19.18
CA HIS D 246 31.69 -26.18 -20.53
C HIS D 246 30.65 -27.07 -21.20
N TYR D 247 29.92 -27.88 -20.43
CA TYR D 247 28.92 -28.76 -21.02
C TYR D 247 27.75 -28.93 -20.05
N VAL D 248 26.53 -28.84 -20.57
CA VAL D 248 25.32 -29.04 -19.79
C VAL D 248 24.46 -30.08 -20.47
N ALA D 249 23.81 -30.92 -19.67
CA ALA D 249 22.95 -31.95 -20.22
C ALA D 249 21.79 -32.21 -19.28
N SER D 250 20.68 -32.67 -19.86
CA SER D 250 19.44 -32.96 -19.15
C SER D 250 18.93 -34.34 -19.58
N ASN D 251 18.44 -35.12 -18.62
CA ASN D 251 17.99 -36.47 -18.92
C ASN D 251 16.85 -36.88 -17.98
N ILE D 252 15.71 -37.25 -18.56
CA ILE D 252 14.67 -37.98 -17.82
C ILE D 252 15.07 -39.45 -17.77
N LEU D 253 15.29 -39.98 -16.57
CA LEU D 253 15.79 -41.34 -16.44
C LEU D 253 14.74 -42.35 -16.90
N PRO D 254 15.19 -43.48 -17.45
CA PRO D 254 14.25 -44.50 -17.93
C PRO D 254 13.40 -45.07 -16.81
N ASP D 255 12.16 -45.42 -17.17
CA ASP D 255 11.23 -46.11 -16.27
C ASP D 255 11.09 -45.39 -14.93
N SER D 256 11.01 -44.06 -14.95
CA SER D 256 11.01 -43.27 -13.72
C SER D 256 9.73 -42.45 -13.50
N ASP D 257 8.70 -42.64 -14.32
CA ASP D 257 7.42 -41.95 -14.12
C ASP D 257 6.95 -42.14 -12.69
N GLY D 258 6.61 -41.03 -12.04
CA GLY D 258 6.07 -41.09 -10.72
C GLY D 258 7.07 -41.22 -9.61
N ALA D 259 8.36 -41.26 -9.91
CA ALA D 259 9.35 -41.50 -8.86
C ALA D 259 9.30 -40.43 -7.78
N ILE D 260 9.25 -39.16 -8.18
CA ILE D 260 9.17 -38.02 -7.27
C ILE D 260 8.10 -37.09 -7.82
N ASP D 261 7.01 -36.92 -7.06
CA ASP D 261 5.97 -35.94 -7.36
C ASP D 261 5.85 -34.98 -6.18
N GLY D 262 5.44 -33.75 -6.49
CA GLY D 262 5.20 -32.71 -5.52
C GLY D 262 4.02 -31.90 -6.00
N HIS D 263 3.00 -31.71 -5.15
CA HIS D 263 1.76 -31.08 -5.57
C HIS D 263 1.45 -29.91 -4.66
N LEU D 264 1.12 -28.77 -5.25
CA LEU D 264 0.80 -27.59 -4.46
C LEU D 264 -0.71 -27.53 -4.24
N ARG D 265 -1.13 -27.73 -3.00
CA ARG D 265 -2.53 -27.89 -2.66
C ARG D 265 -2.96 -26.85 -1.62
N GLU D 266 -4.20 -27.02 -1.16
CA GLU D 266 -4.71 -26.18 -0.09
C GLU D 266 -4.06 -26.52 1.25
N VAL D 267 -3.51 -27.73 1.40
CA VAL D 267 -2.76 -28.09 2.59
C VAL D 267 -1.29 -27.75 2.43
N GLY D 268 -0.93 -27.05 1.35
CA GLY D 268 0.45 -26.70 1.08
C GLY D 268 1.13 -27.64 0.09
N LEU D 269 2.46 -27.63 0.11
CA LEU D 269 3.24 -28.44 -0.82
C LEU D 269 3.37 -29.87 -0.30
N THR D 270 2.87 -30.84 -1.06
CA THR D 270 2.95 -32.22 -0.64
C THR D 270 4.03 -32.95 -1.42
N PHE D 271 4.68 -33.89 -0.76
CA PHE D 271 5.88 -34.57 -1.22
C PHE D 271 5.58 -36.07 -1.30
N HIS D 272 5.85 -36.68 -2.45
CA HIS D 272 5.53 -38.10 -2.67
C HIS D 272 6.74 -38.82 -3.26
N LEU D 273 7.00 -40.02 -2.78
CA LEU D 273 8.06 -40.89 -3.31
C LEU D 273 7.47 -42.25 -3.61
N MET D 274 7.42 -42.63 -4.89
CA MET D 274 6.76 -43.88 -5.25
C MET D 274 7.64 -44.85 -6.03
N LYS D 275 8.94 -44.60 -6.12
CA LYS D 275 9.88 -45.57 -6.67
C LYS D 275 11.19 -45.46 -5.91
N ASP D 276 12.07 -46.44 -6.14
CA ASP D 276 13.36 -46.48 -5.49
C ASP D 276 14.27 -45.42 -6.09
N VAL D 277 14.25 -44.23 -5.50
CA VAL D 277 14.89 -43.05 -6.07
C VAL D 277 16.41 -43.22 -6.07
N PRO D 278 17.04 -43.51 -4.94
CA PRO D 278 18.49 -43.76 -5.00
C PRO D 278 18.81 -44.91 -5.92
N GLY D 279 17.94 -45.92 -5.98
CA GLY D 279 18.13 -46.99 -6.93
C GLY D 279 18.12 -46.51 -8.36
N ILE D 280 17.07 -45.77 -8.75
CA ILE D 280 16.95 -45.37 -10.15
C ILE D 280 18.11 -44.48 -10.56
N ILE D 281 18.53 -43.57 -9.67
CA ILE D 281 19.63 -42.68 -10.02
C ILE D 281 20.92 -43.45 -10.18
N SER D 282 21.19 -44.37 -9.27
CA SER D 282 22.46 -45.07 -9.29
C SER D 282 22.56 -46.10 -10.41
N LYS D 283 21.44 -46.63 -10.93
CA LYS D 283 21.53 -47.59 -12.04
C LYS D 283 21.90 -46.88 -13.32
N ASN D 284 21.59 -45.59 -13.40
CA ASN D 284 21.58 -44.87 -14.67
C ASN D 284 22.64 -43.79 -14.74
N ILE D 285 23.28 -43.46 -13.63
CA ILE D 285 24.17 -42.31 -13.63
C ILE D 285 25.39 -42.61 -14.51
N GLY D 286 25.84 -43.86 -14.52
CA GLY D 286 26.95 -44.25 -15.39
C GLY D 286 26.69 -43.91 -16.85
N THR D 287 25.51 -44.30 -17.35
CA THR D 287 25.15 -43.99 -18.74
C THR D 287 25.14 -42.48 -18.98
N VAL D 288 24.61 -41.74 -18.01
CA VAL D 288 24.52 -40.29 -18.12
C VAL D 288 25.91 -39.67 -18.14
N LEU D 289 26.74 -40.02 -17.17
CA LEU D 289 28.05 -39.40 -17.06
C LEU D 289 28.96 -39.83 -18.19
N LYS D 290 28.81 -41.06 -18.67
CA LYS D 290 29.65 -41.55 -19.76
C LYS D 290 29.37 -40.78 -21.04
N ASP D 291 28.10 -40.49 -21.31
CA ASP D 291 27.75 -39.71 -22.49
C ASP D 291 28.30 -38.28 -22.41
N ALA D 292 28.17 -37.65 -21.24
CA ALA D 292 28.71 -36.29 -21.07
C ALA D 292 30.22 -36.27 -21.28
N PHE D 293 30.95 -37.22 -20.67
CA PHE D 293 32.40 -37.23 -20.79
C PHE D 293 32.86 -37.50 -22.21
N GLU D 294 32.13 -38.31 -22.96
CA GLU D 294 32.55 -38.55 -24.33
C GLU D 294 32.37 -37.30 -25.19
N LYS D 295 31.41 -36.45 -24.85
CA LYS D 295 31.21 -35.21 -25.58
C LYS D 295 32.22 -34.14 -25.19
N VAL D 296 32.77 -34.22 -24.00
CA VAL D 296 33.74 -33.22 -23.55
C VAL D 296 35.16 -33.64 -23.88
N PHE D 297 35.48 -34.92 -23.72
CA PHE D 297 36.85 -35.39 -23.83
C PHE D 297 37.10 -36.29 -25.02
N GLY D 298 36.07 -36.77 -25.70
CA GLY D 298 36.32 -37.59 -26.86
C GLY D 298 36.33 -39.09 -26.59
N ASN D 299 37.21 -39.82 -27.29
CA ASN D 299 37.19 -41.28 -27.34
C ASN D 299 38.54 -41.92 -27.04
N VAL D 304 39.91 -39.27 -21.59
CA VAL D 304 38.75 -39.35 -20.69
C VAL D 304 39.18 -39.72 -19.29
N PRO D 305 39.21 -38.72 -18.40
CA PRO D 305 39.57 -38.99 -17.00
C PRO D 305 38.59 -39.95 -16.33
N SER D 306 39.08 -40.54 -15.26
CA SER D 306 38.26 -41.39 -14.42
C SER D 306 37.43 -40.56 -13.45
N TYR D 307 36.29 -41.14 -13.06
CA TYR D 307 35.44 -40.54 -12.05
C TYR D 307 36.19 -40.20 -10.79
N ASN D 308 37.23 -40.97 -10.44
CA ASN D 308 38.01 -40.63 -9.26
C ASN D 308 38.96 -39.47 -9.50
N ASP D 309 39.09 -38.98 -10.74
CA ASP D 309 40.04 -37.94 -11.09
C ASP D 309 39.37 -36.60 -11.38
N VAL D 310 38.08 -36.48 -11.09
CA VAL D 310 37.37 -35.22 -11.21
C VAL D 310 36.83 -34.86 -9.83
N PHE D 311 36.36 -33.62 -9.68
CA PHE D 311 35.70 -33.21 -8.46
C PHE D 311 34.20 -33.33 -8.62
N TRP D 312 33.51 -33.59 -7.51
CA TRP D 312 32.07 -33.89 -7.52
C TRP D 312 31.28 -32.87 -6.72
N ILE D 313 30.23 -32.34 -7.33
CA ILE D 313 29.22 -31.54 -6.64
C ILE D 313 27.88 -32.20 -6.93
N ALA D 314 27.43 -33.06 -6.03
CA ALA D 314 26.22 -33.85 -6.25
C ALA D 314 25.11 -33.41 -5.31
N HIS D 315 23.93 -33.16 -5.85
CA HIS D 315 22.80 -32.76 -5.02
C HIS D 315 22.51 -33.83 -3.98
N PRO D 316 22.54 -33.51 -2.70
CA PRO D 316 22.40 -34.51 -1.64
C PRO D 316 20.94 -34.76 -1.23
N GLY D 317 20.14 -35.25 -2.18
CA GLY D 317 18.73 -35.47 -1.90
C GLY D 317 18.50 -36.35 -0.68
N GLY D 318 19.40 -37.29 -0.44
CA GLY D 318 19.46 -38.05 0.77
C GLY D 318 20.74 -38.87 0.74
N PRO D 319 21.18 -39.37 1.89
CA PRO D 319 22.47 -40.10 1.91
C PRO D 319 22.47 -41.34 1.06
N ALA D 320 21.32 -41.96 0.82
CA ALA D 320 21.31 -43.19 0.04
C ALA D 320 21.67 -42.91 -1.41
N ILE D 321 21.24 -41.77 -1.95
CA ILE D 321 21.65 -41.37 -3.29
C ILE D 321 23.17 -41.26 -3.37
N LEU D 322 23.78 -40.52 -2.43
CA LEU D 322 25.22 -40.39 -2.47
C LEU D 322 25.91 -41.73 -2.21
N ASP D 323 25.34 -42.56 -1.33
CA ASP D 323 25.94 -43.86 -1.08
C ASP D 323 25.86 -44.77 -2.30
N GLN D 324 24.72 -44.75 -3.00
CA GLN D 324 24.50 -45.71 -4.08
C GLN D 324 25.18 -45.27 -5.38
N VAL D 325 25.32 -43.96 -5.62
CA VAL D 325 26.17 -43.51 -6.71
C VAL D 325 27.63 -43.77 -6.40
N GLU D 326 28.01 -43.61 -5.14
CA GLU D 326 29.39 -43.94 -4.77
C GLU D 326 29.65 -45.43 -4.94
N GLN D 327 28.69 -46.28 -4.60
CA GLN D 327 28.93 -47.72 -4.69
C GLN D 327 28.94 -48.19 -6.14
N LYS D 328 27.93 -47.80 -6.91
CA LYS D 328 27.79 -48.36 -8.24
C LYS D 328 28.85 -47.86 -9.20
N LEU D 329 29.32 -46.62 -9.01
CA LEU D 329 30.43 -46.08 -9.78
C LEU D 329 31.76 -46.37 -9.14
N GLN D 330 31.78 -46.99 -7.96
CA GLN D 330 33.01 -47.41 -7.30
C GLN D 330 33.96 -46.23 -7.10
N LEU D 331 33.39 -45.10 -6.73
CA LEU D 331 34.19 -43.95 -6.37
C LEU D 331 34.89 -44.22 -5.05
N LYS D 332 36.11 -43.73 -4.91
CA LYS D 332 36.71 -43.72 -3.59
C LYS D 332 35.94 -42.73 -2.73
N THR D 333 35.92 -42.97 -1.41
CA THR D 333 34.95 -42.27 -0.59
C THR D 333 35.20 -40.76 -0.50
N GLU D 334 36.39 -40.30 -0.87
CA GLU D 334 36.68 -38.87 -0.78
C GLU D 334 35.87 -38.04 -1.78
N LYS D 335 35.34 -38.67 -2.83
CA LYS D 335 34.72 -37.90 -3.91
C LYS D 335 33.46 -37.20 -3.44
N MET D 336 32.59 -37.90 -2.73
CA MET D 336 31.34 -37.29 -2.25
C MET D 336 31.51 -36.55 -0.95
N ALA D 337 32.72 -36.40 -0.43
CA ALA D 337 32.89 -35.83 0.90
C ALA D 337 32.35 -34.42 0.99
N ALA D 338 32.67 -33.59 0.00
CA ALA D 338 32.15 -32.22 -0.01
C ALA D 338 30.64 -32.21 -0.12
N SER D 339 30.07 -33.12 -0.92
CA SER D 339 28.64 -33.21 -1.02
C SER D 339 28.03 -33.60 0.31
N ARG D 340 28.70 -34.50 1.03
CA ARG D 340 28.17 -34.96 2.31
C ARG D 340 28.38 -33.95 3.41
N GLN D 341 29.42 -33.12 3.32
CA GLN D 341 29.64 -32.10 4.34
C GLN D 341 28.50 -31.10 4.36
N VAL D 342 28.01 -30.69 3.18
CA VAL D 342 26.89 -29.77 3.10
C VAL D 342 25.61 -30.43 3.62
N LEU D 343 25.37 -31.69 3.22
CA LEU D 343 24.24 -32.41 3.76
C LEU D 343 24.31 -32.45 5.29
N SER D 344 25.50 -32.74 5.82
CA SER D 344 25.68 -32.81 7.27
C SER D 344 25.35 -31.48 7.93
N ASP D 345 25.86 -30.37 7.39
CA ASP D 345 25.75 -29.08 8.07
C ASP D 345 24.43 -28.36 7.81
N TYR D 346 23.69 -28.76 6.78
CA TYR D 346 22.49 -28.04 6.37
C TYR D 346 21.29 -28.90 6.03
N GLY D 347 21.44 -30.21 5.83
CA GLY D 347 20.31 -30.93 5.29
C GLY D 347 20.09 -30.61 3.82
N ASN D 348 19.00 -31.13 3.30
CA ASN D 348 18.72 -31.00 1.87
C ASN D 348 17.98 -29.68 1.65
N MET D 349 18.64 -28.75 0.96
CA MET D 349 18.11 -27.40 0.75
C MET D 349 17.56 -27.20 -0.65
N SER D 350 17.02 -28.26 -1.25
CA SER D 350 16.47 -28.29 -2.61
C SER D 350 17.47 -27.64 -3.57
N SER D 351 17.02 -26.76 -4.48
CA SER D 351 17.86 -26.25 -5.56
C SER D 351 19.08 -25.50 -5.07
N ALA D 352 19.19 -25.18 -3.77
CA ALA D 352 20.26 -24.36 -3.25
C ALA D 352 21.52 -25.15 -2.88
N CYS D 353 21.41 -26.46 -2.71
CA CYS D 353 22.49 -27.24 -2.12
C CYS D 353 23.77 -27.22 -2.88
N VAL D 354 23.70 -27.38 -4.17
CA VAL D 354 24.88 -27.58 -4.97
C VAL D 354 25.77 -26.38 -4.99
N LEU D 355 25.16 -25.22 -5.02
CA LEU D 355 25.84 -24.00 -4.83
C LEU D 355 26.50 -23.86 -3.48
N PHE D 356 25.87 -24.35 -2.44
CA PHE D 356 26.50 -24.47 -1.17
C PHE D 356 27.69 -25.40 -1.25
N ILE D 357 27.57 -26.54 -1.96
CA ILE D 357 28.69 -27.46 -2.09
C ILE D 357 29.78 -26.86 -2.96
N MET D 358 29.41 -26.13 -4.02
CA MET D 358 30.41 -25.44 -4.82
C MET D 358 31.20 -24.48 -3.95
N ASP D 359 30.52 -23.72 -3.10
CA ASP D 359 31.24 -22.74 -2.31
C ASP D 359 32.15 -23.42 -1.31
N HIS D 360 31.63 -24.42 -0.62
CA HIS D 360 32.44 -25.25 0.25
C HIS D 360 33.67 -25.89 -0.43
N LEU D 361 33.55 -26.30 -1.66
CA LEU D 361 34.66 -26.88 -2.37
C LEU D 361 35.80 -25.90 -2.61
N ARG D 362 35.51 -24.77 -3.17
CA ARG D 362 36.47 -23.75 -3.42
C ARG D 362 37.18 -23.33 -2.15
N LYS D 363 36.45 -23.22 -1.07
CA LYS D 363 37.05 -22.65 0.12
C LYS D 363 37.97 -23.65 0.79
N LYS D 364 37.59 -24.92 0.80
CA LYS D 364 38.50 -25.89 1.38
C LYS D 364 39.65 -26.21 0.45
N SER D 365 39.47 -26.02 -0.87
CA SER D 365 40.61 -26.08 -1.77
C SER D 365 41.58 -24.94 -1.50
N VAL D 366 41.07 -23.71 -1.38
CA VAL D 366 41.94 -22.60 -0.99
C VAL D 366 42.56 -22.84 0.37
N GLU D 367 41.73 -23.25 1.34
CA GLU D 367 42.20 -23.49 2.69
C GLU D 367 43.34 -24.49 2.70
N GLN D 368 43.11 -25.69 2.18
CA GLN D 368 44.16 -26.72 2.19
C GLN D 368 45.25 -26.48 1.16
N LYS D 369 45.24 -25.35 0.46
CA LYS D 369 46.26 -25.00 -0.53
C LYS D 369 46.43 -26.10 -1.59
N LEU D 370 45.34 -26.41 -2.28
CA LEU D 370 45.38 -27.40 -3.35
C LEU D 370 45.60 -26.72 -4.69
N ALA D 371 45.84 -27.50 -5.71
CA ALA D 371 46.31 -26.92 -6.96
C ALA D 371 45.25 -26.14 -7.69
N THR D 372 44.01 -26.55 -7.54
CA THR D 372 42.89 -25.85 -8.15
C THR D 372 41.78 -25.59 -7.17
N SER D 373 40.75 -24.92 -7.64
CA SER D 373 39.57 -24.65 -6.86
C SER D 373 38.63 -25.83 -6.71
N GLY D 374 38.82 -26.85 -7.51
CA GLY D 374 38.09 -28.08 -7.38
C GLY D 374 38.90 -29.20 -6.81
N GLU D 375 39.37 -29.06 -5.57
CA GLU D 375 40.36 -29.95 -4.93
C GLU D 375 41.56 -30.50 -5.71
N GLY D 376 42.08 -29.72 -6.64
CA GLY D 376 43.24 -30.11 -7.38
C GLY D 376 42.97 -30.84 -8.65
N TYR D 377 41.72 -31.11 -8.96
CA TYR D 377 41.39 -31.61 -10.26
C TYR D 377 41.01 -30.52 -11.20
N GLU D 378 41.29 -30.71 -12.46
CA GLU D 378 40.96 -29.72 -13.47
C GLU D 378 39.46 -29.71 -13.78
N TRP D 379 38.87 -30.89 -13.89
CA TRP D 379 37.51 -31.07 -14.35
C TRP D 379 36.64 -31.64 -13.23
N GLY D 380 35.34 -31.44 -13.35
CA GLY D 380 34.42 -31.90 -12.32
C GLY D 380 32.99 -31.79 -12.77
N LEU D 381 32.09 -32.25 -11.89
CA LEU D 381 30.66 -32.36 -12.18
C LEU D 381 29.84 -31.61 -11.15
N LEU D 382 28.74 -31.04 -11.61
CA LEU D 382 27.65 -30.58 -10.75
C LEU D 382 26.40 -31.32 -11.18
N LEU D 383 25.81 -32.10 -10.28
CA LEU D 383 24.67 -32.93 -10.60
C LEU D 383 23.46 -32.55 -9.75
N GLY D 384 22.30 -32.49 -10.38
CA GLY D 384 21.05 -32.25 -9.68
C GLY D 384 20.04 -33.33 -10.03
N PHE D 385 19.35 -33.82 -9.03
CA PHE D 385 18.39 -34.90 -9.17
C PHE D 385 17.04 -34.47 -8.64
N GLY D 386 16.00 -34.66 -9.41
CA GLY D 386 14.69 -34.29 -8.99
C GLY D 386 13.58 -34.84 -9.80
N PRO D 387 12.41 -34.25 -9.64
CA PRO D 387 11.21 -34.79 -10.24
C PRO D 387 11.31 -34.91 -11.72
N GLY D 388 10.72 -35.96 -12.21
CA GLY D 388 10.88 -36.31 -13.60
C GLY D 388 11.00 -37.77 -13.98
N LEU D 389 11.81 -38.57 -13.31
CA LEU D 389 13.01 -38.19 -12.63
C LEU D 389 14.04 -37.53 -13.54
N THR D 390 14.37 -36.30 -13.21
CA THR D 390 15.25 -35.44 -13.98
C THR D 390 16.64 -35.44 -13.43
N CYS D 391 17.62 -35.72 -14.26
CA CYS D 391 18.98 -35.55 -13.86
C CYS D 391 19.60 -34.44 -14.68
N GLU D 392 20.13 -33.41 -14.03
CA GLU D 392 20.80 -32.31 -14.71
C GLU D 392 22.30 -32.51 -14.60
N THR D 393 23.00 -32.40 -15.72
CA THR D 393 24.43 -32.66 -15.74
C THR D 393 25.21 -31.43 -16.20
N VAL D 394 26.22 -31.05 -15.42
CA VAL D 394 27.09 -29.93 -15.75
C VAL D 394 28.53 -30.39 -15.64
N VAL D 395 29.31 -30.18 -16.69
CA VAL D 395 30.75 -30.44 -16.68
C VAL D 395 31.44 -29.11 -16.45
N LEU D 396 32.19 -29.02 -15.36
CA LEU D 396 32.88 -27.82 -14.95
C LEU D 396 34.39 -27.96 -15.09
N ARG D 397 35.06 -26.83 -15.23
CA ARG D 397 36.49 -26.78 -15.03
C ARG D 397 36.78 -25.85 -13.85
N SER D 398 37.81 -26.20 -13.08
CA SER D 398 38.25 -25.37 -11.97
C SER D 398 39.22 -24.31 -12.49
N VAL D 399 39.76 -23.50 -11.59
CA VAL D 399 40.82 -22.56 -11.95
C VAL D 399 42.06 -22.97 -11.17
N PRO D 400 43.26 -22.63 -11.61
CA PRO D 400 44.46 -22.95 -10.81
C PRO D 400 44.62 -21.97 -9.66
N LEU D 401 45.27 -22.45 -8.61
CA LEU D 401 45.52 -21.67 -7.41
C LEU D 401 47.02 -21.54 -7.16
N ALA D 402 47.45 -20.37 -6.64
CA ALA D 402 48.86 -20.14 -6.27
C ALA D 402 49.26 -21.00 -5.07
#